data_3K6B
# 
_entry.id   3K6B 
# 
_audit_conform.dict_name       mmcif_pdbx.dic 
_audit_conform.dict_version    5.378 
_audit_conform.dict_location   http://mmcif.pdb.org/dictionaries/ascii/mmcif_pdbx.dic 
# 
loop_
_database_2.database_id 
_database_2.database_code 
_database_2.pdbx_database_accession 
_database_2.pdbx_DOI 
PDB   3K6B         pdb_00003k6b 10.2210/pdb3k6b/pdb 
RCSB  RCSB055600   ?            ?                   
WWPDB D_1000055600 ?            ?                   
# 
loop_
_pdbx_database_related.db_name 
_pdbx_database_related.db_id 
_pdbx_database_related.details 
_pdbx_database_related.content_type 
PDB 1RW6 'The E2 domain of human amyloid precursor protein'       unspecified 
PDB 3K66 'Crystal structure of the E2 domain of C. elegans APL-1' unspecified 
# 
_pdbx_database_status.status_code                     REL 
_pdbx_database_status.entry_id                        3K6B 
_pdbx_database_status.recvd_initial_deposition_date   2009-10-08 
_pdbx_database_status.deposit_site                    RCSB 
_pdbx_database_status.process_site                    RCSB 
_pdbx_database_status.status_code_sf                  REL 
_pdbx_database_status.status_code_mr                  ? 
_pdbx_database_status.SG_entry                        ? 
_pdbx_database_status.pdb_format_compatible           Y 
_pdbx_database_status.status_code_cs                  ? 
_pdbx_database_status.status_code_nmr_data            ? 
_pdbx_database_status.methods_development_category    ? 
# 
loop_
_audit_author.name 
_audit_author.pdbx_ordinal 
'Hoopes, J.T.' 1 
'Ha, Y.'       2 
# 
loop_
_citation.id 
_citation.title 
_citation.journal_abbrev 
_citation.journal_volume 
_citation.page_first 
_citation.page_last 
_citation.year 
_citation.journal_id_ASTM 
_citation.country 
_citation.journal_id_ISSN 
_citation.journal_id_CSD 
_citation.book_publisher 
_citation.pdbx_database_id_PubMed 
_citation.pdbx_database_id_DOI 
primary 
;Structural characterization of the E2 domain of APL-1, a Caenorhabditis elegans homolog of human amyloid precursor protein, and its heparin binding site
;
J.Biol.Chem. 285 2165 2173 2010 JBCHA3 US 0021-9258 0071 ? 19906646 10.1074/jbc.M109.018432      
1       'The X-ray structure of an antiparallel dimer of the human amyloid precursor protein E2 domain.' Mol.Cell     15  343  353 
2004 MOCEFL US 1097-2765 2168 ? 15304215 10.1016/j.molcel.2004.06.037 
# 
loop_
_citation_author.citation_id 
_citation_author.name 
_citation_author.ordinal 
_citation_author.identifier_ORCID 
primary 'Hoopes, J.T.'       1 ? 
primary 'Liu, X.'            2 ? 
primary 'Xu, X.'             3 ? 
primary 'Demeler, B.'        4 ? 
primary 'Folta-Stogniew, E.' 5 ? 
primary 'Li, C.'             6 ? 
primary 'Ha, Y.'             7 ? 
1       'Wang, Y.'           8 ? 
1       'Ha, Y.'             9 ? 
# 
_cell.entry_id           3K6B 
_cell.length_a           97.314 
_cell.length_b           97.314 
_cell.length_c           67.462 
_cell.angle_alpha        90.00 
_cell.angle_beta         90.00 
_cell.angle_gamma        120.00 
_cell.Z_PDB              6 
_cell.pdbx_unique_axis   ? 
_cell.length_a_esd       ? 
_cell.length_b_esd       ? 
_cell.length_c_esd       ? 
_cell.angle_alpha_esd    ? 
_cell.angle_beta_esd     ? 
_cell.angle_gamma_esd    ? 
# 
_symmetry.entry_id                         3K6B 
_symmetry.space_group_name_H-M             'P 32 2 1' 
_symmetry.pdbx_full_space_group_name_H-M   ? 
_symmetry.cell_setting                     ? 
_symmetry.Int_Tables_number                154 
_symmetry.space_group_name_Hall            ? 
# 
loop_
_entity.id 
_entity.type 
_entity.src_method 
_entity.pdbx_description 
_entity.formula_weight 
_entity.pdbx_number_of_molecules 
_entity.pdbx_ec 
_entity.pdbx_mutation 
_entity.pdbx_fragment 
_entity.details 
1 polymer     man 'Beta-amyloid-like protein'                     28516.445 1  ? ? 
;E2 Domain: UNP residues 240-478'
;
? 
2 non-polymer man 2,3,4,6-tetra-O-sulfonato-alpha-D-glucopyranose 500.409   1  ? ? ?                                  ? 
3 water       nat water                                           18.015    34 ? ? ?                                  ? 
# 
_entity_poly.entity_id                      1 
_entity_poly.type                           'polypeptide(L)' 
_entity_poly.nstd_linkage                   no 
_entity_poly.nstd_monomer                   no 
_entity_poly.pdbx_seq_one_letter_code       
;SQDPYFKIANWTNEHDDFKKAEMRMDEKHRKKVDKVMKEWGDLETRYNEQKAKDPKGAEKFKSQMNARFQKTVSSLEEEH
KRMRKEIEAVHEERVQAMLNEKKRDATHDYRQALATHVNKPNKHSVLQSLKAYIRAEEKDRMHTLNRYRHLLKADSKEAA
AYKPTVIHRLRYIDLRINGTLAMLRDFPDLEKYVRPIAVTYWKDYRDEVSPDISVEDSELTPIIHDDEFSKNAKLDVKA
;
_entity_poly.pdbx_seq_one_letter_code_can   
;SQDPYFKIANWTNEHDDFKKAEMRMDEKHRKKVDKVMKEWGDLETRYNEQKAKDPKGAEKFKSQMNARFQKTVSSLEEEH
KRMRKEIEAVHEERVQAMLNEKKRDATHDYRQALATHVNKPNKHSVLQSLKAYIRAEEKDRMHTLNRYRHLLKADSKEAA
AYKPTVIHRLRYIDLRINGTLAMLRDFPDLEKYVRPIAVTYWKDYRDEVSPDISVEDSELTPIIHDDEFSKNAKLDVKA
;
_entity_poly.pdbx_strand_id                 A 
_entity_poly.pdbx_target_identifier         ? 
# 
loop_
_entity_poly_seq.entity_id 
_entity_poly_seq.num 
_entity_poly_seq.mon_id 
_entity_poly_seq.hetero 
1 1   SER n 
1 2   GLN n 
1 3   ASP n 
1 4   PRO n 
1 5   TYR n 
1 6   PHE n 
1 7   LYS n 
1 8   ILE n 
1 9   ALA n 
1 10  ASN n 
1 11  TRP n 
1 12  THR n 
1 13  ASN n 
1 14  GLU n 
1 15  HIS n 
1 16  ASP n 
1 17  ASP n 
1 18  PHE n 
1 19  LYS n 
1 20  LYS n 
1 21  ALA n 
1 22  GLU n 
1 23  MET n 
1 24  ARG n 
1 25  MET n 
1 26  ASP n 
1 27  GLU n 
1 28  LYS n 
1 29  HIS n 
1 30  ARG n 
1 31  LYS n 
1 32  LYS n 
1 33  VAL n 
1 34  ASP n 
1 35  LYS n 
1 36  VAL n 
1 37  MET n 
1 38  LYS n 
1 39  GLU n 
1 40  TRP n 
1 41  GLY n 
1 42  ASP n 
1 43  LEU n 
1 44  GLU n 
1 45  THR n 
1 46  ARG n 
1 47  TYR n 
1 48  ASN n 
1 49  GLU n 
1 50  GLN n 
1 51  LYS n 
1 52  ALA n 
1 53  LYS n 
1 54  ASP n 
1 55  PRO n 
1 56  LYS n 
1 57  GLY n 
1 58  ALA n 
1 59  GLU n 
1 60  LYS n 
1 61  PHE n 
1 62  LYS n 
1 63  SER n 
1 64  GLN n 
1 65  MET n 
1 66  ASN n 
1 67  ALA n 
1 68  ARG n 
1 69  PHE n 
1 70  GLN n 
1 71  LYS n 
1 72  THR n 
1 73  VAL n 
1 74  SER n 
1 75  SER n 
1 76  LEU n 
1 77  GLU n 
1 78  GLU n 
1 79  GLU n 
1 80  HIS n 
1 81  LYS n 
1 82  ARG n 
1 83  MET n 
1 84  ARG n 
1 85  LYS n 
1 86  GLU n 
1 87  ILE n 
1 88  GLU n 
1 89  ALA n 
1 90  VAL n 
1 91  HIS n 
1 92  GLU n 
1 93  GLU n 
1 94  ARG n 
1 95  VAL n 
1 96  GLN n 
1 97  ALA n 
1 98  MET n 
1 99  LEU n 
1 100 ASN n 
1 101 GLU n 
1 102 LYS n 
1 103 LYS n 
1 104 ARG n 
1 105 ASP n 
1 106 ALA n 
1 107 THR n 
1 108 HIS n 
1 109 ASP n 
1 110 TYR n 
1 111 ARG n 
1 112 GLN n 
1 113 ALA n 
1 114 LEU n 
1 115 ALA n 
1 116 THR n 
1 117 HIS n 
1 118 VAL n 
1 119 ASN n 
1 120 LYS n 
1 121 PRO n 
1 122 ASN n 
1 123 LYS n 
1 124 HIS n 
1 125 SER n 
1 126 VAL n 
1 127 LEU n 
1 128 GLN n 
1 129 SER n 
1 130 LEU n 
1 131 LYS n 
1 132 ALA n 
1 133 TYR n 
1 134 ILE n 
1 135 ARG n 
1 136 ALA n 
1 137 GLU n 
1 138 GLU n 
1 139 LYS n 
1 140 ASP n 
1 141 ARG n 
1 142 MET n 
1 143 HIS n 
1 144 THR n 
1 145 LEU n 
1 146 ASN n 
1 147 ARG n 
1 148 TYR n 
1 149 ARG n 
1 150 HIS n 
1 151 LEU n 
1 152 LEU n 
1 153 LYS n 
1 154 ALA n 
1 155 ASP n 
1 156 SER n 
1 157 LYS n 
1 158 GLU n 
1 159 ALA n 
1 160 ALA n 
1 161 ALA n 
1 162 TYR n 
1 163 LYS n 
1 164 PRO n 
1 165 THR n 
1 166 VAL n 
1 167 ILE n 
1 168 HIS n 
1 169 ARG n 
1 170 LEU n 
1 171 ARG n 
1 172 TYR n 
1 173 ILE n 
1 174 ASP n 
1 175 LEU n 
1 176 ARG n 
1 177 ILE n 
1 178 ASN n 
1 179 GLY n 
1 180 THR n 
1 181 LEU n 
1 182 ALA n 
1 183 MET n 
1 184 LEU n 
1 185 ARG n 
1 186 ASP n 
1 187 PHE n 
1 188 PRO n 
1 189 ASP n 
1 190 LEU n 
1 191 GLU n 
1 192 LYS n 
1 193 TYR n 
1 194 VAL n 
1 195 ARG n 
1 196 PRO n 
1 197 ILE n 
1 198 ALA n 
1 199 VAL n 
1 200 THR n 
1 201 TYR n 
1 202 TRP n 
1 203 LYS n 
1 204 ASP n 
1 205 TYR n 
1 206 ARG n 
1 207 ASP n 
1 208 GLU n 
1 209 VAL n 
1 210 SER n 
1 211 PRO n 
1 212 ASP n 
1 213 ILE n 
1 214 SER n 
1 215 VAL n 
1 216 GLU n 
1 217 ASP n 
1 218 SER n 
1 219 GLU n 
1 220 LEU n 
1 221 THR n 
1 222 PRO n 
1 223 ILE n 
1 224 ILE n 
1 225 HIS n 
1 226 ASP n 
1 227 ASP n 
1 228 GLU n 
1 229 PHE n 
1 230 SER n 
1 231 LYS n 
1 232 ASN n 
1 233 ALA n 
1 234 LYS n 
1 235 LEU n 
1 236 ASP n 
1 237 VAL n 
1 238 LYS n 
1 239 ALA n 
# 
_entity_src_gen.entity_id                          1 
_entity_src_gen.pdbx_src_id                        1 
_entity_src_gen.pdbx_alt_source_flag               sample 
_entity_src_gen.pdbx_seq_type                      ? 
_entity_src_gen.pdbx_beg_seq_num                   ? 
_entity_src_gen.pdbx_end_seq_num                   ? 
_entity_src_gen.gene_src_common_name               nematode 
_entity_src_gen.gene_src_genus                     ? 
_entity_src_gen.pdbx_gene_src_gene                 'apl-1, C42D8.8' 
_entity_src_gen.gene_src_species                   ? 
_entity_src_gen.gene_src_strain                    ? 
_entity_src_gen.gene_src_tissue                    ? 
_entity_src_gen.gene_src_tissue_fraction           ? 
_entity_src_gen.gene_src_details                   ? 
_entity_src_gen.pdbx_gene_src_fragment             ? 
_entity_src_gen.pdbx_gene_src_scientific_name      'Caenorhabditis elegans' 
_entity_src_gen.pdbx_gene_src_ncbi_taxonomy_id     6239 
_entity_src_gen.pdbx_gene_src_variant              ? 
_entity_src_gen.pdbx_gene_src_cell_line            ? 
_entity_src_gen.pdbx_gene_src_atcc                 ? 
_entity_src_gen.pdbx_gene_src_organ                ? 
_entity_src_gen.pdbx_gene_src_organelle            ? 
_entity_src_gen.pdbx_gene_src_cell                 ? 
_entity_src_gen.pdbx_gene_src_cellular_location    ? 
_entity_src_gen.host_org_common_name               ? 
_entity_src_gen.pdbx_host_org_scientific_name      'Escherichia coli' 
_entity_src_gen.pdbx_host_org_ncbi_taxonomy_id     562 
_entity_src_gen.host_org_genus                     ? 
_entity_src_gen.pdbx_host_org_gene                 ? 
_entity_src_gen.pdbx_host_org_organ                ? 
_entity_src_gen.host_org_species                   ? 
_entity_src_gen.pdbx_host_org_tissue               ? 
_entity_src_gen.pdbx_host_org_tissue_fraction      ? 
_entity_src_gen.pdbx_host_org_strain               'BL21(DE3)' 
_entity_src_gen.pdbx_host_org_variant              ? 
_entity_src_gen.pdbx_host_org_cell_line            ? 
_entity_src_gen.pdbx_host_org_atcc                 ? 
_entity_src_gen.pdbx_host_org_culture_collection   ? 
_entity_src_gen.pdbx_host_org_cell                 ? 
_entity_src_gen.pdbx_host_org_organelle            ? 
_entity_src_gen.pdbx_host_org_cellular_location    ? 
_entity_src_gen.pdbx_host_org_vector_type          plasmid 
_entity_src_gen.pdbx_host_org_vector               ? 
_entity_src_gen.host_org_details                   ? 
_entity_src_gen.expression_system_id               ? 
_entity_src_gen.plasmid_name                       pET28a 
_entity_src_gen.plasmid_details                    ? 
_entity_src_gen.pdbx_description                   ? 
# 
_struct_ref.id                         1 
_struct_ref.db_name                    UNP 
_struct_ref.db_code                    A4_CAEEL 
_struct_ref.pdbx_db_accession          Q10651 
_struct_ref.entity_id                  1 
_struct_ref.pdbx_seq_one_letter_code   
;SQDPYFKIANWTNEHDDFKKAEMRMDEKHRKKVDKVMKEWGDLETRYNEQKAKDPKGAEKFKSQMNARFQKTVSSLEEEH
KRMRKEIEAVHEERVQAMLNEKKRDATHDYRQALATHVNKPNKHSVLQSLKAYIRAEEKDRMHTLNRYRHLLKADSKEAA
AYKPTVIHRLRYIDLRINGTLAMLRDFPDLEKYVRPIAVTYWKDYRDEVSPDISVEDSELTPIIHDDEFSKNAKLDVKA
;
_struct_ref.pdbx_align_begin           240 
_struct_ref.pdbx_db_isoform            ? 
# 
_struct_ref_seq.align_id                      1 
_struct_ref_seq.ref_id                        1 
_struct_ref_seq.pdbx_PDB_id_code              3K6B 
_struct_ref_seq.pdbx_strand_id                A 
_struct_ref_seq.seq_align_beg                 1 
_struct_ref_seq.pdbx_seq_align_beg_ins_code   ? 
_struct_ref_seq.seq_align_end                 239 
_struct_ref_seq.pdbx_seq_align_end_ins_code   ? 
_struct_ref_seq.pdbx_db_accession             Q10651 
_struct_ref_seq.db_align_beg                  240 
_struct_ref_seq.pdbx_db_align_beg_ins_code    ? 
_struct_ref_seq.db_align_end                  478 
_struct_ref_seq.pdbx_db_align_end_ins_code    ? 
_struct_ref_seq.pdbx_auth_seq_align_beg       234 
_struct_ref_seq.pdbx_auth_seq_align_end       472 
# 
loop_
_chem_comp.id 
_chem_comp.type 
_chem_comp.mon_nstd_flag 
_chem_comp.name 
_chem_comp.pdbx_synonyms 
_chem_comp.formula 
_chem_comp.formula_weight 
ALA 'L-peptide linking'           y ALANINE                                         ? 'C3 H7 N O2'     89.093  
ARG 'L-peptide linking'           y ARGININE                                        ? 'C6 H15 N4 O2 1' 175.209 
ASN 'L-peptide linking'           y ASPARAGINE                                      ? 'C4 H8 N2 O3'    132.118 
ASP 'L-peptide linking'           y 'ASPARTIC ACID'                                 ? 'C4 H7 N O4'     133.103 
GLN 'L-peptide linking'           y GLUTAMINE                                       ? 'C5 H10 N2 O3'   146.144 
GLU 'L-peptide linking'           y 'GLUTAMIC ACID'                                 ? 'C5 H9 N O4'     147.129 
GLY 'peptide linking'             y GLYCINE                                         ? 'C2 H5 N O2'     75.067  
GU4 'D-saccharide, alpha linking' n 2,3,4,6-tetra-O-sulfonato-alpha-D-glucopyranose 
'2,3,4,6-tetra-O-sulfonato-alpha-D-glucose; 2,3,4,6-tetra-O-sulfonato-D-glucose; 2,3,4,6-tetra-O-sulfonato-glucose' 
'C6 H12 O18 S4'  500.409 
HIS 'L-peptide linking'           y HISTIDINE                                       ? 'C6 H10 N3 O2 1' 156.162 
HOH non-polymer                   . WATER                                           ? 'H2 O'           18.015  
ILE 'L-peptide linking'           y ISOLEUCINE                                      ? 'C6 H13 N O2'    131.173 
LEU 'L-peptide linking'           y LEUCINE                                         ? 'C6 H13 N O2'    131.173 
LYS 'L-peptide linking'           y LYSINE                                          ? 'C6 H15 N2 O2 1' 147.195 
MET 'L-peptide linking'           y METHIONINE                                      ? 'C5 H11 N O2 S'  149.211 
PHE 'L-peptide linking'           y PHENYLALANINE                                   ? 'C9 H11 N O2'    165.189 
PRO 'L-peptide linking'           y PROLINE                                         ? 'C5 H9 N O2'     115.130 
SER 'L-peptide linking'           y SERINE                                          ? 'C3 H7 N O3'     105.093 
THR 'L-peptide linking'           y THREONINE                                       ? 'C4 H9 N O3'     119.119 
TRP 'L-peptide linking'           y TRYPTOPHAN                                      ? 'C11 H12 N2 O2'  204.225 
TYR 'L-peptide linking'           y TYROSINE                                        ? 'C9 H11 N O3'    181.189 
VAL 'L-peptide linking'           y VALINE                                          ? 'C5 H11 N O2'    117.146 
# 
_exptl.entry_id          3K6B 
_exptl.method            'X-RAY DIFFRACTION' 
_exptl.crystals_number   1 
# 
_exptl_crystal.id                    1 
_exptl_crystal.density_meas          ? 
_exptl_crystal.density_Matthews      3.23 
_exptl_crystal.density_percent_sol   61.96 
_exptl_crystal.description           ? 
_exptl_crystal.F_000                 ? 
_exptl_crystal.preparation           ? 
# 
_exptl_crystal_grow.crystal_id      1 
_exptl_crystal_grow.method          'VAPOR DIFFUSION, HANGING DROP' 
_exptl_crystal_grow.temp            298 
_exptl_crystal_grow.temp_details    ? 
_exptl_crystal_grow.pH              7.0 
_exptl_crystal_grow.pdbx_details    
'20% PEG 3350, 15% Isopropanol, 0.1 M Hepes pH 7.0, VAPOR DIFFUSION, HANGING DROP, temperature 298K' 
_exptl_crystal_grow.pdbx_pH_range   ? 
# 
_diffrn.id                     1 
_diffrn.ambient_temp           100 
_diffrn.ambient_temp_details   ? 
_diffrn.crystal_id             1 
# 
_diffrn_detector.diffrn_id              1 
_diffrn_detector.detector               CCD 
_diffrn_detector.type                   'ADSC QUANTUM 210' 
_diffrn_detector.pdbx_collection_date   2007-05-20 
_diffrn_detector.details                ? 
# 
_diffrn_radiation.diffrn_id                        1 
_diffrn_radiation.wavelength_id                    1 
_diffrn_radiation.pdbx_monochromatic_or_laue_m_l   M 
_diffrn_radiation.monochromator                    ? 
_diffrn_radiation.pdbx_diffrn_protocol             'SINGLE WAVELENGTH' 
_diffrn_radiation.pdbx_scattering_type             x-ray 
# 
_diffrn_radiation_wavelength.id           1 
_diffrn_radiation_wavelength.wavelength   1.0809 
_diffrn_radiation_wavelength.wt           1.0 
# 
_diffrn_source.diffrn_id                   1 
_diffrn_source.source                      SYNCHROTRON 
_diffrn_source.type                        'NSLS BEAMLINE X29A' 
_diffrn_source.pdbx_synchrotron_site       NSLS 
_diffrn_source.pdbx_synchrotron_beamline   X29A 
_diffrn_source.pdbx_wavelength             ? 
_diffrn_source.pdbx_wavelength_list        1.0809 
# 
_reflns.entry_id                     3K6B 
_reflns.observed_criterion_sigma_I   ? 
_reflns.observed_criterion_sigma_F   ? 
_reflns.d_resolution_low             40.0 
_reflns.d_resolution_high            2.80 
_reflns.number_obs                   9028 
_reflns.number_all                   ? 
_reflns.percent_possible_obs         ? 
_reflns.pdbx_Rmerge_I_obs            ? 
_reflns.pdbx_Rsym_value              0.053 
_reflns.pdbx_netI_over_sigmaI        20.7 
_reflns.B_iso_Wilson_estimate        ? 
_reflns.pdbx_redundancy              9.6 
_reflns.R_free_details               ? 
_reflns.limit_h_max                  ? 
_reflns.limit_h_min                  ? 
_reflns.limit_k_max                  ? 
_reflns.limit_k_min                  ? 
_reflns.limit_l_max                  ? 
_reflns.limit_l_min                  ? 
_reflns.observed_criterion_F_max     ? 
_reflns.observed_criterion_F_min     ? 
_reflns.pdbx_chi_squared             ? 
_reflns.pdbx_scaling_rejects         ? 
_reflns.pdbx_diffrn_id               1 
_reflns.pdbx_ordinal                 1 
# 
_reflns_shell.d_res_high             2.80 
_reflns_shell.d_res_low              2.90 
_reflns_shell.percent_possible_all   ? 
_reflns_shell.Rmerge_I_obs           ? 
_reflns_shell.pdbx_Rsym_value        0.346 
_reflns_shell.meanI_over_sigI_obs    2.6 
_reflns_shell.pdbx_redundancy        ? 
_reflns_shell.percent_possible_obs   ? 
_reflns_shell.number_unique_all      ? 
_reflns_shell.number_measured_all    ? 
_reflns_shell.number_measured_obs    ? 
_reflns_shell.number_unique_obs      ? 
_reflns_shell.pdbx_chi_squared       ? 
_reflns_shell.pdbx_diffrn_id         ? 
_reflns_shell.pdbx_ordinal           1 
# 
_refine.entry_id                                 3K6B 
_refine.ls_number_reflns_obs                     9028 
_refine.ls_number_reflns_all                     ? 
_refine.pdbx_ls_sigma_I                          ? 
_refine.pdbx_ls_sigma_F                          2.6 
_refine.pdbx_data_cutoff_high_absF               ? 
_refine.pdbx_data_cutoff_low_absF                ? 
_refine.pdbx_data_cutoff_high_rms_absF           ? 
_refine.ls_d_res_low                             40.0 
_refine.ls_d_res_high                            2.80 
_refine.ls_percent_reflns_obs                    ? 
_refine.ls_R_factor_obs                          0.262 
_refine.ls_R_factor_all                          ? 
_refine.ls_R_factor_R_work                       0.262 
_refine.ls_R_factor_R_free                       0.309 
_refine.ls_R_factor_R_free_error                 ? 
_refine.ls_R_factor_R_free_error_details         ? 
_refine.ls_percent_reflns_R_free                 ? 
_refine.ls_number_reflns_R_free                  ? 
_refine.ls_number_parameters                     ? 
_refine.ls_number_restraints                     ? 
_refine.occupancy_min                            ? 
_refine.occupancy_max                            ? 
_refine.correlation_coeff_Fo_to_Fc               ? 
_refine.correlation_coeff_Fo_to_Fc_free          ? 
_refine.B_iso_mean                               84.5 
_refine.aniso_B[1][1]                            ? 
_refine.aniso_B[2][2]                            ? 
_refine.aniso_B[3][3]                            ? 
_refine.aniso_B[1][2]                            ? 
_refine.aniso_B[1][3]                            ? 
_refine.aniso_B[2][3]                            ? 
_refine.solvent_model_details                    ? 
_refine.solvent_model_param_ksol                 ? 
_refine.solvent_model_param_bsol                 ? 
_refine.pdbx_solvent_vdw_probe_radii             ? 
_refine.pdbx_solvent_ion_probe_radii             ? 
_refine.pdbx_solvent_shrinkage_radii             ? 
_refine.pdbx_ls_cross_valid_method               ? 
_refine.details                                  ? 
_refine.pdbx_starting_model                      'PDB entry 3K66' 
_refine.pdbx_method_to_determine_struct          'MOLECULAR REPLACEMENT' 
_refine.pdbx_isotropic_thermal_model             ? 
_refine.pdbx_stereochemistry_target_values       ? 
_refine.pdbx_stereochem_target_val_spec_case     ? 
_refine.pdbx_R_Free_selection_details            random 
_refine.pdbx_overall_ESU_R                       ? 
_refine.pdbx_overall_ESU_R_Free                  ? 
_refine.overall_SU_ML                            ? 
_refine.overall_SU_B                             ? 
_refine.ls_redundancy_reflns_obs                 ? 
_refine.B_iso_min                                ? 
_refine.B_iso_max                                ? 
_refine.overall_SU_R_Cruickshank_DPI             ? 
_refine.overall_SU_R_free                        ? 
_refine.ls_wR_factor_R_free                      ? 
_refine.ls_wR_factor_R_work                      ? 
_refine.overall_FOM_free_R_set                   ? 
_refine.overall_FOM_work_R_set                   ? 
_refine.pdbx_overall_phase_error                 ? 
_refine.pdbx_refine_id                           'X-RAY DIFFRACTION' 
_refine.pdbx_diffrn_id                           1 
_refine.pdbx_TLS_residual_ADP_flag               ? 
_refine.pdbx_overall_SU_R_free_Cruickshank_DPI   ? 
_refine.pdbx_overall_SU_R_Blow_DPI               ? 
_refine.pdbx_overall_SU_R_free_Blow_DPI          ? 
# 
_refine_hist.pdbx_refine_id                   'X-RAY DIFFRACTION' 
_refine_hist.cycle_id                         LAST 
_refine_hist.pdbx_number_atoms_protein        1713 
_refine_hist.pdbx_number_atoms_nucleic_acid   0 
_refine_hist.pdbx_number_atoms_ligand         28 
_refine_hist.number_atoms_solvent             34 
_refine_hist.number_atoms_total               1775 
_refine_hist.d_res_high                       2.80 
_refine_hist.d_res_low                        40.0 
# 
loop_
_refine_ls_restr.type 
_refine_ls_restr.dev_ideal 
_refine_ls_restr.dev_ideal_target 
_refine_ls_restr.weight 
_refine_ls_restr.number 
_refine_ls_restr.pdbx_refine_id 
_refine_ls_restr.pdbx_restraint_function 
c_bond_d    0.011 ? ? ? 'X-RAY DIFFRACTION' ? 
c_angle_deg 1.46  ? ? ? 'X-RAY DIFFRACTION' ? 
# 
_struct.entry_id                  3K6B 
_struct.title                     
'X-ray crystal structure of the E2 domain of APL-1 from C. elegans, in complex with sucrose octasulfate (SOS)' 
_struct.pdbx_model_details        ? 
_struct.pdbx_CASP_flag            ? 
_struct.pdbx_model_type_details   ? 
# 
_struct_keywords.entry_id        3K6B 
_struct_keywords.pdbx_keywords   'CELL ADHESION' 
_struct_keywords.text            
;X-ray crystal structure, amyloid precursor protein, heparin binding, Alternative splicing, Amyloid, Developmental protein, Differentiation, Glycoprotein, Membrane, Neurogenesis, Transmembrane, CELL ADHESION
;
# 
loop_
_struct_asym.id 
_struct_asym.pdbx_blank_PDB_chainid_flag 
_struct_asym.pdbx_modified 
_struct_asym.entity_id 
_struct_asym.details 
A N N 1 ? 
B N N 2 ? 
C N N 3 ? 
# 
_struct_biol.id        1 
_struct_biol.details   ? 
# 
loop_
_struct_conf.conf_type_id 
_struct_conf.id 
_struct_conf.pdbx_PDB_helix_id 
_struct_conf.beg_label_comp_id 
_struct_conf.beg_label_asym_id 
_struct_conf.beg_label_seq_id 
_struct_conf.pdbx_beg_PDB_ins_code 
_struct_conf.end_label_comp_id 
_struct_conf.end_label_asym_id 
_struct_conf.end_label_seq_id 
_struct_conf.pdbx_end_PDB_ins_code 
_struct_conf.beg_auth_comp_id 
_struct_conf.beg_auth_asym_id 
_struct_conf.beg_auth_seq_id 
_struct_conf.end_auth_comp_id 
_struct_conf.end_auth_asym_id 
_struct_conf.end_auth_seq_id 
_struct_conf.pdbx_PDB_helix_class 
_struct_conf.details 
_struct_conf.pdbx_PDB_helix_length 
HELX_P HELX_P1 1 ASP A 3   ? ILE A 8   ? ASP A 236 ILE A 241 5 ? 6  
HELX_P HELX_P2 2 ASN A 13  ? ASP A 54  ? ASN A 246 ASP A 287 1 ? 42 
HELX_P HELX_P3 3 ASP A 54  ? LYS A 120 ? ASP A 287 LYS A 353 1 ? 67 
HELX_P HELX_P4 4 ASN A 122 ? ASP A 155 ? ASN A 355 ASP A 388 1 ? 34 
HELX_P HELX_P5 5 ASP A 155 ? ALA A 161 ? ASP A 388 ALA A 394 1 ? 7  
HELX_P HELX_P6 6 TYR A 162 ? MET A 183 ? TYR A 395 MET A 416 1 ? 22 
HELX_P HELX_P7 7 PHE A 187 ? LYS A 192 ? PHE A 420 LYS A 425 1 ? 6  
HELX_P HELX_P8 8 VAL A 194 ? SER A 210 ? VAL A 427 SER A 443 1 ? 17 
# 
_struct_conf_type.id          HELX_P 
_struct_conf_type.criteria    ? 
_struct_conf_type.reference   ? 
# 
_atom_sites.entry_id                    3K6B 
_atom_sites.fract_transf_matrix[1][1]   -0.00254831 
_atom_sites.fract_transf_matrix[1][2]   -0.00394710 
_atom_sites.fract_transf_matrix[1][3]   -0.01089602 
_atom_sites.fract_transf_matrix[2][1]   -0.01106583 
_atom_sites.fract_transf_matrix[2][2]   -0.00336115 
_atom_sites.fract_transf_matrix[2][3]   -0.00265556 
_atom_sites.fract_transf_matrix[3][1]   -0.00317788 
_atom_sites.fract_transf_matrix[3][2]   0.01383483 
_atom_sites.fract_transf_matrix[3][3]   -0.00426846 
_atom_sites.fract_transf_vector[1]      0.772329 
_atom_sites.fract_transf_vector[2]      0.448219 
_atom_sites.fract_transf_vector[3]      0.424014 
# 
loop_
_atom_type.symbol 
C 
N 
O 
S 
# 
loop_
_atom_site.group_PDB 
_atom_site.id 
_atom_site.type_symbol 
_atom_site.label_atom_id 
_atom_site.label_alt_id 
_atom_site.label_comp_id 
_atom_site.label_asym_id 
_atom_site.label_entity_id 
_atom_site.label_seq_id 
_atom_site.pdbx_PDB_ins_code 
_atom_site.Cartn_x 
_atom_site.Cartn_y 
_atom_site.Cartn_z 
_atom_site.occupancy 
_atom_site.B_iso_or_equiv 
_atom_site.pdbx_formal_charge 
_atom_site.auth_seq_id 
_atom_site.auth_comp_id 
_atom_site.auth_asym_id 
_atom_site.auth_atom_id 
_atom_site.pdbx_PDB_model_num 
ATOM   1    N N   . SER A 1 1   ? -6.305  17.957  19.162  1.00 129.89 ? 234 SER A N   1 
ATOM   2    C CA  . SER A 1 1   ? -5.446  17.870  17.940  1.00 128.33 ? 234 SER A CA  1 
ATOM   3    C C   . SER A 1 1   ? -5.644  16.535  17.188  1.00 124.26 ? 234 SER A C   1 
ATOM   4    O O   . SER A 1 1   ? -6.470  15.696  17.573  1.00 124.49 ? 234 SER A O   1 
ATOM   5    C CB  . SER A 1 1   ? -3.977  17.988  18.343  1.00 131.39 ? 234 SER A CB  1 
ATOM   6    O OG  . SER A 1 1   ? -3.564  16.754  18.918  1.00 135.28 ? 234 SER A OG  1 
ATOM   7    N N   . GLN A 1 2   ? -4.875  16.348  16.115  1.00 116.42 ? 235 GLN A N   1 
ATOM   8    C CA  . GLN A 1 2   ? -4.920  15.125  15.301  1.00 107.97 ? 235 GLN A CA  1 
ATOM   9    C C   . GLN A 1 2   ? -3.553  14.452  15.426  1.00 102.40 ? 235 GLN A C   1 
ATOM   10   O O   . GLN A 1 2   ? -2.721  14.860  16.232  1.00 101.21 ? 235 GLN A O   1 
ATOM   11   C CB  . GLN A 1 2   ? -5.185  15.479  13.830  1.00 107.03 ? 235 GLN A CB  1 
ATOM   12   C CG  . GLN A 1 2   ? -6.516  15.008  13.262  1.00 102.48 ? 235 GLN A CG  1 
ATOM   13   C CD  . GLN A 1 2   ? -6.584  13.502  13.054  1.00 100.98 ? 235 GLN A CD  1 
ATOM   14   O OE1 . GLN A 1 2   ? -5.619  12.771  13.298  1.00 100.11 ? 235 GLN A OE1 1 
ATOM   15   N NE2 . GLN A 1 2   ? -7.737  13.031  12.590  1.00 99.62  ? 235 GLN A NE2 1 
ATOM   16   N N   . ASP A 1 3   ? -3.315  13.430  14.620  1.00 94.79  ? 236 ASP A N   1 
ATOM   17   C CA  . ASP A 1 3   ? -2.048  12.730  14.643  1.00 88.81  ? 236 ASP A CA  1 
ATOM   18   C C   . ASP A 1 3   ? -1.008  13.582  13.923  1.00 85.58  ? 236 ASP A C   1 
ATOM   19   O O   . ASP A 1 3   ? -1.307  14.222  12.912  1.00 85.17  ? 236 ASP A O   1 
ATOM   20   C CB  . ASP A 1 3   ? -2.216  11.391  13.938  1.00 86.24  ? 236 ASP A CB  1 
ATOM   21   C CG  . ASP A 1 3   ? -1.211  10.383  14.381  1.00 84.31  ? 236 ASP A CG  1 
ATOM   22   O OD1 . ASP A 1 3   ? -1.521  9.620   15.330  1.00 81.29  ? 236 ASP A OD1 1 
ATOM   23   O OD2 . ASP A 1 3   ? -0.114  10.370  13.783  1.00 83.09  ? 236 ASP A OD2 1 
ATOM   24   N N   . PRO A 1 4   ? 0.230   13.604  14.425  1.00 84.45  ? 237 PRO A N   1 
ATOM   25   C CA  . PRO A 1 4   ? 1.209   14.427  13.713  1.00 82.68  ? 237 PRO A CA  1 
ATOM   26   C C   . PRO A 1 4   ? 1.483   13.888  12.310  1.00 81.65  ? 237 PRO A C   1 
ATOM   27   O O   . PRO A 1 4   ? 1.981   14.610  11.450  1.00 80.49  ? 237 PRO A O   1 
ATOM   28   C CB  . PRO A 1 4   ? 2.433   14.369  14.625  1.00 80.82  ? 237 PRO A CB  1 
ATOM   29   C CG  . PRO A 1 4   ? 2.318   13.003  15.266  1.00 82.61  ? 237 PRO A CG  1 
ATOM   30   C CD  . PRO A 1 4   ? 0.840   12.918  15.577  1.00 83.04  ? 237 PRO A CD  1 
ATOM   31   N N   . TYR A 1 5   ? 1.117   12.626  12.082  1.00 79.48  ? 238 TYR A N   1 
ATOM   32   C CA  . TYR A 1 5   ? 1.323   11.965  10.792  1.00 77.92  ? 238 TYR A CA  1 
ATOM   33   C C   . TYR A 1 5   ? 0.719   12.665  9.583   1.00 77.12  ? 238 TYR A C   1 
ATOM   34   O O   . TYR A 1 5   ? 1.367   12.745  8.550   1.00 76.21  ? 238 TYR A O   1 
ATOM   35   C CB  . TYR A 1 5   ? 0.779   10.540  10.826  1.00 79.12  ? 238 TYR A CB  1 
ATOM   36   C CG  . TYR A 1 5   ? 0.639   9.913   9.455   1.00 77.36  ? 238 TYR A CG  1 
ATOM   37   C CD1 . TYR A 1 5   ? 1.752   9.397   8.787   1.00 76.86  ? 238 TYR A CD1 1 
ATOM   38   C CD2 . TYR A 1 5   ? -0.610  9.833   8.825   1.00 76.43  ? 238 TYR A CD2 1 
ATOM   39   C CE1 . TYR A 1 5   ? 1.632   8.811   7.536   1.00 76.87  ? 238 TYR A CE1 1 
ATOM   40   C CE2 . TYR A 1 5   ? -0.744  9.253   7.570   1.00 77.20  ? 238 TYR A CE2 1 
ATOM   41   C CZ  . TYR A 1 5   ? 0.385   8.744   6.930   1.00 78.31  ? 238 TYR A CZ  1 
ATOM   42   O OH  . TYR A 1 5   ? 0.279   8.179   5.682   1.00 78.93  ? 238 TYR A OH  1 
ATOM   43   N N   . PHE A 1 6   ? -0.513  13.163  9.706   1.00 77.05  ? 239 PHE A N   1 
ATOM   44   C CA  . PHE A 1 6   ? -1.202  13.828  8.590   1.00 74.96  ? 239 PHE A CA  1 
ATOM   45   C C   . PHE A 1 6   ? -0.666  15.170  8.089   1.00 73.80  ? 239 PHE A C   1 
ATOM   46   O O   . PHE A 1 6   ? -1.105  15.659  7.043   1.00 72.82  ? 239 PHE A O   1 
ATOM   47   C CB  . PHE A 1 6   ? -2.690  13.997  8.910   1.00 73.74  ? 239 PHE A CB  1 
ATOM   48   C CG  . PHE A 1 6   ? -3.436  12.698  9.054   1.00 74.14  ? 239 PHE A CG  1 
ATOM   49   C CD1 . PHE A 1 6   ? -3.638  12.113  10.304  1.00 74.72  ? 239 PHE A CD1 1 
ATOM   50   C CD2 . PHE A 1 6   ? -3.937  12.055  7.933   1.00 73.33  ? 239 PHE A CD2 1 
ATOM   51   C CE1 . PHE A 1 6   ? -4.334  10.900  10.424  1.00 74.57  ? 239 PHE A CE1 1 
ATOM   52   C CE2 . PHE A 1 6   ? -4.630  10.847  8.037   1.00 73.89  ? 239 PHE A CE2 1 
ATOM   53   C CZ  . PHE A 1 6   ? -4.831  10.264  9.283   1.00 74.16  ? 239 PHE A CZ  1 
ATOM   54   N N   . LYS A 1 7   ? 0.259   15.777  8.829   1.00 73.66  ? 240 LYS A N   1 
ATOM   55   C CA  . LYS A 1 7   ? 0.819   17.058  8.387   1.00 73.38  ? 240 LYS A CA  1 
ATOM   56   C C   . LYS A 1 7   ? 2.333   17.047  8.098   1.00 73.02  ? 240 LYS A C   1 
ATOM   57   O O   . LYS A 1 7   ? 2.989   18.072  8.212   1.00 70.53  ? 240 LYS A O   1 
ATOM   58   C CB  . LYS A 1 7   ? 0.469   18.177  9.393   1.00 73.85  ? 240 LYS A CB  1 
ATOM   59   N N   . ILE A 1 8   ? 2.871   15.898  7.692   1.00 73.33  ? 241 ILE A N   1 
ATOM   60   C CA  . ILE A 1 8   ? 4.293   15.759  7.364   1.00 72.93  ? 241 ILE A CA  1 
ATOM   61   C C   . ILE A 1 8   ? 4.624   16.436  6.020   1.00 80.08  ? 241 ILE A C   1 
ATOM   62   O O   . ILE A 1 8   ? 3.722   16.806  5.255   1.00 80.47  ? 241 ILE A O   1 
ATOM   63   C CB  . ILE A 1 8   ? 4.670   14.252  7.298   1.00 68.03  ? 241 ILE A CB  1 
ATOM   64   C CG1 . ILE A 1 8   ? 4.484   13.621  8.676   1.00 65.00  ? 241 ILE A CG1 1 
ATOM   65   C CG2 . ILE A 1 8   ? 6.097   14.046  6.836   1.00 64.69  ? 241 ILE A CG2 1 
ATOM   66   C CD1 . ILE A 1 8   ? 4.913   12.157  8.758   1.00 56.61  ? 241 ILE A CD1 1 
ATOM   67   N N   . ALA A 1 9   ? 5.913   16.593  5.716   1.00 87.34  ? 242 ALA A N   1 
ATOM   68   C CA  . ALA A 1 9   ? 6.305   17.225  4.460   1.00 93.01  ? 242 ALA A CA  1 
ATOM   69   C C   . ALA A 1 9   ? 7.595   16.733  3.766   1.00 98.69  ? 242 ALA A C   1 
ATOM   70   O O   . ALA A 1 9   ? 8.062   17.387  2.841   1.00 100.74 ? 242 ALA A O   1 
ATOM   71   C CB  . ALA A 1 9   ? 6.356   18.732  4.638   1.00 93.14  ? 242 ALA A CB  1 
ATOM   72   N N   . ASN A 1 10  ? 8.201   15.623  4.187   1.00 105.57 ? 243 ASN A N   1 
ATOM   73   C CA  . ASN A 1 10  ? 9.385   15.166  3.451   1.00 111.60 ? 243 ASN A CA  1 
ATOM   74   C C   . ASN A 1 10  ? 8.871   13.946  2.699   1.00 110.68 ? 243 ASN A C   1 
ATOM   75   O O   . ASN A 1 10  ? 9.300   13.671  1.595   1.00 114.06 ? 243 ASN A O   1 
ATOM   76   C CB  . ASN A 1 10  ? 10.547  14.772  4.394   1.00 123.42 ? 243 ASN A CB  1 
ATOM   77   C CG  . ASN A 1 10  ? 11.886  14.584  3.647   1.00 133.12 ? 243 ASN A CG  1 
ATOM   78   O OD1 . ASN A 1 10  ? 11.904  14.328  2.441   1.00 139.72 ? 243 ASN A OD1 1 
ATOM   79   N ND2 . ASN A 1 10  ? 13.011  14.696  4.384   1.00 139.39 ? 243 ASN A ND2 1 
ATOM   80   N N   . TRP A 1 11  ? 7.939   13.230  3.315   1.00 106.40 ? 244 TRP A N   1 
ATOM   81   C CA  . TRP A 1 11  ? 7.379   12.043  2.688   1.00 100.35 ? 244 TRP A CA  1 
ATOM   82   C C   . TRP A 1 11  ? 8.444   11.013  2.283   1.00 98.68  ? 244 TRP A C   1 
ATOM   83   O O   . TRP A 1 11  ? 8.115   9.889   1.906   1.00 97.36  ? 244 TRP A O   1 
ATOM   84   C CB  . TRP A 1 11  ? 6.507   12.430  1.474   1.00 94.53  ? 244 TRP A CB  1 
ATOM   85   C CG  . TRP A 1 11  ? 5.258   13.203  1.878   1.00 89.05  ? 244 TRP A CG  1 
ATOM   86   C CD1 . TRP A 1 11  ? 4.859   13.519  3.148   1.00 88.07  ? 244 TRP A CD1 1 
ATOM   87   C CD2 . TRP A 1 11  ? 4.236   13.710  1.009   1.00 86.28  ? 244 TRP A CD2 1 
ATOM   88   N NE1 . TRP A 1 11  ? 3.652   14.184  3.126   1.00 84.93  ? 244 TRP A NE1 1 
ATOM   89   C CE2 . TRP A 1 11  ? 3.246   14.311  1.825   1.00 84.62  ? 244 TRP A CE2 1 
ATOM   90   C CE3 . TRP A 1 11  ? 4.054   13.711  -0.376  1.00 83.99  ? 244 TRP A CE3 1 
ATOM   91   C CZ2 . TRP A 1 11  ? 2.096   14.907  1.294   1.00 82.35  ? 244 TRP A CZ2 1 
ATOM   92   C CZ3 . TRP A 1 11  ? 2.915   14.302  -0.895  1.00 81.96  ? 244 TRP A CZ3 1 
ATOM   93   C CH2 . TRP A 1 11  ? 1.951   14.888  -0.065  1.00 81.43  ? 244 TRP A CH2 1 
ATOM   94   N N   . THR A 1 12  ? 9.710   11.411  2.408   1.00 94.22  ? 245 THR A N   1 
ATOM   95   C CA  . THR A 1 12  ? 10.874  10.581  2.091   1.00 90.21  ? 245 THR A CA  1 
ATOM   96   C C   . THR A 1 12  ? 10.874  9.270   2.868   1.00 87.50  ? 245 THR A C   1 
ATOM   97   O O   . THR A 1 12  ? 11.411  8.277   2.402   1.00 86.93  ? 245 THR A O   1 
ATOM   98   C CB  . THR A 1 12  ? 12.214  11.380  2.355   1.00 90.57  ? 245 THR A CB  1 
ATOM   99   O OG1 . THR A 1 12  ? 12.534  12.147  1.191   1.00 89.41  ? 245 THR A OG1 1 
ATOM   100  C CG2 . THR A 1 12  ? 13.388  10.471  2.641   1.00 87.83  ? 245 THR A CG2 1 
ATOM   101  N N   . ASN A 1 13  ? 10.284  9.261   4.051   1.00 85.22  ? 246 ASN A N   1 
ATOM   102  C CA  . ASN A 1 13  ? 10.230  8.037   4.835   1.00 83.51  ? 246 ASN A CA  1 
ATOM   103  C C   . ASN A 1 13  ? 8.783   7.765   5.171   1.00 80.34  ? 246 ASN A C   1 
ATOM   104  O O   . ASN A 1 13  ? 8.451   7.597   6.335   1.00 79.11  ? 246 ASN A O   1 
ATOM   105  C CB  . ASN A 1 13  ? 11.028  8.173   6.129   1.00 85.37  ? 246 ASN A CB  1 
ATOM   106  C CG  . ASN A 1 13  ? 12.525  8.267   5.885   1.00 86.83  ? 246 ASN A CG  1 
ATOM   107  O OD1 . ASN A 1 13  ? 13.083  9.358   5.719   1.00 89.00  ? 246 ASN A OD1 1 
ATOM   108  N ND2 . ASN A 1 13  ? 13.180  7.112   5.840   1.00 88.62  ? 246 ASN A ND2 1 
ATOM   109  N N   . GLU A 1 14  ? 7.928   7.744   4.144   1.00 77.20  ? 247 GLU A N   1 
ATOM   110  C CA  . GLU A 1 14  ? 6.512   7.488   4.309   1.00 76.49  ? 247 GLU A CA  1 
ATOM   111  C C   . GLU A 1 14  ? 6.232   6.108   4.906   1.00 76.92  ? 247 GLU A C   1 
ATOM   112  O O   . GLU A 1 14  ? 5.412   5.999   5.809   1.00 78.12  ? 247 GLU A O   1 
ATOM   113  C CB  . GLU A 1 14  ? 5.787   7.655   2.964   1.00 75.58  ? 247 GLU A CB  1 
ATOM   114  C CG  . GLU A 1 14  ? 4.300   7.320   2.994   1.00 77.41  ? 247 GLU A CG  1 
ATOM   115  C CD  . GLU A 1 14  ? 3.517   8.213   3.941   1.00 79.28  ? 247 GLU A CD  1 
ATOM   116  O OE1 . GLU A 1 14  ? 4.025   9.307   4.264   1.00 80.87  ? 247 GLU A OE1 1 
ATOM   117  O OE2 . GLU A 1 14  ? 2.394   7.835   4.351   1.00 81.19  ? 247 GLU A OE2 1 
ATOM   118  N N   . HIS A 1 15  ? 6.903   5.073   4.402   1.00 78.84  ? 248 HIS A N   1 
ATOM   119  C CA  . HIS A 1 15  ? 6.707   3.743   4.921   1.00 79.93  ? 248 HIS A CA  1 
ATOM   120  C C   . HIS A 1 15  ? 6.821   3.730   6.433   1.00 79.33  ? 248 HIS A C   1 
ATOM   121  O O   . HIS A 1 15  ? 5.913   3.285   7.129   1.00 79.52  ? 248 HIS A O   1 
ATOM   122  C CB  . HIS A 1 15  ? 7.712   2.737   4.357   1.00 83.21  ? 248 HIS A CB  1 
ATOM   123  C CG  . HIS A 1 15  ? 7.497   1.340   4.845   1.00 90.57  ? 248 HIS A CG  1 
ATOM   124  N ND1 . HIS A 1 15  ? 8.414   0.315   4.707   1.00 93.65  ? 248 HIS A ND1 1 
ATOM   125  C CD2 . HIS A 1 15  ? 6.443   0.773   5.510   1.00 92.22  ? 248 HIS A CD2 1 
ATOM   126  C CE1 . HIS A 1 15  ? 7.959   -0.794  5.251   1.00 95.39  ? 248 HIS A CE1 1 
ATOM   127  N NE2 . HIS A 1 15  ? 6.757   -0.534  5.748   1.00 94.50  ? 248 HIS A NE2 1 
ATOM   128  N N   . ASP A 1 16  ? 7.929   4.246   6.949   1.00 78.31  ? 249 ASP A N   1 
ATOM   129  C CA  . ASP A 1 16  ? 8.132   4.267   8.393   1.00 78.76  ? 249 ASP A CA  1 
ATOM   130  C C   . ASP A 1 16  ? 7.105   5.126   9.163   1.00 78.25  ? 249 ASP A C   1 
ATOM   131  O O   . ASP A 1 16  ? 6.597   4.686   10.190  1.00 76.79  ? 249 ASP A O   1 
ATOM   132  C CB  . ASP A 1 16  ? 9.564   4.696   8.722   1.00 77.78  ? 249 ASP A CB  1 
ATOM   133  C CG  . ASP A 1 16  ? 9.957   4.335   10.129  1.00 76.29  ? 249 ASP A CG  1 
ATOM   134  O OD1 . ASP A 1 16  ? 9.914   3.125   10.469  1.00 74.64  ? 249 ASP A OD1 1 
ATOM   135  O OD2 . ASP A 1 16  ? 10.307  5.266   10.882  1.00 78.05  ? 249 ASP A OD2 1 
ATOM   136  N N   . ASP A 1 17  ? 6.789   6.330   8.683   1.00 81.22  ? 250 ASP A N   1 
ATOM   137  C CA  . ASP A 1 17  ? 5.792   7.174   9.366   1.00 84.18  ? 250 ASP A CA  1 
ATOM   138  C C   . ASP A 1 17  ? 4.420   6.514   9.373   1.00 80.40  ? 250 ASP A C   1 
ATOM   139  O O   . ASP A 1 17  ? 3.689   6.604   10.353  1.00 79.89  ? 250 ASP A O   1 
ATOM   140  C CB  . ASP A 1 17  ? 5.603   8.503   8.668   1.00 92.87  ? 250 ASP A CB  1 
ATOM   141  C CG  . ASP A 1 17  ? 6.902   9.138   8.272   1.00 101.21 ? 250 ASP A CG  1 
ATOM   142  O OD1 . ASP A 1 17  ? 7.802   9.257   9.129   1.00 108.23 ? 250 ASP A OD1 1 
ATOM   143  O OD2 . ASP A 1 17  ? 7.010   9.534   7.090   1.00 109.52 ? 250 ASP A OD2 1 
ATOM   144  N N   . PHE A 1 18  ? 4.056   5.903   8.246   1.00 77.63  ? 251 PHE A N   1 
ATOM   145  C CA  . PHE A 1 18  ? 2.776   5.234   8.118   1.00 75.13  ? 251 PHE A CA  1 
ATOM   146  C C   . PHE A 1 18  ? 2.722   4.017   9.008   1.00 73.15  ? 251 PHE A C   1 
ATOM   147  O O   . PHE A 1 18  ? 1.778   3.833   9.771   1.00 72.56  ? 251 PHE A O   1 
ATOM   148  C CB  . PHE A 1 18  ? 2.531   4.769   6.691   1.00 74.45  ? 251 PHE A CB  1 
ATOM   149  C CG  . PHE A 1 18  ? 1.258   3.977   6.528   1.00 75.21  ? 251 PHE A CG  1 
ATOM   150  C CD1 . PHE A 1 18  ? 0.018   4.594   6.614   1.00 76.36  ? 251 PHE A CD1 1 
ATOM   151  C CD2 . PHE A 1 18  ? 1.306   2.603   6.296   1.00 74.16  ? 251 PHE A CD2 1 
ATOM   152  C CE1 . PHE A 1 18  ? -1.148  3.854   6.479   1.00 76.47  ? 251 PHE A CE1 1 
ATOM   153  C CE2 . PHE A 1 18  ? 0.154   1.870   6.163   1.00 73.63  ? 251 PHE A CE2 1 
ATOM   154  C CZ  . PHE A 1 18  ? -1.072  2.487   6.248   1.00 74.77  ? 251 PHE A CZ  1 
ATOM   155  N N   . LYS A 1 19  ? 3.739   3.179   8.895   1.00 70.78  ? 252 LYS A N   1 
ATOM   156  C CA  . LYS A 1 19  ? 3.800   1.971   9.687   1.00 69.79  ? 252 LYS A CA  1 
ATOM   157  C C   . LYS A 1 19  ? 3.715   2.368   11.147  1.00 69.19  ? 252 LYS A C   1 
ATOM   158  O O   . LYS A 1 19  ? 3.159   1.642   11.961  1.00 70.60  ? 252 LYS A O   1 
ATOM   159  C CB  . LYS A 1 19  ? 5.107   1.248   9.408   1.00 69.90  ? 252 LYS A CB  1 
ATOM   160  C CG  . LYS A 1 19  ? 4.936   -0.149  9.494   1.00 69.55  ? 252 LYS A CG  1 
ATOM   161  N N   . LYS A 1 20  ? 4.258   3.538   11.468  1.00 70.65  ? 253 LYS A N   1 
ATOM   162  C CA  . LYS A 1 20  ? 4.247   4.043   12.835  1.00 71.27  ? 253 LYS A CA  1 
ATOM   163  C C   . LYS A 1 20  ? 2.862   4.522   13.228  1.00 71.99  ? 253 LYS A C   1 
ATOM   164  O O   . LYS A 1 20  ? 2.323   4.071   14.237  1.00 74.09  ? 253 LYS A O   1 
ATOM   165  C CB  . LYS A 1 20  ? 5.251   5.166   12.989  1.00 71.74  ? 253 LYS A CB  1 
ATOM   166  N N   . ALA A 1 21  ? 2.294   5.444   12.450  1.00 69.67  ? 254 ALA A N   1 
ATOM   167  C CA  . ALA A 1 21  ? 0.944   5.935   12.700  1.00 70.23  ? 254 ALA A CA  1 
ATOM   168  C C   . ALA A 1 21  ? -0.028  4.767   12.823  1.00 70.10  ? 254 ALA A C   1 
ATOM   169  O O   . ALA A 1 21  ? -0.893  4.768   13.683  1.00 70.45  ? 254 ALA A O   1 
ATOM   170  C CB  . ALA A 1 21  ? 0.500   6.822   11.562  1.00 68.92  ? 254 ALA A CB  1 
ATOM   171  N N   . GLU A 1 22  ? 0.121   3.778   11.947  1.00 71.61  ? 255 GLU A N   1 
ATOM   172  C CA  . GLU A 1 22  ? -0.744  2.598   11.947  1.00 76.15  ? 255 GLU A CA  1 
ATOM   173  C C   . GLU A 1 22  ? -0.690  1.824   13.263  1.00 75.90  ? 255 GLU A C   1 
ATOM   174  O O   . GLU A 1 22  ? -1.654  1.179   13.659  1.00 77.41  ? 255 GLU A O   1 
ATOM   175  C CB  . GLU A 1 22  ? -0.393  1.697   10.762  1.00 78.60  ? 255 GLU A CB  1 
ATOM   176  C CG  . GLU A 1 22  ? -1.167  0.400   10.669  1.00 87.08  ? 255 GLU A CG  1 
ATOM   177  C CD  . GLU A 1 22  ? -0.912  -0.325  9.357   1.00 93.31  ? 255 GLU A CD  1 
ATOM   178  O OE1 . GLU A 1 22  ? 0.264   -0.388  8.902   1.00 96.06  ? 255 GLU A OE1 1 
ATOM   179  O OE2 . GLU A 1 22  ? -1.904  -0.839  8.786   1.00 97.91  ? 255 GLU A OE2 1 
ATOM   180  N N   . MET A 1 23  ? 0.439   1.880   13.948  1.00 76.08  ? 256 MET A N   1 
ATOM   181  C CA  . MET A 1 23  ? 0.533   1.199   15.225  1.00 76.38  ? 256 MET A CA  1 
ATOM   182  C C   . MET A 1 23  ? -0.145  2.067   16.281  1.00 74.75  ? 256 MET A C   1 
ATOM   183  O O   . MET A 1 23  ? -0.813  1.568   17.175  1.00 75.76  ? 256 MET A O   1 
ATOM   184  C CB  . MET A 1 23  ? 1.988   0.971   15.609  1.00 78.54  ? 256 MET A CB  1 
ATOM   185  C CG  . MET A 1 23  ? 2.737   0.040   14.688  1.00 86.15  ? 256 MET A CG  1 
ATOM   186  S SD  . MET A 1 23  ? 4.493   -0.254  15.158  1.00 90.02  ? 256 MET A SD  1 
ATOM   187  C CE  . MET A 1 23  ? 4.724   -1.980  14.435  1.00 90.37  ? 256 MET A CE  1 
ATOM   188  N N   . ARG A 1 24  ? 0.050   3.374   16.190  1.00 72.22  ? 257 ARG A N   1 
ATOM   189  C CA  . ARG A 1 24  ? -0.577  4.278   17.138  1.00 71.93  ? 257 ARG A CA  1 
ATOM   190  C C   . ARG A 1 24  ? -2.101  4.205   17.037  1.00 72.74  ? 257 ARG A C   1 
ATOM   191  O O   . ARG A 1 24  ? -2.815  4.373   18.025  1.00 72.00  ? 257 ARG A O   1 
ATOM   192  C CB  . ARG A 1 24  ? -0.092  5.701   16.866  1.00 70.02  ? 257 ARG A CB  1 
ATOM   193  C CG  . ARG A 1 24  ? 1.406   5.719   16.680  1.00 72.07  ? 257 ARG A CG  1 
ATOM   194  C CD  . ARG A 1 24  ? 2.103   7.044   17.056  1.00 70.20  ? 257 ARG A CD  1 
ATOM   195  N NE  . ARG A 1 24  ? 2.748   7.661   15.900  1.00 68.76  ? 257 ARG A NE  1 
ATOM   196  C CZ  . ARG A 1 24  ? 2.094   8.419   15.029  1.00 68.16  ? 257 ARG A CZ  1 
ATOM   197  N NH1 . ARG A 1 24  ? 0.800   8.644   15.215  1.00 69.70  ? 257 ARG A NH1 1 
ATOM   198  N NH2 . ARG A 1 24  ? 2.700   8.921   13.958  1.00 70.96  ? 257 ARG A NH2 1 
ATOM   199  N N   . MET A 1 25  ? -2.594  3.968   15.827  1.00 76.27  ? 258 MET A N   1 
ATOM   200  C CA  . MET A 1 25  ? -4.025  3.824   15.592  1.00 78.64  ? 258 MET A CA  1 
ATOM   201  C C   . MET A 1 25  ? -4.444  2.442   16.073  1.00 82.41  ? 258 MET A C   1 
ATOM   202  O O   . MET A 1 25  ? -5.356  2.313   16.888  1.00 83.44  ? 258 MET A O   1 
ATOM   203  C CB  . MET A 1 25  ? -4.348  3.949   14.103  1.00 75.50  ? 258 MET A CB  1 
ATOM   204  C CG  . MET A 1 25  ? -5.779  3.545   13.768  1.00 75.46  ? 258 MET A CG  1 
ATOM   205  S SD  . MET A 1 25  ? -6.161  3.654   12.031  1.00 74.82  ? 258 MET A SD  1 
ATOM   206  C CE  . MET A 1 25  ? -5.515  2.074   11.460  1.00 74.28  ? 258 MET A CE  1 
ATOM   207  N N   . ASP A 1 26  ? -3.763  1.419   15.555  1.00 85.82  ? 259 ASP A N   1 
ATOM   208  C CA  . ASP A 1 26  ? -4.034  0.025   15.909  1.00 90.24  ? 259 ASP A CA  1 
ATOM   209  C C   . ASP A 1 26  ? -4.051  -0.171  17.411  1.00 87.50  ? 259 ASP A C   1 
ATOM   210  O O   . ASP A 1 26  ? -4.944  -0.825  17.950  1.00 87.58  ? 259 ASP A O   1 
ATOM   211  C CB  . ASP A 1 26  ? -2.978  -0.905  15.310  1.00 100.46 ? 259 ASP A CB  1 
ATOM   212  C CG  . ASP A 1 26  ? -3.373  -1.432  13.938  1.00 109.90 ? 259 ASP A CG  1 
ATOM   213  O OD1 . ASP A 1 26  ? -4.471  -1.040  13.429  1.00 117.04 ? 259 ASP A OD1 1 
ATOM   214  O OD2 . ASP A 1 26  ? -2.580  -2.247  13.388  1.00 117.30 ? 259 ASP A OD2 1 
ATOM   215  N N   . GLU A 1 27  ? -3.058  0.405   18.081  1.00 86.19  ? 260 GLU A N   1 
ATOM   216  C CA  . GLU A 1 27  ? -2.939  0.306   19.530  1.00 84.37  ? 260 GLU A CA  1 
ATOM   217  C C   . GLU A 1 27  ? -4.054  1.065   20.246  1.00 80.43  ? 260 GLU A C   1 
ATOM   218  O O   . GLU A 1 27  ? -4.654  0.577   21.205  1.00 79.70  ? 260 GLU A O   1 
ATOM   219  C CB  . GLU A 1 27  ? -1.603  0.864   19.987  1.00 84.88  ? 260 GLU A CB  1 
ATOM   220  C CG  . GLU A 1 27  ? -1.292  0.522   21.413  1.00 92.32  ? 260 GLU A CG  1 
ATOM   221  C CD  . GLU A 1 27  ? -0.357  1.521   22.044  1.00 98.77  ? 260 GLU A CD  1 
ATOM   222  O OE1 . GLU A 1 27  ? 0.778   1.686   21.530  1.00 102.97 ? 260 GLU A OE1 1 
ATOM   223  O OE2 . GLU A 1 27  ? -0.758  2.151   23.051  1.00 102.75 ? 260 GLU A OE2 1 
ATOM   224  N N   . LYS A 1 28  ? -4.323  2.273   19.784  1.00 78.08  ? 261 LYS A N   1 
ATOM   225  C CA  . LYS A 1 28  ? -5.371  3.064   20.385  1.00 77.45  ? 261 LYS A CA  1 
ATOM   226  C C   . LYS A 1 28  ? -6.686  2.285   20.293  1.00 76.38  ? 261 LYS A C   1 
ATOM   227  O O   . LYS A 1 28  ? -7.525  2.358   21.184  1.00 76.29  ? 261 LYS A O   1 
ATOM   228  C CB  . LYS A 1 28  ? -5.460  4.409   19.662  1.00 75.90  ? 261 LYS A CB  1 
ATOM   229  C CG  . LYS A 1 28  ? -6.199  5.354   20.419  1.00 79.36  ? 261 LYS A CG  1 
ATOM   230  N N   . HIS A 1 29  ? -6.861  1.534   19.214  1.00 75.34  ? 262 HIS A N   1 
ATOM   231  C CA  . HIS A 1 29  ? -8.070  0.743   19.038  1.00 75.39  ? 262 HIS A CA  1 
ATOM   232  C C   . HIS A 1 29  ? -8.111  -0.411  20.044  1.00 74.11  ? 262 HIS A C   1 
ATOM   233  O O   . HIS A 1 29  ? -9.144  -0.720  20.635  1.00 74.19  ? 262 HIS A O   1 
ATOM   234  C CB  . HIS A 1 29  ? -8.118  0.168   17.625  1.00 79.50  ? 262 HIS A CB  1 
ATOM   235  C CG  . HIS A 1 29  ? -9.389  -0.546  17.310  1.00 84.23  ? 262 HIS A CG  1 
ATOM   236  N ND1 . HIS A 1 29  ? -9.432  -1.824  16.789  1.00 85.64  ? 262 HIS A ND1 1 
ATOM   237  C CD2 . HIS A 1 29  ? -10.689 -0.172  17.463  1.00 86.76  ? 262 HIS A CD2 1 
ATOM   238  C CE1 . HIS A 1 29  ? -10.684 -2.205  16.639  1.00 87.66  ? 262 HIS A CE1 1 
ATOM   239  N NE2 . HIS A 1 29  ? -11.470 -1.214  17.044  1.00 89.16  ? 262 HIS A NE2 1 
ATOM   240  N N   . ARG A 1 30  ? -6.968  -1.051  20.235  1.00 75.18  ? 263 ARG A N   1 
ATOM   241  C CA  . ARG A 1 30  ? -6.892  -2.169  21.149  1.00 74.95  ? 263 ARG A CA  1 
ATOM   242  C C   . ARG A 1 30  ? -7.234  -1.689  22.564  1.00 75.95  ? 263 ARG A C   1 
ATOM   243  O O   . ARG A 1 30  ? -7.753  -2.458  23.385  1.00 74.85  ? 263 ARG A O   1 
ATOM   244  C CB  . ARG A 1 30  ? -5.493  -2.783  21.079  1.00 72.24  ? 263 ARG A CB  1 
ATOM   245  C CG  . ARG A 1 30  ? -5.463  -4.283  20.753  1.00 74.41  ? 263 ARG A CG  1 
ATOM   246  C CD  . ARG A 1 30  ? -4.221  -4.623  19.955  1.00 73.45  ? 263 ARG A CD  1 
ATOM   247  N NE  . ARG A 1 30  ? -3.137  -3.729  20.336  1.00 74.61  ? 263 ARG A NE  1 
ATOM   248  C CZ  . ARG A 1 30  ? -2.275  -3.199  19.480  1.00 73.72  ? 263 ARG A CZ  1 
ATOM   249  N NH1 . ARG A 1 30  ? -2.368  -3.491  18.188  1.00 75.32  ? 263 ARG A NH1 1 
ATOM   250  N NH2 . ARG A 1 30  ? -1.359  -2.335  19.908  1.00 70.24  ? 263 ARG A NH2 1 
ATOM   251  N N   . LYS A 1 31  ? -6.967  -0.409  22.830  1.00 75.08  ? 264 LYS A N   1 
ATOM   252  C CA  . LYS A 1 31  ? -7.247  0.188   24.135  1.00 75.06  ? 264 LYS A CA  1 
ATOM   253  C C   . LYS A 1 31  ? -8.729  0.186   24.387  1.00 74.70  ? 264 LYS A C   1 
ATOM   254  O O   . LYS A 1 31  ? -9.177  -0.108  25.486  1.00 76.21  ? 264 LYS A O   1 
ATOM   255  C CB  . LYS A 1 31  ? -6.752  1.633   24.205  1.00 76.63  ? 264 LYS A CB  1 
ATOM   256  C CG  . LYS A 1 31  ? -5.455  1.744   24.783  1.00 78.31  ? 264 LYS A CG  1 
ATOM   257  N N   . LYS A 1 32  ? -9.489  0.548   23.364  1.00 73.82  ? 265 LYS A N   1 
ATOM   258  C CA  . LYS A 1 32  ? -10.941 0.575   23.453  1.00 73.59  ? 265 LYS A CA  1 
ATOM   259  C C   . LYS A 1 32  ? -11.603 -0.796  23.513  1.00 72.79  ? 265 LYS A C   1 
ATOM   260  O O   . LYS A 1 32  ? -12.495 -1.001  24.326  1.00 73.51  ? 265 LYS A O   1 
ATOM   261  C CB  . LYS A 1 32  ? -11.529 1.334   22.275  1.00 74.71  ? 265 LYS A CB  1 
ATOM   262  C CG  . LYS A 1 32  ? -11.607 2.714   22.555  1.00 79.97  ? 265 LYS A CG  1 
ATOM   263  N N   . VAL A 1 33  ? -11.207 -1.722  22.638  1.00 71.75  ? 266 VAL A N   1 
ATOM   264  C CA  . VAL A 1 33  ? -11.810 -3.053  22.652  1.00 69.13  ? 266 VAL A CA  1 
ATOM   265  C C   . VAL A 1 33  ? -11.574 -3.714  23.989  1.00 70.82  ? 266 VAL A C   1 
ATOM   266  O O   . VAL A 1 33  ? -12.418 -4.457  24.468  1.00 71.42  ? 266 VAL A O   1 
ATOM   267  C CB  . VAL A 1 33  ? -11.243 -3.985  21.564  1.00 67.08  ? 266 VAL A CB  1 
ATOM   268  C CG1 . VAL A 1 33  ? -11.856 -5.375  21.709  1.00 61.61  ? 266 VAL A CG1 1 
ATOM   269  C CG2 . VAL A 1 33  ? -11.536 -3.423  20.195  1.00 63.92  ? 266 VAL A CG2 1 
ATOM   270  N N   . ASP A 1 34  ? -10.424 -3.471  24.600  1.00 70.44  ? 267 ASP A N   1 
ATOM   271  C CA  . ASP A 1 34  ? -10.190 -4.071  25.901  1.00 73.56  ? 267 ASP A CA  1 
ATOM   272  C C   . ASP A 1 34  ? -11.195 -3.506  26.911  1.00 74.35  ? 267 ASP A C   1 
ATOM   273  O O   . ASP A 1 34  ? -11.837 -4.245  27.659  1.00 75.27  ? 267 ASP A O   1 
ATOM   274  C CB  . ASP A 1 34  ? -8.767  -3.803  26.377  1.00 75.15  ? 267 ASP A CB  1 
ATOM   275  C CG  . ASP A 1 34  ? -7.776  -4.770  25.795  1.00 78.21  ? 267 ASP A CG  1 
ATOM   276  O OD1 . ASP A 1 34  ? -8.207  -5.879  25.411  1.00 81.62  ? 267 ASP A OD1 1 
ATOM   277  O OD2 . ASP A 1 34  ? -6.573  -4.437  25.736  1.00 80.87  ? 267 ASP A OD2 1 
ATOM   278  N N   . LYS A 1 35  ? -11.336 -2.189  26.923  1.00 74.49  ? 268 LYS A N   1 
ATOM   279  C CA  . LYS A 1 35  ? -12.261 -1.544  27.842  1.00 74.64  ? 268 LYS A CA  1 
ATOM   280  C C   . LYS A 1 35  ? -13.690 -2.083  27.699  1.00 75.21  ? 268 LYS A C   1 
ATOM   281  O O   . LYS A 1 35  ? -14.394 -2.263  28.689  1.00 74.82  ? 268 LYS A O   1 
ATOM   282  C CB  . LYS A 1 35  ? -12.237 -0.032  27.607  1.00 75.24  ? 268 LYS A CB  1 
ATOM   283  C CG  . LYS A 1 35  ? -12.859 0.691   28.662  1.00 77.12  ? 268 LYS A CG  1 
ATOM   284  N N   . VAL A 1 36  ? -14.120 -2.329  26.467  1.00 75.89  ? 269 VAL A N   1 
ATOM   285  C CA  . VAL A 1 36  ? -15.464 -2.848  26.233  1.00 73.18  ? 269 VAL A CA  1 
ATOM   286  C C   . VAL A 1 36  ? -15.545 -4.279  26.741  1.00 76.33  ? 269 VAL A C   1 
ATOM   287  O O   . VAL A 1 36  ? -16.369 -4.579  27.598  1.00 75.71  ? 269 VAL A O   1 
ATOM   288  C CB  . VAL A 1 36  ? -15.834 -2.823  24.737  1.00 70.91  ? 269 VAL A CB  1 
ATOM   289  C CG1 . VAL A 1 36  ? -17.115 -3.545  24.513  1.00 68.02  ? 269 VAL A CG1 1 
ATOM   290  C CG2 . VAL A 1 36  ? -15.977 -1.403  24.271  1.00 70.77  ? 269 VAL A CG2 1 
ATOM   291  N N   . MET A 1 37  ? -14.668 -5.140  26.230  1.00 76.39  ? 270 MET A N   1 
ATOM   292  C CA  . MET A 1 37  ? -14.636 -6.547  26.601  1.00 77.34  ? 270 MET A CA  1 
ATOM   293  C C   . MET A 1 37  ? -14.595 -6.769  28.105  1.00 79.51  ? 270 MET A C   1 
ATOM   294  O O   . MET A 1 37  ? -15.117 -7.765  28.612  1.00 80.70  ? 270 MET A O   1 
ATOM   295  C CB  . MET A 1 37  ? -13.461 -7.233  25.902  1.00 76.70  ? 270 MET A CB  1 
ATOM   296  C CG  . MET A 1 37  ? -13.653 -7.257  24.408  1.00 74.69  ? 270 MET A CG  1 
ATOM   297  S SD  . MET A 1 37  ? -15.343 -7.775  24.081  1.00 74.32  ? 270 MET A SD  1 
ATOM   298  C CE  . MET A 1 37  ? -15.313 -8.023  22.401  1.00 77.37  ? 270 MET A CE  1 
ATOM   299  N N   . LYS A 1 38  ? -13.977 -5.833  28.814  1.00 80.03  ? 271 LYS A N   1 
ATOM   300  C CA  . LYS A 1 38  ? -13.919 -5.900  30.261  1.00 80.70  ? 271 LYS A CA  1 
ATOM   301  C C   . LYS A 1 38  ? -15.303 -5.529  30.834  1.00 79.40  ? 271 LYS A C   1 
ATOM   302  O O   . LYS A 1 38  ? -15.767 -6.139  31.801  1.00 78.48  ? 271 LYS A O   1 
ATOM   303  C CB  . LYS A 1 38  ? -12.838 -4.957  30.779  1.00 83.53  ? 271 LYS A CB  1 
ATOM   304  C CG  . LYS A 1 38  ? -12.649 -5.014  32.271  1.00 88.17  ? 271 LYS A CG  1 
ATOM   305  C CD  . LYS A 1 38  ? -13.334 -3.853  32.954  1.00 93.08  ? 271 LYS A CD  1 
ATOM   306  C CE  . LYS A 1 38  ? -13.217 -3.966  34.468  1.00 95.97  ? 271 LYS A CE  1 
ATOM   307  N NZ  . LYS A 1 38  ? -13.824 -2.758  35.106  1.00 99.06  ? 271 LYS A NZ  1 
ATOM   308  N N   . GLU A 1 39  ? -15.950 -4.532  30.224  1.00 78.38  ? 272 GLU A N   1 
ATOM   309  C CA  . GLU A 1 39  ? -17.287 -4.095  30.620  1.00 77.57  ? 272 GLU A CA  1 
ATOM   310  C C   . GLU A 1 39  ? -18.248 -5.255  30.419  1.00 75.45  ? 272 GLU A C   1 
ATOM   311  O O   . GLU A 1 39  ? -19.164 -5.484  31.213  1.00 75.64  ? 272 GLU A O   1 
ATOM   312  C CB  . GLU A 1 39  ? -17.745 -2.913  29.757  1.00 77.71  ? 272 GLU A CB  1 
ATOM   313  C CG  . GLU A 1 39  ? -17.430 -1.669  30.361  1.00 85.31  ? 272 GLU A CG  1 
ATOM   314  N N   . TRP A 1 40  ? -18.032 -5.990  29.340  1.00 72.31  ? 273 TRP A N   1 
ATOM   315  C CA  . TRP A 1 40  ? -18.873 -7.125  29.043  1.00 71.32  ? 273 TRP A CA  1 
ATOM   316  C C   . TRP A 1 40  ? -18.723 -8.112  30.177  1.00 70.09  ? 273 TRP A C   1 
ATOM   317  O O   . TRP A 1 40  ? -19.717 -8.588  30.717  1.00 70.68  ? 273 TRP A O   1 
ATOM   318  C CB  . TRP A 1 40  ? -18.447 -7.785  27.733  1.00 72.55  ? 273 TRP A CB  1 
ATOM   319  C CG  . TRP A 1 40  ? -19.400 -8.836  27.267  1.00 74.72  ? 273 TRP A CG  1 
ATOM   320  C CD1 . TRP A 1 40  ? -20.611 -8.639  26.670  1.00 75.28  ? 273 TRP A CD1 1 
ATOM   321  C CD2 . TRP A 1 40  ? -19.262 -10.245 27.444  1.00 74.95  ? 273 TRP A CD2 1 
ATOM   322  N NE1 . TRP A 1 40  ? -21.240 -9.845  26.465  1.00 78.62  ? 273 TRP A NE1 1 
ATOM   323  C CE2 . TRP A 1 40  ? -20.431 -10.847 26.931  1.00 77.33  ? 273 TRP A CE2 1 
ATOM   324  C CE3 . TRP A 1 40  ? -18.261 -11.058 27.984  1.00 75.31  ? 273 TRP A CE3 1 
ATOM   325  C CZ2 . TRP A 1 40  ? -20.632 -12.234 26.959  1.00 79.62  ? 273 TRP A CZ2 1 
ATOM   326  C CZ3 . TRP A 1 40  ? -18.456 -12.427 28.015  1.00 76.51  ? 273 TRP A CZ3 1 
ATOM   327  C CH2 . TRP A 1 40  ? -19.630 -13.006 27.502  1.00 79.03  ? 273 TRP A CH2 1 
ATOM   328  N N   . GLY A 1 41  ? -17.476 -8.406  30.539  1.00 70.02  ? 274 GLY A N   1 
ATOM   329  C CA  . GLY A 1 41  ? -17.195 -9.349  31.607  1.00 68.75  ? 274 GLY A CA  1 
ATOM   330  C C   . GLY A 1 41  ? -17.871 -9.040  32.930  1.00 69.07  ? 274 GLY A C   1 
ATOM   331  O O   . GLY A 1 41  ? -18.504 -9.920  33.520  1.00 67.70  ? 274 GLY A O   1 
ATOM   332  N N   . ASP A 1 42  ? -17.727 -7.803  33.408  1.00 69.80  ? 275 ASP A N   1 
ATOM   333  C CA  . ASP A 1 42  ? -18.354 -7.393  34.655  1.00 70.81  ? 275 ASP A CA  1 
ATOM   334  C C   . ASP A 1 42  ? -19.861 -7.511  34.519  1.00 73.10  ? 275 ASP A C   1 
ATOM   335  O O   . ASP A 1 42  ? -20.544 -7.989  35.442  1.00 73.67  ? 275 ASP A O   1 
ATOM   336  C CB  . ASP A 1 42  ? -17.996 -5.951  35.000  1.00 70.69  ? 275 ASP A CB  1 
ATOM   337  C CG  . ASP A 1 42  ? -16.521 -5.764  35.231  1.00 72.33  ? 275 ASP A CG  1 
ATOM   338  O OD1 . ASP A 1 42  ? -15.878 -6.771  35.595  1.00 72.17  ? 275 ASP A OD1 1 
ATOM   339  O OD2 . ASP A 1 42  ? -16.007 -4.630  35.061  1.00 71.88  ? 275 ASP A OD2 1 
ATOM   340  N N   . LEU A 1 43  ? -20.373 -7.061  33.372  1.00 72.76  ? 276 LEU A N   1 
ATOM   341  C CA  . LEU A 1 43  ? -21.800 -7.130  33.096  1.00 74.04  ? 276 LEU A CA  1 
ATOM   342  C C   . LEU A 1 43  ? -22.236 -8.578  33.132  1.00 74.48  ? 276 LEU A C   1 
ATOM   343  O O   . LEU A 1 43  ? -23.184 -8.916  33.829  1.00 75.88  ? 276 LEU A O   1 
ATOM   344  C CB  . LEU A 1 43  ? -22.135 -6.528  31.723  1.00 74.71  ? 276 LEU A CB  1 
ATOM   345  C CG  . LEU A 1 43  ? -22.503 -5.043  31.713  1.00 75.86  ? 276 LEU A CG  1 
ATOM   346  C CD1 . LEU A 1 43  ? -22.625 -4.546  30.296  1.00 76.26  ? 276 LEU A CD1 1 
ATOM   347  C CD2 . LEU A 1 43  ? -23.794 -4.857  32.459  1.00 76.42  ? 276 LEU A CD2 1 
ATOM   348  N N   . GLU A 1 44  ? -21.525 -9.431  32.405  1.00 74.47  ? 277 GLU A N   1 
ATOM   349  C CA  . GLU A 1 44  ? -21.837 -10.857 32.322  1.00 75.47  ? 277 GLU A CA  1 
ATOM   350  C C   . GLU A 1 44  ? -21.784 -11.630 33.656  1.00 76.99  ? 277 GLU A C   1 
ATOM   351  O O   . GLU A 1 44  ? -22.605 -12.520 33.908  1.00 77.04  ? 277 GLU A O   1 
ATOM   352  C CB  . GLU A 1 44  ? -20.892 -11.514 31.319  1.00 76.39  ? 277 GLU A CB  1 
ATOM   353  C CG  . GLU A 1 44  ? -21.175 -12.969 31.064  1.00 79.00  ? 277 GLU A CG  1 
ATOM   354  C CD  . GLU A 1 44  ? -22.409 -13.182 30.220  1.00 82.72  ? 277 GLU A CD  1 
ATOM   355  O OE1 . GLU A 1 44  ? -22.866 -14.348 30.147  1.00 82.32  ? 277 GLU A OE1 1 
ATOM   356  O OE2 . GLU A 1 44  ? -22.913 -12.188 29.624  1.00 85.28  ? 277 GLU A OE2 1 
ATOM   357  N N   . THR A 1 45  ? -20.807 -11.319 34.503  1.00 78.61  ? 278 THR A N   1 
ATOM   358  C CA  . THR A 1 45  ? -20.710 -12.007 35.790  1.00 78.71  ? 278 THR A CA  1 
ATOM   359  C C   . THR A 1 45  ? -21.958 -11.682 36.608  1.00 80.50  ? 278 THR A C   1 
ATOM   360  O O   . THR A 1 45  ? -22.481 -12.528 37.346  1.00 79.87  ? 278 THR A O   1 
ATOM   361  C CB  . THR A 1 45  ? -19.463 -11.548 36.618  1.00 77.38  ? 278 THR A CB  1 
ATOM   362  O OG1 . THR A 1 45  ? -18.261 -11.846 35.896  1.00 77.52  ? 278 THR A OG1 1 
ATOM   363  C CG2 . THR A 1 45  ? -19.419 -12.268 37.965  1.00 75.04  ? 278 THR A CG2 1 
ATOM   364  N N   . ARG A 1 46  ? -22.417 -10.436 36.466  1.00 82.11  ? 279 ARG A N   1 
ATOM   365  C CA  . ARG A 1 46  ? -23.585 -9.937  37.182  1.00 82.44  ? 279 ARG A CA  1 
ATOM   366  C C   . ARG A 1 46  ? -24.749 -10.834 36.843  1.00 80.76  ? 279 ARG A C   1 
ATOM   367  O O   . ARG A 1 46  ? -25.438 -11.291 37.733  1.00 81.01  ? 279 ARG A O   1 
ATOM   368  C CB  . ARG A 1 46  ? -23.892 -8.491  36.763  1.00 84.84  ? 279 ARG A CB  1 
ATOM   369  C CG  . ARG A 1 46  ? -24.513 -7.741  37.805  1.00 92.59  ? 279 ARG A CG  1 
ATOM   370  N N   . TYR A 1 47  ? -24.954 -11.087 35.557  1.00 79.27  ? 280 TYR A N   1 
ATOM   371  C CA  . TYR A 1 47  ? -26.037 -11.949 35.126  1.00 80.11  ? 280 TYR A CA  1 
ATOM   372  C C   . TYR A 1 47  ? -25.950 -13.308 35.808  1.00 82.90  ? 280 TYR A C   1 
ATOM   373  O O   . TYR A 1 47  ? -26.960 -13.845 36.262  1.00 85.37  ? 280 TYR A O   1 
ATOM   374  C CB  . TYR A 1 47  ? -26.008 -12.153 33.619  1.00 76.24  ? 280 TYR A CB  1 
ATOM   375  C CG  . TYR A 1 47  ? -26.862 -13.306 33.171  1.00 75.39  ? 280 TYR A CG  1 
ATOM   376  C CD1 . TYR A 1 47  ? -28.242 -13.171 33.047  1.00 75.34  ? 280 TYR A CD1 1 
ATOM   377  C CD2 . TYR A 1 47  ? -26.292 -14.555 32.906  1.00 78.03  ? 280 TYR A CD2 1 
ATOM   378  C CE1 . TYR A 1 47  ? -29.029 -14.246 32.670  1.00 76.00  ? 280 TYR A CE1 1 
ATOM   379  C CE2 . TYR A 1 47  ? -27.070 -15.633 32.529  1.00 77.83  ? 280 TYR A CE2 1 
ATOM   380  C CZ  . TYR A 1 47  ? -28.431 -15.470 32.414  1.00 76.05  ? 280 TYR A CZ  1 
ATOM   381  O OH  . TYR A 1 47  ? -29.175 -16.546 32.037  1.00 77.11  ? 280 TYR A OH  1 
ATOM   382  N N   . ASN A 1 48  ? -24.753 -13.884 35.879  1.00 87.34  ? 281 ASN A N   1 
ATOM   383  C CA  . ASN A 1 48  ? -24.612 -15.186 36.531  1.00 91.22  ? 281 ASN A CA  1 
ATOM   384  C C   . ASN A 1 48  ? -25.016 -15.156 38.007  1.00 91.48  ? 281 ASN A C   1 
ATOM   385  O O   . ASN A 1 48  ? -25.573 -16.126 38.518  1.00 92.04  ? 281 ASN A O   1 
ATOM   386  C CB  . ASN A 1 48  ? -23.180 -15.710 36.396  1.00 95.29  ? 281 ASN A CB  1 
ATOM   387  C CG  . ASN A 1 48  ? -22.816 -16.055 34.955  1.00 100.27 ? 281 ASN A CG  1 
ATOM   388  O OD1 . ASN A 1 48  ? -23.646 -16.579 34.200  1.00 102.21 ? 281 ASN A OD1 1 
ATOM   389  N ND2 . ASN A 1 48  ? -21.567 -15.784 34.574  1.00 103.78 ? 281 ASN A ND2 1 
ATOM   390  N N   . GLU A 1 49  ? -24.732 -14.046 38.689  1.00 92.76  ? 282 GLU A N   1 
ATOM   391  C CA  . GLU A 1 49  ? -25.084 -13.885 40.105  1.00 93.47  ? 282 GLU A CA  1 
ATOM   392  C C   . GLU A 1 49  ? -26.612 -13.780 40.279  1.00 92.26  ? 282 GLU A C   1 
ATOM   393  O O   . GLU A 1 49  ? -27.249 -14.609 40.944  1.00 92.62  ? 282 GLU A O   1 
ATOM   394  C CB  . GLU A 1 49  ? -24.429 -12.618 40.675  1.00 94.85  ? 282 GLU A CB  1 
ATOM   395  C CG  . GLU A 1 49  ? -22.941 -12.522 40.422  1.00 101.57 ? 282 GLU A CG  1 
ATOM   396  C CD  . GLU A 1 49  ? -22.329 -11.242 40.969  1.00 105.53 ? 282 GLU A CD  1 
ATOM   397  O OE1 . GLU A 1 49  ? -22.984 -10.172 40.858  1.00 107.33 ? 282 GLU A OE1 1 
ATOM   398  O OE2 . GLU A 1 49  ? -21.184 -11.311 41.487  1.00 107.65 ? 282 GLU A OE2 1 
ATOM   399  N N   . GLN A 1 50  ? -27.197 -12.755 39.675  1.00 90.77  ? 283 GLN A N   1 
ATOM   400  C CA  . GLN A 1 50  ? -28.624 -12.558 39.789  1.00 89.42  ? 283 GLN A CA  1 
ATOM   401  C C   . GLN A 1 50  ? -29.437 -13.599 39.009  1.00 87.76  ? 283 GLN A C   1 
ATOM   402  O O   . GLN A 1 50  ? -30.664 -13.519 38.953  1.00 87.65  ? 283 GLN A O   1 
ATOM   403  C CB  . GLN A 1 50  ? -28.987 -11.129 39.352  1.00 87.82  ? 283 GLN A CB  1 
ATOM   404  C CG  . GLN A 1 50  ? -29.284 -10.182 40.528  1.00 88.42  ? 283 GLN A CG  1 
ATOM   405  C CD  . GLN A 1 50  ? -28.039 -9.572  41.177  1.00 89.77  ? 283 GLN A CD  1 
ATOM   406  O OE1 . GLN A 1 50  ? -27.076 -10.270 41.483  1.00 90.52  ? 283 GLN A OE1 1 
ATOM   407  N NE2 . GLN A 1 50  ? -28.067 -8.252  41.397  1.00 92.76  ? 283 GLN A NE2 1 
ATOM   408  N N   . LYS A 1 51  ? -28.754 -14.572 38.417  1.00 85.83  ? 284 LYS A N   1 
ATOM   409  C CA  . LYS A 1 51  ? -29.404 -15.646 37.645  1.00 84.84  ? 284 LYS A CA  1 
ATOM   410  C C   . LYS A 1 51  ? -30.583 -16.326 38.377  1.00 82.03  ? 284 LYS A C   1 
ATOM   411  O O   . LYS A 1 51  ? -31.729 -16.218 37.967  1.00 79.56  ? 284 LYS A O   1 
ATOM   412  C CB  . LYS A 1 51  ? -28.366 -16.711 37.307  1.00 87.14  ? 284 LYS A CB  1 
ATOM   413  C CG  . LYS A 1 51  ? -28.236 -17.038 35.852  1.00 90.60  ? 284 LYS A CG  1 
ATOM   414  C CD  . LYS A 1 51  ? -27.299 -18.228 35.709  1.00 93.52  ? 284 LYS A CD  1 
ATOM   415  C CE  . LYS A 1 51  ? -27.046 -18.615 34.250  1.00 96.40  ? 284 LYS A CE  1 
ATOM   416  N NZ  . LYS A 1 51  ? -26.258 -19.888 34.145  1.00 95.47  ? 284 LYS A NZ  1 
ATOM   417  N N   . ALA A 1 52  ? -30.275 -17.050 39.447  1.00 80.63  ? 285 ALA A N   1 
ATOM   418  C CA  . ALA A 1 52  ? -31.275 -17.747 40.261  1.00 81.68  ? 285 ALA A CA  1 
ATOM   419  C C   . ALA A 1 52  ? -32.022 -16.850 41.304  1.00 84.22  ? 285 ALA A C   1 
ATOM   420  O O   . ALA A 1 52  ? -33.076 -17.216 41.814  1.00 83.02  ? 285 ALA A O   1 
ATOM   421  C CB  . ALA A 1 52  ? -30.601 -18.888 40.957  1.00 77.15  ? 285 ALA A CB  1 
ATOM   422  N N   . LYS A 1 53  ? -31.450 -15.691 41.623  1.00 90.40  ? 286 LYS A N   1 
ATOM   423  C CA  . LYS A 1 53  ? -32.025 -14.719 42.559  1.00 93.89  ? 286 LYS A CA  1 
ATOM   424  C C   . LYS A 1 53  ? -33.177 -13.874 41.935  1.00 97.01  ? 286 LYS A C   1 
ATOM   425  O O   . LYS A 1 53  ? -34.285 -13.796 42.485  1.00 100.11 ? 286 LYS A O   1 
ATOM   426  C CB  . LYS A 1 53  ? -30.914 -13.772 43.039  1.00 95.65  ? 286 LYS A CB  1 
ATOM   427  C CG  . LYS A 1 53  ? -30.399 -14.022 44.447  1.00 97.68  ? 286 LYS A CG  1 
ATOM   428  C CD  . LYS A 1 53  ? -29.114 -13.230 44.776  1.00 98.34  ? 286 LYS A CD  1 
ATOM   429  C CE  . LYS A 1 53  ? -29.204 -11.745 44.368  1.00 100.71 ? 286 LYS A CE  1 
ATOM   430  N NZ  . LYS A 1 53  ? -28.000 -10.919 44.780  1.00 101.43 ? 286 LYS A NZ  1 
ATOM   431  N N   . ASP A 1 54  ? -32.909 -13.235 40.796  1.00 96.16  ? 287 ASP A N   1 
ATOM   432  C CA  . ASP A 1 54  ? -33.903 -12.387 40.136  1.00 95.22  ? 287 ASP A CA  1 
ATOM   433  C C   . ASP A 1 54  ? -34.084 -12.859 38.694  1.00 97.42  ? 287 ASP A C   1 
ATOM   434  O O   . ASP A 1 54  ? -34.048 -12.049 37.776  1.00 96.25  ? 287 ASP A O   1 
ATOM   435  C CB  . ASP A 1 54  ? -33.408 -10.931 40.144  1.00 92.74  ? 287 ASP A CB  1 
ATOM   436  C CG  . ASP A 1 54  ? -34.447 -9.952  39.654  1.00 90.78  ? 287 ASP A CG  1 
ATOM   437  O OD1 . ASP A 1 54  ? -35.488 -10.396 39.104  1.00 87.58  ? 287 ASP A OD1 1 
ATOM   438  O OD2 . ASP A 1 54  ? -34.207 -8.733  39.821  1.00 86.17  ? 287 ASP A OD2 1 
ATOM   439  N N   . PRO A 1 55  ? -34.290 -14.176 38.478  1.00 96.82  ? 288 PRO A N   1 
ATOM   440  C CA  . PRO A 1 55  ? -34.469 -14.769 37.140  1.00 95.42  ? 288 PRO A CA  1 
ATOM   441  C C   . PRO A 1 55  ? -35.279 -13.968 36.123  1.00 96.75  ? 288 PRO A C   1 
ATOM   442  O O   . PRO A 1 55  ? -35.019 -14.036 34.925  1.00 96.33  ? 288 PRO A O   1 
ATOM   443  C CB  . PRO A 1 55  ? -35.081 -16.142 37.435  1.00 94.01  ? 288 PRO A CB  1 
ATOM   444  C CG  . PRO A 1 55  ? -35.646 -15.994 38.808  1.00 93.31  ? 288 PRO A CG  1 
ATOM   445  C CD  . PRO A 1 55  ? -34.626 -15.164 39.515  1.00 94.91  ? 288 PRO A CD  1 
ATOM   446  N N   . LYS A 1 56  ? -36.265 -13.215 36.589  1.00 97.51  ? 289 LYS A N   1 
ATOM   447  C CA  . LYS A 1 56  ? -37.060 -12.395 35.687  1.00 98.70  ? 289 LYS A CA  1 
ATOM   448  C C   . LYS A 1 56  ? -36.310 -11.088 35.367  1.00 99.61  ? 289 LYS A C   1 
ATOM   449  O O   . LYS A 1 56  ? -36.029 -10.788 34.203  1.00 99.25  ? 289 LYS A O   1 
ATOM   450  C CB  . LYS A 1 56  ? -38.400 -12.096 36.321  1.00 101.32 ? 289 LYS A CB  1 
ATOM   451  N N   . GLY A 1 57  ? -35.993 -10.311 36.402  1.00 99.17  ? 290 GLY A N   1 
ATOM   452  C CA  . GLY A 1 57  ? -35.272 -9.062  36.203  1.00 99.17  ? 290 GLY A CA  1 
ATOM   453  C C   . GLY A 1 57  ? -33.892 -9.338  35.628  1.00 98.89  ? 290 GLY A C   1 
ATOM   454  O O   . GLY A 1 57  ? -33.371 -8.578  34.801  1.00 98.58  ? 290 GLY A O   1 
ATOM   455  N N   . ALA A 1 58  ? -33.292 -10.442 36.073  1.00 99.65  ? 291 ALA A N   1 
ATOM   456  C CA  . ALA A 1 58  ? -31.971 -10.854 35.602  1.00 99.67  ? 291 ALA A CA  1 
ATOM   457  C C   . ALA A 1 58  ? -31.996 -11.008 34.095  1.00 99.95  ? 291 ALA A C   1 
ATOM   458  O O   . ALA A 1 58  ? -31.244 -10.350 33.384  1.00 100.23 ? 291 ALA A O   1 
ATOM   459  C CB  . ALA A 1 58  ? -31.563 -12.176 36.238  1.00 99.27  ? 291 ALA A CB  1 
ATOM   460  N N   . GLU A 1 59  ? -32.866 -11.890 33.611  1.00 100.99 ? 292 GLU A N   1 
ATOM   461  C CA  . GLU A 1 59  ? -32.993 -12.137 32.175  1.00 102.40 ? 292 GLU A CA  1 
ATOM   462  C C   . GLU A 1 59  ? -33.195 -10.867 31.336  1.00 102.38 ? 292 GLU A C   1 
ATOM   463  O O   . GLU A 1 59  ? -32.553 -10.705 30.290  1.00 102.99 ? 292 GLU A O   1 
ATOM   464  C CB  . GLU A 1 59  ? -34.133 -13.131 31.917  1.00 103.99 ? 292 GLU A CB  1 
ATOM   465  C CG  . GLU A 1 59  ? -33.722 -14.602 32.045  1.00 107.16 ? 292 GLU A CG  1 
ATOM   466  C CD  . GLU A 1 59  ? -32.680 -14.999 31.006  1.00 108.82 ? 292 GLU A CD  1 
ATOM   467  O OE1 . GLU A 1 59  ? -31.480 -15.013 31.375  1.00 108.30 ? 292 GLU A OE1 1 
ATOM   468  O OE2 . GLU A 1 59  ? -33.051 -15.280 29.822  1.00 110.00 ? 292 GLU A OE2 1 
ATOM   469  N N   . LYS A 1 60  ? -34.078 -9.975  31.783  1.00 101.17 ? 293 LYS A N   1 
ATOM   470  C CA  . LYS A 1 60  ? -34.324 -8.728  31.059  1.00 99.30  ? 293 LYS A CA  1 
ATOM   471  C C   . LYS A 1 60  ? -32.987 -8.016  30.893  1.00 97.91  ? 293 LYS A C   1 
ATOM   472  O O   . LYS A 1 60  ? -32.702 -7.420  29.849  1.00 97.31  ? 293 LYS A O   1 
ATOM   473  C CB  . LYS A 1 60  ? -35.285 -7.821  31.846  1.00 100.57 ? 293 LYS A CB  1 
ATOM   474  C CG  . LYS A 1 60  ? -35.621 -6.630  31.134  1.00 99.37  ? 293 LYS A CG  1 
ATOM   475  N N   . PHE A 1 61  ? -32.175 -8.090  31.947  1.00 96.30  ? 294 PHE A N   1 
ATOM   476  C CA  . PHE A 1 61  ? -30.851 -7.479  31.976  1.00 93.70  ? 294 PHE A CA  1 
ATOM   477  C C   . PHE A 1 61  ? -29.988 -8.070  30.861  1.00 94.30  ? 294 PHE A C   1 
ATOM   478  O O   . PHE A 1 61  ? -29.260 -7.346  30.174  1.00 93.18  ? 294 PHE A O   1 
ATOM   479  C CB  . PHE A 1 61  ? -30.203 -7.737  33.338  1.00 88.79  ? 294 PHE A CB  1 
ATOM   480  C CG  . PHE A 1 61  ? -28.793 -7.227  33.463  1.00 83.28  ? 294 PHE A CG  1 
ATOM   481  C CD1 . PHE A 1 61  ? -28.543 -5.859  33.516  1.00 80.35  ? 294 PHE A CD1 1 
ATOM   482  C CD2 . PHE A 1 61  ? -27.727 -8.122  33.616  1.00 79.95  ? 294 PHE A CD2 1 
ATOM   483  C CE1 . PHE A 1 61  ? -27.267 -5.380  33.732  1.00 77.93  ? 294 PHE A CE1 1 
ATOM   484  C CE2 . PHE A 1 61  ? -26.437 -7.652  33.835  1.00 77.01  ? 294 PHE A CE2 1 
ATOM   485  C CZ  . PHE A 1 61  ? -26.207 -6.273  33.895  1.00 77.77  ? 294 PHE A CZ  1 
ATOM   486  N N   . LYS A 1 62  ? -30.075 -9.383  30.667  1.00 92.71  ? 295 LYS A N   1 
ATOM   487  C CA  . LYS A 1 62  ? -29.279 -9.989  29.619  1.00 92.14  ? 295 LYS A CA  1 
ATOM   488  C C   . LYS A 1 62  ? -29.699 -9.477  28.254  1.00 92.26  ? 295 LYS A C   1 
ATOM   489  O O   . LYS A 1 62  ? -28.868 -8.999  27.496  1.00 93.28  ? 295 LYS A O   1 
ATOM   490  C CB  . LYS A 1 62  ? -29.373 -11.515 29.649  1.00 92.88  ? 295 LYS A CB  1 
ATOM   491  C CG  . LYS A 1 62  ? -27.997 -12.177 29.545  1.00 90.44  ? 295 LYS A CG  1 
ATOM   492  C CD  . LYS A 1 62  ? -28.078 -13.640 29.158  1.00 89.23  ? 295 LYS A CD  1 
ATOM   493  C CE  . LYS A 1 62  ? -26.732 -14.331 29.379  1.00 88.16  ? 295 LYS A CE  1 
ATOM   494  N NZ  . LYS A 1 62  ? -26.784 -15.778 29.004  1.00 85.81  ? 295 LYS A NZ  1 
ATOM   495  N N   . SER A 1 63  ? -30.982 -9.568  27.927  1.00 92.03  ? 296 SER A N   1 
ATOM   496  C CA  . SER A 1 63  ? -31.423 -9.079  26.624  1.00 89.34  ? 296 SER A CA  1 
ATOM   497  C C   . SER A 1 63  ? -30.950 -7.641  26.465  1.00 86.83  ? 296 SER A C   1 
ATOM   498  O O   . SER A 1 63  ? -30.260 -7.285  25.505  1.00 85.46  ? 296 SER A O   1 
ATOM   499  C CB  . SER A 1 63  ? -32.949 -9.147  26.522  1.00 89.62  ? 296 SER A CB  1 
ATOM   500  O OG  . SER A 1 63  ? -33.339 -10.194 25.647  1.00 89.41  ? 296 SER A OG  1 
ATOM   501  N N   . GLN A 1 64  ? -31.304 -6.824  27.442  1.00 84.67  ? 297 GLN A N   1 
ATOM   502  C CA  . GLN A 1 64  ? -30.922 -5.433  27.411  1.00 84.80  ? 297 GLN A CA  1 
ATOM   503  C C   . GLN A 1 64  ? -29.446 -5.308  27.060  1.00 84.08  ? 297 GLN A C   1 
ATOM   504  O O   . GLN A 1 64  ? -29.101 -4.864  25.952  1.00 82.78  ? 297 GLN A O   1 
ATOM   505  C CB  . GLN A 1 64  ? -31.213 -4.771  28.774  1.00 84.63  ? 297 GLN A CB  1 
ATOM   506  N N   . MET A 1 65  ? -28.585 -5.747  27.984  1.00 83.71  ? 298 MET A N   1 
ATOM   507  C CA  . MET A 1 65  ? -27.142 -5.628  27.810  1.00 83.71  ? 298 MET A CA  1 
ATOM   508  C C   . MET A 1 65  ? -26.546 -6.194  26.542  1.00 82.49  ? 298 MET A C   1 
ATOM   509  O O   . MET A 1 65  ? -25.450 -5.796  26.158  1.00 83.06  ? 298 MET A O   1 
ATOM   510  C CB  . MET A 1 65  ? -26.413 -6.164  29.033  1.00 84.56  ? 298 MET A CB  1 
ATOM   511  C CG  . MET A 1 65  ? -26.683 -5.323  30.279  1.00 87.80  ? 298 MET A CG  1 
ATOM   512  S SD  . MET A 1 65  ? -26.267 -3.574  30.004  1.00 89.61  ? 298 MET A SD  1 
ATOM   513  C CE  . MET A 1 65  ? -26.367 -2.869  31.640  1.00 91.11  ? 298 MET A CE  1 
ATOM   514  N N   . ASN A 1 66  ? -27.251 -7.110  25.884  1.00 83.09  ? 299 ASN A N   1 
ATOM   515  C CA  . ASN A 1 66  ? -26.750 -7.645  24.631  1.00 83.26  ? 299 ASN A CA  1 
ATOM   516  C C   . ASN A 1 66  ? -26.891 -6.544  23.608  1.00 84.19  ? 299 ASN A C   1 
ATOM   517  O O   . ASN A 1 66  ? -25.912 -6.181  22.960  1.00 85.48  ? 299 ASN A O   1 
ATOM   518  C CB  . ASN A 1 66  ? -27.549 -8.851  24.153  1.00 84.35  ? 299 ASN A CB  1 
ATOM   519  C CG  . ASN A 1 66  ? -26.914 -10.144 24.558  1.00 88.07  ? 299 ASN A CG  1 
ATOM   520  O OD1 . ASN A 1 66  ? -25.708 -10.306 24.420  1.00 93.18  ? 299 ASN A OD1 1 
ATOM   521  N ND2 . ASN A 1 66  ? -27.713 -11.080 25.063  1.00 90.98  ? 299 ASN A ND2 1 
ATOM   522  N N   . ALA A 1 67  ? -28.109 -6.019  23.467  1.00 81.36  ? 300 ALA A N   1 
ATOM   523  C CA  . ALA A 1 67  ? -28.379 -4.947  22.519  1.00 80.13  ? 300 ALA A CA  1 
ATOM   524  C C   . ALA A 1 67  ? -27.319 -3.850  22.637  1.00 79.28  ? 300 ALA A C   1 
ATOM   525  O O   . ALA A 1 67  ? -26.755 -3.420  21.629  1.00 78.29  ? 300 ALA A O   1 
ATOM   526  C CB  . ALA A 1 67  ? -29.750 -4.378  22.770  1.00 80.65  ? 300 ALA A CB  1 
ATOM   527  N N   . ARG A 1 68  ? -27.053 -3.407  23.867  1.00 80.27  ? 301 ARG A N   1 
ATOM   528  C CA  . ARG A 1 68  ? -26.048 -2.371  24.131  1.00 79.60  ? 301 ARG A CA  1 
ATOM   529  C C   . ARG A 1 68  ? -24.701 -2.839  23.607  1.00 79.68  ? 301 ARG A C   1 
ATOM   530  O O   . ARG A 1 68  ? -24.077 -2.187  22.766  1.00 79.71  ? 301 ARG A O   1 
ATOM   531  C CB  . ARG A 1 68  ? -25.939 -2.095  25.635  1.00 79.13  ? 301 ARG A CB  1 
ATOM   532  C CG  . ARG A 1 68  ? -26.565 -0.877  25.990  1.00 79.79  ? 301 ARG A CG  1 
ATOM   533  N N   . PHE A 1 69  ? -24.259 -3.984  24.112  1.00 79.20  ? 302 PHE A N   1 
ATOM   534  C CA  . PHE A 1 69  ? -22.990 -4.556  23.696  1.00 80.35  ? 302 PHE A CA  1 
ATOM   535  C C   . PHE A 1 69  ? -22.895 -4.683  22.169  1.00 82.35  ? 302 PHE A C   1 
ATOM   536  O O   . PHE A 1 69  ? -22.010 -4.088  21.549  1.00 83.11  ? 302 PHE A O   1 
ATOM   537  C CB  . PHE A 1 69  ? -22.806 -5.920  24.358  1.00 78.29  ? 302 PHE A CB  1 
ATOM   538  C CG  . PHE A 1 69  ? -21.585 -6.681  23.886  1.00 76.48  ? 302 PHE A CG  1 
ATOM   539  C CD1 . PHE A 1 69  ? -20.303 -6.186  24.109  1.00 74.60  ? 302 PHE A CD1 1 
ATOM   540  C CD2 . PHE A 1 69  ? -21.724 -7.909  23.243  1.00 73.47  ? 302 PHE A CD2 1 
ATOM   541  C CE1 . PHE A 1 69  ? -19.177 -6.904  23.701  1.00 71.93  ? 302 PHE A CE1 1 
ATOM   542  C CE2 . PHE A 1 69  ? -20.608 -8.624  22.836  1.00 71.30  ? 302 PHE A CE2 1 
ATOM   543  C CZ  . PHE A 1 69  ? -19.333 -8.124  23.064  1.00 70.08  ? 302 PHE A CZ  1 
ATOM   544  N N   . GLN A 1 70  ? -23.794 -5.465  21.571  1.00 82.24  ? 303 GLN A N   1 
ATOM   545  C CA  . GLN A 1 70  ? -23.814 -5.638  20.129  1.00 83.06  ? 303 GLN A CA  1 
ATOM   546  C C   . GLN A 1 70  ? -23.641 -4.288  19.459  1.00 81.80  ? 303 GLN A C   1 
ATOM   547  O O   . GLN A 1 70  ? -22.766 -4.128  18.618  1.00 81.65  ? 303 GLN A O   1 
ATOM   548  C CB  . GLN A 1 70  ? -25.127 -6.299  19.698  1.00 85.54  ? 303 GLN A CB  1 
ATOM   549  C CG  . GLN A 1 70  ? -24.951 -7.653  19.025  1.00 91.96  ? 303 GLN A CG  1 
ATOM   550  C CD  . GLN A 1 70  ? -24.118 -8.655  19.845  1.00 94.55  ? 303 GLN A CD  1 
ATOM   551  O OE1 . GLN A 1 70  ? -22.962 -8.928  19.511  1.00 96.08  ? 303 GLN A OE1 1 
ATOM   552  N NE2 . GLN A 1 70  ? -24.704 -9.202  20.915  1.00 96.89  ? 303 GLN A NE2 1 
ATOM   553  N N   . LYS A 1 71  ? -24.452 -3.312  19.862  1.00 83.01  ? 304 LYS A N   1 
ATOM   554  C CA  . LYS A 1 71  ? -24.376 -1.970  19.292  1.00 82.76  ? 304 LYS A CA  1 
ATOM   555  C C   . LYS A 1 71  ? -23.016 -1.313  19.496  1.00 81.32  ? 304 LYS A C   1 
ATOM   556  O O   . LYS A 1 71  ? -22.406 -0.874  18.528  1.00 80.88  ? 304 LYS A O   1 
ATOM   557  C CB  . LYS A 1 71  ? -25.460 -1.073  19.884  1.00 82.83  ? 304 LYS A CB  1 
ATOM   558  C CG  . LYS A 1 71  ? -26.148 -0.371  18.861  1.00 88.72  ? 304 LYS A CG  1 
ATOM   559  N N   . THR A 1 72  ? -22.541 -1.242  20.742  1.00 79.78  ? 305 THR A N   1 
ATOM   560  C CA  . THR A 1 72  ? -21.237 -0.633  21.028  1.00 78.11  ? 305 THR A CA  1 
ATOM   561  C C   . THR A 1 72  ? -20.133 -1.248  20.187  1.00 76.21  ? 305 THR A C   1 
ATOM   562  O O   . THR A 1 72  ? -19.221 -0.553  19.765  1.00 75.22  ? 305 THR A O   1 
ATOM   563  C CB  . THR A 1 72  ? -20.827 -0.776  22.503  1.00 77.23  ? 305 THR A CB  1 
ATOM   564  O OG1 . THR A 1 72  ? -21.688 0.016   23.322  1.00 77.97  ? 305 THR A OG1 1 
ATOM   565  C CG2 . THR A 1 72  ? -19.423 -0.277  22.708  1.00 77.12  ? 305 THR A CG2 1 
ATOM   566  N N   . VAL A 1 73  ? -20.195 -2.551  19.953  1.00 74.64  ? 306 VAL A N   1 
ATOM   567  C CA  . VAL A 1 73  ? -19.189 -3.211  19.128  1.00 75.17  ? 306 VAL A CA  1 
ATOM   568  C C   . VAL A 1 73  ? -19.236 -2.643  17.707  1.00 75.85  ? 306 VAL A C   1 
ATOM   569  O O   . VAL A 1 73  ? -18.280 -2.032  17.233  1.00 75.51  ? 306 VAL A O   1 
ATOM   570  C CB  . VAL A 1 73  ? -19.436 -4.721  19.072  1.00 74.15  ? 306 VAL A CB  1 
ATOM   571  C CG1 . VAL A 1 73  ? -18.478 -5.368  18.100  1.00 70.08  ? 306 VAL A CG1 1 
ATOM   572  C CG2 . VAL A 1 73  ? -19.272 -5.324  20.459  1.00 72.20  ? 306 VAL A CG2 1 
ATOM   573  N N   . SER A 1 74  ? -20.360 -2.859  17.030  1.00 79.96  ? 307 SER A N   1 
ATOM   574  C CA  . SER A 1 74  ? -20.561 -2.348  15.675  1.00 81.36  ? 307 SER A CA  1 
ATOM   575  C C   . SER A 1 74  ? -20.092 -0.904  15.563  1.00 80.83  ? 307 SER A C   1 
ATOM   576  O O   . SER A 1 74  ? -19.495 -0.501  14.568  1.00 80.23  ? 307 SER A O   1 
ATOM   577  C CB  . SER A 1 74  ? -22.036 -2.409  15.308  1.00 81.34  ? 307 SER A CB  1 
ATOM   578  O OG  . SER A 1 74  ? -22.393 -3.699  14.851  1.00 85.26  ? 307 SER A OG  1 
ATOM   579  N N   . SER A 1 75  ? -20.384 -0.116  16.586  1.00 81.27  ? 308 SER A N   1 
ATOM   580  C CA  . SER A 1 75  ? -19.969 1.270   16.578  1.00 81.86  ? 308 SER A CA  1 
ATOM   581  C C   . SER A 1 75  ? -18.457 1.367   16.463  1.00 80.50  ? 308 SER A C   1 
ATOM   582  O O   . SER A 1 75  ? -17.961 2.065   15.585  1.00 80.64  ? 308 SER A O   1 
ATOM   583  C CB  . SER A 1 75  ? -20.422 1.976   17.845  1.00 83.41  ? 308 SER A CB  1 
ATOM   584  O OG  . SER A 1 75  ? -19.940 3.306   17.861  1.00 85.23  ? 308 SER A OG  1 
ATOM   585  N N   . LEU A 1 76  ? -17.725 0.687   17.357  1.00 78.48  ? 309 LEU A N   1 
ATOM   586  C CA  . LEU A 1 76  ? -16.254 0.686   17.328  1.00 77.60  ? 309 LEU A CA  1 
ATOM   587  C C   . LEU A 1 76  ? -15.707 0.181   15.989  1.00 75.72  ? 309 LEU A C   1 
ATOM   588  O O   . LEU A 1 76  ? -14.878 0.830   15.359  1.00 73.95  ? 309 LEU A O   1 
ATOM   589  C CB  . LEU A 1 76  ? -15.689 -0.190  18.451  1.00 78.51  ? 309 LEU A CB  1 
ATOM   590  C CG  . LEU A 1 76  ? -15.372 0.480   19.796  1.00 80.43  ? 309 LEU A CG  1 
ATOM   591  C CD1 . LEU A 1 76  ? -14.881 -0.583  20.767  1.00 80.23  ? 309 LEU A CD1 1 
ATOM   592  C CD2 . LEU A 1 76  ? -14.311 1.594   19.632  1.00 81.29  ? 309 LEU A CD2 1 
ATOM   593  N N   . GLU A 1 77  ? -16.180 -0.990  15.572  1.00 76.79  ? 310 GLU A N   1 
ATOM   594  C CA  . GLU A 1 77  ? -15.767 -1.621  14.320  1.00 79.53  ? 310 GLU A CA  1 
ATOM   595  C C   . GLU A 1 77  ? -15.818 -0.678  13.133  1.00 81.14  ? 310 GLU A C   1 
ATOM   596  O O   . GLU A 1 77  ? -14.977 -0.741  12.237  1.00 83.35  ? 310 GLU A O   1 
ATOM   597  C CB  . GLU A 1 77  ? -16.664 -2.815  14.031  1.00 79.61  ? 310 GLU A CB  1 
ATOM   598  C CG  . GLU A 1 77  ? -16.625 -3.344  12.612  1.00 82.62  ? 310 GLU A CG  1 
ATOM   599  C CD  . GLU A 1 77  ? -17.551 -4.533  12.461  1.00 87.39  ? 310 GLU A CD  1 
ATOM   600  O OE1 . GLU A 1 77  ? -18.693 -4.457  12.981  1.00 89.99  ? 310 GLU A OE1 1 
ATOM   601  O OE2 . GLU A 1 77  ? -17.152 -5.538  11.826  1.00 89.85  ? 310 GLU A OE2 1 
ATOM   602  N N   . GLU A 1 78  ? -16.824 0.186   13.121  1.00 85.08  ? 311 GLU A N   1 
ATOM   603  C CA  . GLU A 1 78  ? -16.999 1.144   12.045  1.00 88.92  ? 311 GLU A CA  1 
ATOM   604  C C   . GLU A 1 78  ? -15.944 2.226   12.152  1.00 88.70  ? 311 GLU A C   1 
ATOM   605  O O   . GLU A 1 78  ? -15.216 2.506   11.192  1.00 89.90  ? 311 GLU A O   1 
ATOM   606  C CB  . GLU A 1 78  ? -18.364 1.794   12.153  1.00 91.92  ? 311 GLU A CB  1 
ATOM   607  C CG  . GLU A 1 78  ? -19.318 1.463   11.044  1.00 101.48 ? 311 GLU A CG  1 
ATOM   608  C CD  . GLU A 1 78  ? -20.703 2.014   11.348  1.00 108.12 ? 311 GLU A CD  1 
ATOM   609  O OE1 . GLU A 1 78  ? -20.783 3.058   12.039  1.00 111.21 ? 311 GLU A OE1 1 
ATOM   610  O OE2 . GLU A 1 78  ? -21.712 1.422   10.901  1.00 112.12 ? 311 GLU A OE2 1 
ATOM   611  N N   . GLU A 1 79  ? -15.875 2.829   13.332  1.00 88.97  ? 312 GLU A N   1 
ATOM   612  C CA  . GLU A 1 79  ? -14.932 3.895   13.588  1.00 90.18  ? 312 GLU A CA  1 
ATOM   613  C C   . GLU A 1 79  ? -13.532 3.503   13.122  1.00 90.16  ? 312 GLU A C   1 
ATOM   614  O O   . GLU A 1 79  ? -12.876 4.263   12.399  1.00 92.09  ? 312 GLU A O   1 
ATOM   615  C CB  . GLU A 1 79  ? -14.933 4.218   15.079  1.00 90.52  ? 312 GLU A CB  1 
ATOM   616  C CG  . GLU A 1 79  ? -14.705 5.597   15.299  1.00 98.03  ? 312 GLU A CG  1 
ATOM   617  N N   . HIS A 1 80  ? -13.088 2.312   13.525  1.00 88.21  ? 313 HIS A N   1 
ATOM   618  C CA  . HIS A 1 80  ? -11.765 1.835   13.152  1.00 86.16  ? 313 HIS A CA  1 
ATOM   619  C C   . HIS A 1 80  ? -11.667 1.717   11.647  1.00 83.15  ? 313 HIS A C   1 
ATOM   620  O O   . HIS A 1 80  ? -10.702 2.190   11.052  1.00 83.45  ? 313 HIS A O   1 
ATOM   621  C CB  . HIS A 1 80  ? -11.463 0.478   13.801  1.00 89.50  ? 313 HIS A CB  1 
ATOM   622  C CG  . HIS A 1 80  ? -10.131 -0.115  13.401  1.00 93.55  ? 313 HIS A CG  1 
ATOM   623  N ND1 . HIS A 1 80  ? -10.026 -1.298  12.691  1.00 95.86  ? 313 HIS A ND1 1 
ATOM   624  C CD2 . HIS A 1 80  ? -8.860  0.292   13.621  1.00 95.46  ? 313 HIS A CD2 1 
ATOM   625  C CE1 . HIS A 1 80  ? -8.756  -1.587  12.493  1.00 97.18  ? 313 HIS A CE1 1 
ATOM   626  N NE2 . HIS A 1 80  ? -8.019  -0.638  13.047  1.00 98.53  ? 313 HIS A NE2 1 
ATOM   627  N N   . LYS A 1 81  ? -12.674 1.109   11.030  1.00 80.95  ? 314 LYS A N   1 
ATOM   628  C CA  . LYS A 1 81  ? -12.663 0.929   9.588   1.00 80.63  ? 314 LYS A CA  1 
ATOM   629  C C   . LYS A 1 81  ? -12.624 2.277   8.881   1.00 79.67  ? 314 LYS A C   1 
ATOM   630  O O   . LYS A 1 81  ? -11.998 2.411   7.824   1.00 77.38  ? 314 LYS A O   1 
ATOM   631  C CB  . LYS A 1 81  ? -13.892 0.145   9.137   1.00 78.54  ? 314 LYS A CB  1 
ATOM   632  C CG  . LYS A 1 81  ? -13.833 -0.094  7.744   1.00 81.43  ? 314 LYS A CG  1 
ATOM   633  N N   . ARG A 1 82  ? -13.294 3.266   9.473   1.00 80.42  ? 315 ARG A N   1 
ATOM   634  C CA  . ARG A 1 82  ? -13.342 4.599   8.904   1.00 84.21  ? 315 ARG A CA  1 
ATOM   635  C C   . ARG A 1 82  ? -11.954 5.197   8.975   1.00 82.54  ? 315 ARG A C   1 
ATOM   636  O O   . ARG A 1 82  ? -11.407 5.609   7.955   1.00 83.29  ? 315 ARG A O   1 
ATOM   637  C CB  . ARG A 1 82  ? -14.347 5.479   9.664   1.00 88.15  ? 315 ARG A CB  1 
ATOM   638  C CG  . ARG A 1 82  ? -14.307 6.986   9.314   1.00 97.44  ? 315 ARG A CG  1 
ATOM   639  C CD  . ARG A 1 82  ? -13.686 7.786   10.469  1.00 106.98 ? 315 ARG A CD  1 
ATOM   640  N NE  . ARG A 1 82  ? -13.237 9.140   10.109  1.00 112.59 ? 315 ARG A NE  1 
ATOM   641  C CZ  . ARG A 1 82  ? -12.487 9.913   10.900  1.00 115.50 ? 315 ARG A CZ  1 
ATOM   642  N NH1 . ARG A 1 82  ? -12.101 9.471   12.093  1.00 116.88 ? 315 ARG A NH1 1 
ATOM   643  N NH2 . ARG A 1 82  ? -12.111 11.129  10.504  1.00 116.98 ? 315 ARG A NH2 1 
ATOM   644  N N   . MET A 1 83  ? -11.388 5.236   10.180  1.00 81.70  ? 316 MET A N   1 
ATOM   645  C CA  . MET A 1 83  ? -10.046 5.778   10.392  1.00 82.72  ? 316 MET A CA  1 
ATOM   646  C C   . MET A 1 83  ? -8.982  5.055   9.575   1.00 79.56  ? 316 MET A C   1 
ATOM   647  O O   . MET A 1 83  ? -8.053  5.669   9.068   1.00 78.03  ? 316 MET A O   1 
ATOM   648  C CB  . MET A 1 83  ? -9.668  5.692   11.866  1.00 86.86  ? 316 MET A CB  1 
ATOM   649  C CG  . MET A 1 83  ? -10.428 6.657   12.759  1.00 96.40  ? 316 MET A CG  1 
ATOM   650  S SD  . MET A 1 83  ? -9.632  6.806   14.382  1.00 105.52 ? 316 MET A SD  1 
ATOM   651  C CE  . MET A 1 83  ? -10.946 7.579   15.368  1.00 112.69 ? 316 MET A CE  1 
ATOM   652  N N   . ARG A 1 84  ? -9.127  3.741   9.451   1.00 82.24  ? 317 ARG A N   1 
ATOM   653  C CA  . ARG A 1 84  ? -8.162  2.949   8.711   1.00 82.94  ? 317 ARG A CA  1 
ATOM   654  C C   . ARG A 1 84  ? -8.147  3.376   7.248   1.00 84.19  ? 317 ARG A C   1 
ATOM   655  O O   . ARG A 1 84  ? -7.091  3.532   6.639   1.00 84.88  ? 317 ARG A O   1 
ATOM   656  C CB  . ARG A 1 84  ? -8.493  1.464   8.838   1.00 81.34  ? 317 ARG A CB  1 
ATOM   657  C CG  . ARG A 1 84  ? -7.391  0.680   8.421   1.00 83.01  ? 317 ARG A CG  1 
ATOM   658  N N   . LYS A 1 85  ? -9.331  3.580   6.688   1.00 84.81  ? 318 LYS A N   1 
ATOM   659  C CA  . LYS A 1 85  ? -9.445  3.991   5.301   1.00 85.29  ? 318 LYS A CA  1 
ATOM   660  C C   . LYS A 1 85  ? -8.956  5.417   5.095   1.00 85.75  ? 318 LYS A C   1 
ATOM   661  O O   . LYS A 1 85  ? -8.503  5.766   4.018   1.00 85.25  ? 318 LYS A O   1 
ATOM   662  C CB  . LYS A 1 85  ? -10.894 3.882   4.842   1.00 85.03  ? 318 LYS A CB  1 
ATOM   663  C CG  . LYS A 1 85  ? -11.336 2.542   4.889   1.00 84.41  ? 318 LYS A CG  1 
ATOM   664  N N   . GLU A 1 86  ? -9.056  6.251   6.118   1.00 86.62  ? 319 GLU A N   1 
ATOM   665  C CA  . GLU A 1 86  ? -8.607  7.626   5.991   1.00 88.43  ? 319 GLU A CA  1 
ATOM   666  C C   . GLU A 1 86  ? -7.080  7.682   5.927   1.00 86.28  ? 319 GLU A C   1 
ATOM   667  O O   . GLU A 1 86  ? -6.519  8.421   5.118   1.00 86.86  ? 319 GLU A O   1 
ATOM   668  C CB  . GLU A 1 86  ? -9.125  8.453   7.171   1.00 92.36  ? 319 GLU A CB  1 
ATOM   669  C CG  . GLU A 1 86  ? -8.845  9.942   7.068   1.00 98.57  ? 319 GLU A CG  1 
ATOM   670  C CD  . GLU A 1 86  ? -9.435  10.706  8.237   1.00 103.62 ? 319 GLU A CD  1 
ATOM   671  O OE1 . GLU A 1 86  ? -9.337  10.204  9.389   1.00 107.17 ? 319 GLU A OE1 1 
ATOM   672  O OE2 . GLU A 1 86  ? -9.995  11.807  8.013   1.00 106.98 ? 319 GLU A OE2 1 
ATOM   673  N N   . ILE A 1 87  ? -6.418  6.882   6.767   1.00 84.56  ? 320 ILE A N   1 
ATOM   674  C CA  . ILE A 1 87  ? -4.952  6.824   6.831   1.00 81.66  ? 320 ILE A CA  1 
ATOM   675  C C   . ILE A 1 87  ? -4.342  6.185   5.569   1.00 79.27  ? 320 ILE A C   1 
ATOM   676  O O   . ILE A 1 87  ? -3.248  6.558   5.138   1.00 78.57  ? 320 ILE A O   1 
ATOM   677  C CB  . ILE A 1 87  ? -4.491  6.010   8.076   1.00 81.68  ? 320 ILE A CB  1 
ATOM   678  C CG1 . ILE A 1 87  ? -3.309  6.701   8.763   1.00 81.41  ? 320 ILE A CG1 1 
ATOM   679  C CG2 . ILE A 1 87  ? -4.133  4.585   7.669   1.00 81.50  ? 320 ILE A CG2 1 
ATOM   680  C CD1 . ILE A 1 87  ? -2.745  5.917   9.927   1.00 82.99  ? 320 ILE A CD1 1 
ATOM   681  N N   . GLU A 1 88  ? -5.053  5.230   4.978   1.00 76.21  ? 321 GLU A N   1 
ATOM   682  C CA  . GLU A 1 88  ? -4.571  4.547   3.784   1.00 73.66  ? 321 GLU A CA  1 
ATOM   683  C C   . GLU A 1 88  ? -4.654  5.438   2.551   1.00 71.88  ? 321 GLU A C   1 
ATOM   684  O O   . GLU A 1 88  ? -3.668  5.593   1.828   1.00 70.77  ? 321 GLU A O   1 
ATOM   685  C CB  . GLU A 1 88  ? -5.370  3.266   3.555   1.00 74.29  ? 321 GLU A CB  1 
ATOM   686  C CG  . GLU A 1 88  ? -5.213  2.262   4.684   1.00 76.12  ? 321 GLU A CG  1 
ATOM   687  C CD  . GLU A 1 88  ? -5.893  0.940   4.406   1.00 76.89  ? 321 GLU A CD  1 
ATOM   688  O OE1 . GLU A 1 88  ? -6.429  0.761   3.288   1.00 78.65  ? 321 GLU A OE1 1 
ATOM   689  O OE2 . GLU A 1 88  ? -5.886  0.080   5.313   1.00 76.51  ? 321 GLU A OE2 1 
ATOM   690  N N   . ALA A 1 89  ? -5.830  6.021   2.310   1.00 69.85  ? 322 ALA A N   1 
ATOM   691  C CA  . ALA A 1 89  ? -6.026  6.904   1.172   1.00 67.37  ? 322 ALA A CA  1 
ATOM   692  C C   . ALA A 1 89  ? -4.870  7.892   1.167   1.00 67.86  ? 322 ALA A C   1 
ATOM   693  O O   . ALA A 1 89  ? -4.236  8.105   0.142   1.00 64.97  ? 322 ALA A O   1 
ATOM   694  C CB  . ALA A 1 89  ? -7.346  7.631   1.296   1.00 66.21  ? 322 ALA A CB  1 
ATOM   695  N N   . VAL A 1 90  ? -4.597  8.484   2.324   1.00 69.68  ? 323 VAL A N   1 
ATOM   696  C CA  . VAL A 1 90  ? -3.492  9.427   2.447   1.00 69.35  ? 323 VAL A CA  1 
ATOM   697  C C   . VAL A 1 90  ? -2.191  8.708   2.079   1.00 73.02  ? 323 VAL A C   1 
ATOM   698  O O   . VAL A 1 90  ? -1.461  9.151   1.196   1.00 73.11  ? 323 VAL A O   1 
ATOM   699  C CB  . VAL A 1 90  ? -3.381  9.990   3.900   1.00 67.74  ? 323 VAL A CB  1 
ATOM   700  C CG1 . VAL A 1 90  ? -2.113  10.824  4.062   1.00 64.59  ? 323 VAL A CG1 1 
ATOM   701  C CG2 . VAL A 1 90  ? -4.604  10.815  4.227   1.00 66.14  ? 323 VAL A CG2 1 
ATOM   702  N N   . HIS A 1 91  ? -1.918  7.596   2.747   1.00 72.97  ? 324 HIS A N   1 
ATOM   703  C CA  . HIS A 1 91  ? -0.712  6.850   2.474   1.00 73.93  ? 324 HIS A CA  1 
ATOM   704  C C   . HIS A 1 91  ? -0.543  6.538   0.978   1.00 75.28  ? 324 HIS A C   1 
ATOM   705  O O   . HIS A 1 91  ? 0.476   6.905   0.385   1.00 75.72  ? 324 HIS A O   1 
ATOM   706  C CB  . HIS A 1 91  ? -0.715  5.558   3.307   1.00 76.34  ? 324 HIS A CB  1 
ATOM   707  C CG  . HIS A 1 91  ? 0.456   4.642   3.039   1.00 75.16  ? 324 HIS A CG  1 
ATOM   708  N ND1 . HIS A 1 91  ? 1.756   5.001   3.332   1.00 73.74  ? 324 HIS A ND1 1 
ATOM   709  C CD2 . HIS A 1 91  ? 0.510   3.417   2.493   1.00 74.25  ? 324 HIS A CD2 1 
ATOM   710  C CE1 . HIS A 1 91  ? 2.564   4.021   2.969   1.00 74.29  ? 324 HIS A CE1 1 
ATOM   711  N NE2 . HIS A 1 91  ? 1.843   3.046   2.456   1.00 75.20  ? 324 HIS A NE2 1 
ATOM   712  N N   . GLU A 1 92  ? -1.544  5.896   0.366   1.00 76.00  ? 325 GLU A N   1 
ATOM   713  C CA  . GLU A 1 92  ? -1.460  5.523   -1.046  1.00 75.23  ? 325 GLU A CA  1 
ATOM   714  C C   . GLU A 1 92  ? -1.230  6.732   -1.931  1.00 75.14  ? 325 GLU A C   1 
ATOM   715  O O   . GLU A 1 92  ? -0.639  6.611   -2.996  1.00 74.76  ? 325 GLU A O   1 
ATOM   716  C CB  . GLU A 1 92  ? -2.719  4.773   -1.490  1.00 74.62  ? 325 GLU A CB  1 
ATOM   717  N N   . GLU A 1 93  ? -1.689  7.901   -1.489  1.00 72.92  ? 326 GLU A N   1 
ATOM   718  C CA  . GLU A 1 93  ? -1.504  9.125   -2.261  1.00 71.80  ? 326 GLU A CA  1 
ATOM   719  C C   . GLU A 1 93  ? -0.066  9.629   -2.222  1.00 71.31  ? 326 GLU A C   1 
ATOM   720  O O   . GLU A 1 93  ? 0.483   10.067  -3.234  1.00 71.35  ? 326 GLU A O   1 
ATOM   721  C CB  . GLU A 1 93  ? -2.446  10.210  -1.762  1.00 73.06  ? 326 GLU A CB  1 
ATOM   722  C CG  . GLU A 1 93  ? -3.687  10.146  -2.442  1.00 76.78  ? 326 GLU A CG  1 
ATOM   723  N N   . ARG A 1 94  ? 0.548   9.571   -1.051  1.00 71.13  ? 327 ARG A N   1 
ATOM   724  C CA  . ARG A 1 94  ? 1.921   10.014  -0.937  1.00 69.20  ? 327 ARG A CA  1 
ATOM   725  C C   . ARG A 1 94  ? 2.828   9.026   -1.625  1.00 69.32  ? 327 ARG A C   1 
ATOM   726  O O   . ARG A 1 94  ? 3.729   9.428   -2.350  1.00 68.48  ? 327 ARG A O   1 
ATOM   727  C CB  . ARG A 1 94  ? 2.343   10.136  0.515   1.00 67.07  ? 327 ARG A CB  1 
ATOM   728  C CG  . ARG A 1 94  ? 1.541   11.124  1.282   1.00 66.10  ? 327 ARG A CG  1 
ATOM   729  C CD  . ARG A 1 94  ? 1.956   11.105  2.727   1.00 67.57  ? 327 ARG A CD  1 
ATOM   730  N NE  . ARG A 1 94  ? 1.154   12.024  3.526   1.00 67.93  ? 327 ARG A NE  1 
ATOM   731  C CZ  . ARG A 1 94  ? 1.231   12.136  4.845   1.00 66.24  ? 327 ARG A CZ  1 
ATOM   732  N NH1 . ARG A 1 94  ? 2.078   11.392  5.539   1.00 65.42  ? 327 ARG A NH1 1 
ATOM   733  N NH2 . ARG A 1 94  ? 0.439   12.986  5.471   1.00 66.47  ? 327 ARG A NH2 1 
ATOM   734  N N   . VAL A 1 95  ? 2.601   7.734   -1.400  1.00 70.22  ? 328 VAL A N   1 
ATOM   735  C CA  . VAL A 1 95  ? 3.443   6.721   -2.024  1.00 71.03  ? 328 VAL A CA  1 
ATOM   736  C C   . VAL A 1 95  ? 3.400   6.879   -3.539  1.00 73.83  ? 328 VAL A C   1 
ATOM   737  O O   . VAL A 1 95  ? 4.445   6.900   -4.157  1.00 74.59  ? 328 VAL A O   1 
ATOM   738  C CB  . VAL A 1 95  ? 3.025   5.286   -1.615  1.00 69.76  ? 328 VAL A CB  1 
ATOM   739  C CG1 . VAL A 1 95  ? 3.955   4.273   -2.245  1.00 67.25  ? 328 VAL A CG1 1 
ATOM   740  C CG2 . VAL A 1 95  ? 3.058   5.135   -0.102  1.00 67.33  ? 328 VAL A CG2 1 
ATOM   741  N N   . GLN A 1 96  ? 2.214   7.018   -4.138  1.00 76.01  ? 329 GLN A N   1 
ATOM   742  C CA  . GLN A 1 96  ? 2.107   7.205   -5.593  1.00 79.14  ? 329 GLN A CA  1 
ATOM   743  C C   . GLN A 1 96  ? 2.856   8.482   -6.003  1.00 77.38  ? 329 GLN A C   1 
ATOM   744  O O   . GLN A 1 96  ? 3.658   8.487   -6.940  1.00 76.09  ? 329 GLN A O   1 
ATOM   745  C CB  . GLN A 1 96  ? 0.645   7.331   -6.025  1.00 82.67  ? 329 GLN A CB  1 
ATOM   746  C CG  . GLN A 1 96  ? 0.147   6.208   -6.904  1.00 93.91  ? 329 GLN A CG  1 
ATOM   747  C CD  . GLN A 1 96  ? -0.944  5.377   -6.223  1.00 102.27 ? 329 GLN A CD  1 
ATOM   748  O OE1 . GLN A 1 96  ? -0.663  4.321   -5.645  1.00 106.43 ? 329 GLN A OE1 1 
ATOM   749  N NE2 . GLN A 1 96  ? -2.195  5.857   -6.281  1.00 106.49 ? 329 GLN A NE2 1 
ATOM   750  N N   . ALA A 1 97  ? 2.579   9.561   -5.281  1.00 79.35  ? 330 ALA A N   1 
ATOM   751  C CA  . ALA A 1 97  ? 3.204   10.860  -5.518  1.00 80.52  ? 330 ALA A CA  1 
ATOM   752  C C   . ALA A 1 97  ? 4.730   10.773  -5.446  1.00 80.47  ? 330 ALA A C   1 
ATOM   753  O O   . ALA A 1 97  ? 5.426   11.317  -6.302  1.00 79.59  ? 330 ALA A O   1 
ATOM   754  C CB  . ALA A 1 97  ? 2.706   11.855  -4.494  1.00 78.03  ? 330 ALA A CB  1 
ATOM   755  N N   . MET A 1 98  ? 5.237   10.099  -4.414  1.00 83.24  ? 331 MET A N   1 
ATOM   756  C CA  . MET A 1 98  ? 6.668   9.935   -4.212  1.00 85.08  ? 331 MET A CA  1 
ATOM   757  C C   . MET A 1 98  ? 7.266   9.001   -5.242  1.00 84.86  ? 331 MET A C   1 
ATOM   758  O O   . MET A 1 98  ? 8.397   9.217   -5.666  1.00 86.14  ? 331 MET A O   1 
ATOM   759  C CB  . MET A 1 98  ? 6.949   9.421   -2.799  1.00 88.70  ? 331 MET A CB  1 
ATOM   760  C CG  . MET A 1 98  ? 7.144   10.544  -1.802  1.00 94.58  ? 331 MET A CG  1 
ATOM   761  S SD  . MET A 1 98  ? 8.633   11.446  -2.225  1.00 97.91  ? 331 MET A SD  1 
ATOM   762  C CE  . MET A 1 98  ? 8.642   12.719  -0.967  1.00 103.53 ? 331 MET A CE  1 
ATOM   763  N N   . LEU A 1 99  ? 6.515   7.975   -5.648  1.00 83.41  ? 332 LEU A N   1 
ATOM   764  C CA  . LEU A 1 99  ? 6.984   7.025   -6.666  1.00 80.11  ? 332 LEU A CA  1 
ATOM   765  C C   . LEU A 1 99  ? 7.093   7.779   -7.978  1.00 78.87  ? 332 LEU A C   1 
ATOM   766  O O   . LEU A 1 99  ? 8.056   7.642   -8.728  1.00 76.88  ? 332 LEU A O   1 
ATOM   767  C CB  . LEU A 1 99  ? 5.998   5.866   -6.855  1.00 77.17  ? 332 LEU A CB  1 
ATOM   768  C CG  . LEU A 1 99  ? 6.206   4.585   -6.037  1.00 75.53  ? 332 LEU A CG  1 
ATOM   769  C CD1 . LEU A 1 99  ? 4.974   3.734   -6.151  1.00 72.67  ? 332 LEU A CD1 1 
ATOM   770  C CD2 . LEU A 1 99  ? 7.430   3.810   -6.500  1.00 72.72  ? 332 LEU A CD2 1 
ATOM   771  N N   . ASN A 1 100 ? 6.083   8.587   -8.249  1.00 74.80  ? 333 ASN A N   1 
ATOM   772  C CA  . ASN A 1 100 ? 6.093   9.352   -9.473  1.00 73.91  ? 333 ASN A CA  1 
ATOM   773  C C   . ASN A 1 100 ? 7.335   10.214  -9.557  1.00 73.97  ? 333 ASN A C   1 
ATOM   774  O O   . ASN A 1 100 ? 7.965   10.329  -10.601 1.00 74.41  ? 333 ASN A O   1 
ATOM   775  C CB  . ASN A 1 100 ? 4.850   10.216  -9.564  1.00 71.59  ? 333 ASN A CB  1 
ATOM   776  C CG  . ASN A 1 100 ? 3.688   9.464   -10.119 1.00 69.78  ? 333 ASN A CG  1 
ATOM   777  O OD1 . ASN A 1 100 ? 3.837   8.694   -11.061 1.00 67.71  ? 333 ASN A OD1 1 
ATOM   778  N ND2 . ASN A 1 100 ? 2.515   9.684   -9.551  1.00 70.09  ? 333 ASN A ND2 1 
ATOM   779  N N   . GLU A 1 101 ? 7.687   10.825  -8.442  1.00 76.63  ? 334 GLU A N   1 
ATOM   780  C CA  . GLU A 1 101 ? 8.861   11.672  -8.387  1.00 77.51  ? 334 GLU A CA  1 
ATOM   781  C C   . GLU A 1 101 ? 10.099  10.896  -8.817  1.00 76.60  ? 334 GLU A C   1 
ATOM   782  O O   . GLU A 1 101 ? 10.906  11.392  -9.598  1.00 77.12  ? 334 GLU A O   1 
ATOM   783  C CB  . GLU A 1 101 ? 9.037   12.181  -6.967  1.00 80.87  ? 334 GLU A CB  1 
ATOM   784  C CG  . GLU A 1 101 ? 10.131  13.211  -6.784  1.00 87.28  ? 334 GLU A CG  1 
ATOM   785  C CD  . GLU A 1 101 ? 10.294  13.571  -5.319  1.00 91.76  ? 334 GLU A CD  1 
ATOM   786  O OE1 . GLU A 1 101 ? 10.749  12.697  -4.546  1.00 94.02  ? 334 GLU A OE1 1 
ATOM   787  O OE2 . GLU A 1 101 ? 9.946   14.712  -4.940  1.00 94.31  ? 334 GLU A OE2 1 
ATOM   788  N N   . LYS A 1 102 ? 10.255  9.680   -8.305  1.00 75.17  ? 335 LYS A N   1 
ATOM   789  C CA  . LYS A 1 102 ? 11.412  8.887   -8.680  1.00 73.22  ? 335 LYS A CA  1 
ATOM   790  C C   . LYS A 1 102 ? 11.412  8.688   -10.181 1.00 72.80  ? 335 LYS A C   1 
ATOM   791  O O   . LYS A 1 102 ? 12.460  8.776   -10.811 1.00 73.05  ? 335 LYS A O   1 
ATOM   792  C CB  . LYS A 1 102 ? 11.419  7.535   -7.970  1.00 72.59  ? 335 LYS A CB  1 
ATOM   793  C CG  . LYS A 1 102 ? 11.706  7.681   -6.591  1.00 72.85  ? 335 LYS A CG  1 
ATOM   794  N N   . LYS A 1 103 ? 10.235  8.429   -10.752 1.00 71.08  ? 336 LYS A N   1 
ATOM   795  C CA  . LYS A 1 103 ? 10.116  8.232   -12.193 1.00 71.59  ? 336 LYS A CA  1 
ATOM   796  C C   . LYS A 1 103 ? 10.543  9.507   -12.892 1.00 71.27  ? 336 LYS A C   1 
ATOM   797  O O   . LYS A 1 103 ? 11.384  9.488   -13.779 1.00 69.34  ? 336 LYS A O   1 
ATOM   798  C CB  . LYS A 1 103 ? 8.678   7.926   -12.591 1.00 70.37  ? 336 LYS A CB  1 
ATOM   799  C CG  . LYS A 1 103 ? 8.196   6.560   -12.209 1.00 70.67  ? 336 LYS A CG  1 
ATOM   800  C CD  . LYS A 1 103 ? 6.825   6.340   -12.778 1.00 70.21  ? 336 LYS A CD  1 
ATOM   801  C CE  . LYS A 1 103 ? 6.163   5.112   -12.212 1.00 71.19  ? 336 LYS A CE  1 
ATOM   802  N NZ  . LYS A 1 103 ? 4.729   5.141   -12.593 1.00 72.09  ? 336 LYS A NZ  1 
ATOM   803  N N   . ARG A 1 104 ? 9.936   10.612  -12.469 1.00 74.75  ? 337 ARG A N   1 
ATOM   804  C CA  . ARG A 1 104 ? 10.188  11.954  -12.993 1.00 78.39  ? 337 ARG A CA  1 
ATOM   805  C C   . ARG A 1 104 ? 11.685  12.269  -13.019 1.00 76.61  ? 337 ARG A C   1 
ATOM   806  O O   . ARG A 1 104 ? 12.230  12.617  -14.056 1.00 76.34  ? 337 ARG A O   1 
ATOM   807  C CB  . ARG A 1 104 ? 9.433   12.961  -12.120 1.00 82.96  ? 337 ARG A CB  1 
ATOM   808  C CG  . ARG A 1 104 ? 9.383   14.395  -12.607 1.00 93.02  ? 337 ARG A CG  1 
ATOM   809  C CD  . ARG A 1 104 ? 8.763   15.255  -11.509 1.00 101.28 ? 337 ARG A CD  1 
ATOM   810  N NE  . ARG A 1 104 ? 8.640   16.658  -11.886 1.00 109.70 ? 337 ARG A NE  1 
ATOM   811  C CZ  . ARG A 1 104 ? 8.300   17.634  -11.046 1.00 111.89 ? 337 ARG A CZ  1 
ATOM   812  N NH1 . ARG A 1 104 ? 8.051   17.346  -9.776  1.00 111.79 ? 337 ARG A NH1 1 
ATOM   813  N NH2 . ARG A 1 104 ? 8.214   18.896  -11.478 1.00 111.09 ? 337 ARG A NH2 1 
ATOM   814  N N   . ASP A 1 105 ? 12.346  12.136  -11.876 1.00 77.63  ? 338 ASP A N   1 
ATOM   815  C CA  . ASP A 1 105 ? 13.774  12.402  -11.784 1.00 78.59  ? 338 ASP A CA  1 
ATOM   816  C C   . ASP A 1 105 ? 14.642  11.347  -12.457 1.00 77.40  ? 338 ASP A C   1 
ATOM   817  O O   . ASP A 1 105 ? 15.663  11.666  -13.057 1.00 76.90  ? 338 ASP A O   1 
ATOM   818  C CB  . ASP A 1 105 ? 14.183  12.539  -10.318 1.00 81.23  ? 338 ASP A CB  1 
ATOM   819  C CG  . ASP A 1 105 ? 13.466  13.678  -9.637  1.00 86.10  ? 338 ASP A CG  1 
ATOM   820  O OD1 . ASP A 1 105 ? 12.815  14.475  -10.365 1.00 89.08  ? 338 ASP A OD1 1 
ATOM   821  O OD2 . ASP A 1 105 ? 13.547  13.786  -8.391  1.00 87.91  ? 338 ASP A OD2 1 
ATOM   822  N N   . ALA A 1 106 ? 14.255  10.085  -12.347 1.00 77.67  ? 339 ALA A N   1 
ATOM   823  C CA  . ALA A 1 106 ? 15.034  9.032   -12.971 1.00 77.14  ? 339 ALA A CA  1 
ATOM   824  C C   . ALA A 1 106 ? 15.057  9.286   -14.479 1.00 78.39  ? 339 ALA A C   1 
ATOM   825  O O   . ALA A 1 106 ? 16.068  9.054   -15.145 1.00 77.35  ? 339 ALA A O   1 
ATOM   826  C CB  . ALA A 1 106 ? 14.423  7.664   -12.671 1.00 77.96  ? 339 ALA A CB  1 
ATOM   827  N N   . THR A 1 107 ? 13.946  9.781   -15.021 1.00 77.65  ? 340 THR A N   1 
ATOM   828  C CA  . THR A 1 107 ? 13.884  10.054  -16.452 1.00 77.44  ? 340 THR A CA  1 
ATOM   829  C C   . THR A 1 107 ? 14.859  11.167  -16.834 1.00 80.77  ? 340 THR A C   1 
ATOM   830  O O   . THR A 1 107 ? 15.585  11.038  -17.820 1.00 81.61  ? 340 THR A O   1 
ATOM   831  C CB  . THR A 1 107 ? 12.458  10.451  -16.903 1.00 76.52  ? 340 THR A CB  1 
ATOM   832  O OG1 . THR A 1 107 ? 11.553  9.370   -16.663 1.00 75.66  ? 340 THR A OG1 1 
ATOM   833  C CG2 . THR A 1 107 ? 12.440  10.754  -18.385 1.00 75.45  ? 340 THR A CG2 1 
ATOM   834  N N   . HIS A 1 108 ? 14.875  12.250  -16.057 1.00 81.98  ? 341 HIS A N   1 
ATOM   835  C CA  . HIS A 1 108 ? 15.773  13.372  -16.303 1.00 82.46  ? 341 HIS A CA  1 
ATOM   836  C C   . HIS A 1 108 ? 17.222  12.892  -16.379 1.00 83.36  ? 341 HIS A C   1 
ATOM   837  O O   . HIS A 1 108 ? 17.932  13.160  -17.349 1.00 82.88  ? 341 HIS A O   1 
ATOM   838  C CB  . HIS A 1 108 ? 15.645  14.407  -15.186 1.00 82.99  ? 341 HIS A CB  1 
ATOM   839  C CG  . HIS A 1 108 ? 16.644  15.524  -15.278 1.00 82.88  ? 341 HIS A CG  1 
ATOM   840  N ND1 . HIS A 1 108 ? 16.431  16.652  -16.041 1.00 81.13  ? 341 HIS A ND1 1 
ATOM   841  C CD2 . HIS A 1 108 ? 17.875  15.667  -14.732 1.00 81.45  ? 341 HIS A CD2 1 
ATOM   842  C CE1 . HIS A 1 108 ? 17.487  17.441  -15.963 1.00 82.33  ? 341 HIS A CE1 1 
ATOM   843  N NE2 . HIS A 1 108 ? 18.380  16.864  -15.174 1.00 82.83  ? 341 HIS A NE2 1 
ATOM   844  N N   . ASP A 1 109 ? 17.678  12.191  -15.351 1.00 84.10  ? 342 ASP A N   1 
ATOM   845  C CA  . ASP A 1 109 ? 19.040  11.697  -15.393 1.00 85.25  ? 342 ASP A CA  1 
ATOM   846  C C   . ASP A 1 109 ? 19.247  10.882  -16.673 1.00 84.80  ? 342 ASP A C   1 
ATOM   847  O O   . ASP A 1 109 ? 20.349  10.871  -17.234 1.00 86.09  ? 342 ASP A O   1 
ATOM   848  C CB  . ASP A 1 109 ? 19.350  10.818  -14.173 1.00 89.03  ? 342 ASP A CB  1 
ATOM   849  C CG  . ASP A 1 109 ? 19.315  11.592  -12.867 1.00 94.39  ? 342 ASP A CG  1 
ATOM   850  O OD1 . ASP A 1 109 ? 19.744  12.768  -12.848 1.00 97.59  ? 342 ASP A OD1 1 
ATOM   851  O OD2 . ASP A 1 109 ? 18.864  11.016  -11.850 1.00 96.91  ? 342 ASP A OD2 1 
ATOM   852  N N   . TYR A 1 110 ? 18.184  10.220  -17.140 1.00 81.66  ? 343 TYR A N   1 
ATOM   853  C CA  . TYR A 1 110 ? 18.269  9.374   -18.331 1.00 78.23  ? 343 TYR A CA  1 
ATOM   854  C C   . TYR A 1 110 ? 18.428  10.142  -19.606 1.00 80.08  ? 343 TYR A C   1 
ATOM   855  O O   . TYR A 1 110 ? 19.327  9.856   -20.400 1.00 78.72  ? 343 TYR A O   1 
ATOM   856  C CB  . TYR A 1 110 ? 17.037  8.496   -18.487 1.00 72.26  ? 343 TYR A CB  1 
ATOM   857  C CG  . TYR A 1 110 ? 17.084  7.612   -19.723 1.00 62.51  ? 343 TYR A CG  1 
ATOM   858  C CD1 . TYR A 1 110 ? 16.046  7.613   -20.639 1.00 59.07  ? 343 TYR A CD1 1 
ATOM   859  C CD2 . TYR A 1 110 ? 18.141  6.737   -19.936 1.00 60.88  ? 343 TYR A CD2 1 
ATOM   860  C CE1 . TYR A 1 110 ? 16.047  6.766   -21.729 1.00 56.77  ? 343 TYR A CE1 1 
ATOM   861  C CE2 . TYR A 1 110 ? 18.156  5.877   -21.024 1.00 57.83  ? 343 TYR A CE2 1 
ATOM   862  C CZ  . TYR A 1 110 ? 17.101  5.895   -21.919 1.00 59.36  ? 343 TYR A CZ  1 
ATOM   863  O OH  . TYR A 1 110 ? 17.089  5.030   -22.992 1.00 59.45  ? 343 TYR A OH  1 
ATOM   864  N N   . ARG A 1 111 ? 17.536  11.098  -19.827 1.00 80.67  ? 344 ARG A N   1 
ATOM   865  C CA  . ARG A 1 111 ? 17.610  11.891  -21.034 1.00 82.77  ? 344 ARG A CA  1 
ATOM   866  C C   . ARG A 1 111 ? 18.840  12.788  -21.086 1.00 84.87  ? 344 ARG A C   1 
ATOM   867  O O   . ARG A 1 111 ? 19.282  13.162  -22.177 1.00 86.07  ? 344 ARG A O   1 
ATOM   868  C CB  . ARG A 1 111 ? 16.338  12.705  -21.201 1.00 82.74  ? 344 ARG A CB  1 
ATOM   869  C CG  . ARG A 1 111 ? 15.156  11.854  -21.615 1.00 80.17  ? 344 ARG A CG  1 
ATOM   870  C CD  . ARG A 1 111 ? 14.482  12.465  -22.820 1.00 79.75  ? 344 ARG A CD  1 
ATOM   871  N NE  . ARG A 1 111 ? 14.554  11.633  -24.028 1.00 80.69  ? 344 ARG A NE  1 
ATOM   872  C CZ  . ARG A 1 111 ? 14.272  12.069  -25.265 1.00 83.82  ? 344 ARG A CZ  1 
ATOM   873  N NH1 . ARG A 1 111 ? 13.912  13.340  -25.479 1.00 83.52  ? 344 ARG A NH1 1 
ATOM   874  N NH2 . ARG A 1 111 ? 14.308  11.226  -26.296 1.00 83.87  ? 344 ARG A NH2 1 
ATOM   875  N N   . GLN A 1 112 ? 19.390  13.147  -19.925 1.00 88.26  ? 345 GLN A N   1 
ATOM   876  C CA  . GLN A 1 112 ? 20.607  13.962  -19.915 1.00 89.96  ? 345 GLN A CA  1 
ATOM   877  C C   . GLN A 1 112 ? 21.709  12.991  -20.312 1.00 90.97  ? 345 GLN A C   1 
ATOM   878  O O   . GLN A 1 112 ? 22.498  13.263  -21.220 1.00 90.62  ? 345 GLN A O   1 
ATOM   879  C CB  . GLN A 1 112 ? 20.907  14.550  -18.525 1.00 89.16  ? 345 GLN A CB  1 
ATOM   880  C CG  . GLN A 1 112 ? 21.300  16.030  -18.575 1.00 91.15  ? 345 GLN A CG  1 
ATOM   881  C CD  . GLN A 1 112 ? 21.364  16.636  -17.192 1.00 92.88  ? 345 GLN A CD  1 
ATOM   882  O OE1 . GLN A 1 112 ? 20.904  17.764  -16.949 1.00 91.86  ? 345 GLN A OE1 1 
ATOM   883  N NE2 . GLN A 1 112 ? 21.942  15.885  -16.264 1.00 92.98  ? 345 GLN A NE2 1 
ATOM   884  N N   . ALA A 1 113 ? 21.726  11.840  -19.644 1.00 91.47  ? 346 ALA A N   1 
ATOM   885  C CA  . ALA A 1 113 ? 22.711  10.806  -19.912 1.00 92.15  ? 346 ALA A CA  1 
ATOM   886  C C   . ALA A 1 113 ? 22.830  10.552  -21.419 1.00 92.59  ? 346 ALA A C   1 
ATOM   887  O O   . ALA A 1 113 ? 23.918  10.265  -21.938 1.00 92.99  ? 346 ALA A O   1 
ATOM   888  C CB  . ALA A 1 113 ? 22.320  9.525   -19.188 1.00 93.98  ? 346 ALA A CB  1 
ATOM   889  N N   . LEU A 1 114 ? 21.712  10.677  -22.130 1.00 92.13  ? 347 LEU A N   1 
ATOM   890  C CA  . LEU A 1 114 ? 21.719  10.428  -23.574 1.00 90.66  ? 347 LEU A CA  1 
ATOM   891  C C   . LEU A 1 114 ? 22.220  11.599  -24.385 1.00 91.31  ? 347 LEU A C   1 
ATOM   892  O O   . LEU A 1 114 ? 22.967  11.409  -25.346 1.00 91.78  ? 347 LEU A O   1 
ATOM   893  C CB  . LEU A 1 114 ? 20.324  10.039  -24.084 1.00 88.08  ? 347 LEU A CB  1 
ATOM   894  C CG  . LEU A 1 114 ? 19.999  8.542   -24.040 1.00 85.66  ? 347 LEU A CG  1 
ATOM   895  C CD1 . LEU A 1 114 ? 18.587  8.329   -24.551 1.00 80.28  ? 347 LEU A CD1 1 
ATOM   896  C CD2 . LEU A 1 114 ? 21.031  7.748   -24.869 1.00 82.02  ? 347 LEU A CD2 1 
ATOM   897  N N   . ALA A 1 115 ? 21.793  12.801  -23.999 1.00 90.33  ? 348 ALA A N   1 
ATOM   898  C CA  . ALA A 1 115 ? 22.189  14.034  -24.675 1.00 88.09  ? 348 ALA A CA  1 
ATOM   899  C C   . ALA A 1 115 ? 23.689  14.220  -24.515 1.00 87.27  ? 348 ALA A C   1 
ATOM   900  O O   . ALA A 1 115 ? 24.390  14.570  -25.475 1.00 85.00  ? 348 ALA A O   1 
ATOM   901  C CB  . ALA A 1 115 ? 21.445  15.219  -24.072 1.00 89.34  ? 348 ALA A CB  1 
ATOM   902  N N   . THR A 1 116 ? 24.179  13.995  -23.296 1.00 85.86  ? 349 THR A N   1 
ATOM   903  C CA  . THR A 1 116 ? 25.606  14.117  -23.026 1.00 85.71  ? 349 THR A CA  1 
ATOM   904  C C   . THR A 1 116 ? 26.349  13.091  -23.874 1.00 88.98  ? 349 THR A C   1 
ATOM   905  O O   . THR A 1 116 ? 27.504  13.295  -24.251 1.00 89.24  ? 349 THR A O   1 
ATOM   906  C CB  . THR A 1 116 ? 25.956  13.865  -21.530 1.00 83.93  ? 349 THR A CB  1 
ATOM   907  O OG1 . THR A 1 116 ? 25.639  15.026  -20.740 1.00 82.08  ? 349 THR A OG1 1 
ATOM   908  C CG2 . THR A 1 116 ? 27.431  13.558  -21.381 1.00 80.00  ? 349 THR A CG2 1 
ATOM   909  N N   . HIS A 1 117 ? 25.680  11.988  -24.192 1.00 90.70  ? 350 HIS A N   1 
ATOM   910  C CA  . HIS A 1 117 ? 26.309  10.945  -24.994 1.00 92.55  ? 350 HIS A CA  1 
ATOM   911  C C   . HIS A 1 117 ? 26.552  11.399  -26.427 1.00 96.31  ? 350 HIS A C   1 
ATOM   912  O O   . HIS A 1 117 ? 27.642  11.191  -26.959 1.00 98.23  ? 350 HIS A O   1 
ATOM   913  C CB  . HIS A 1 117 ? 25.453  9.679   -25.001 1.00 91.79  ? 350 HIS A CB  1 
ATOM   914  C CG  . HIS A 1 117 ? 26.147  8.487   -25.575 1.00 88.66  ? 350 HIS A CG  1 
ATOM   915  N ND1 . HIS A 1 117 ? 27.175  7.827   -24.926 1.00 86.90  ? 350 HIS A ND1 1 
ATOM   916  C CD2 . HIS A 1 117 ? 25.932  7.792   -26.722 1.00 86.43  ? 350 HIS A CD2 1 
ATOM   917  C CE1 . HIS A 1 117 ? 27.552  6.781   -25.637 1.00 84.52  ? 350 HIS A CE1 1 
ATOM   918  N NE2 . HIS A 1 117 ? 26.808  6.740   -26.735 1.00 86.48  ? 350 HIS A NE2 1 
ATOM   919  N N   . VAL A 1 118 ? 25.535  11.994  -27.053 1.00 100.05 ? 351 VAL A N   1 
ATOM   920  C CA  . VAL A 1 118 ? 25.655  12.504  -28.424 1.00 100.18 ? 351 VAL A CA  1 
ATOM   921  C C   . VAL A 1 118 ? 27.087  13.003  -28.684 1.00 108.44 ? 351 VAL A C   1 
ATOM   922  O O   . VAL A 1 118 ? 27.740  12.642  -29.679 1.00 109.30 ? 351 VAL A O   1 
ATOM   923  C CB  . VAL A 1 118 ? 24.649  13.671  -28.667 1.00 97.50  ? 351 VAL A CB  1 
ATOM   924  C CG1 . VAL A 1 118 ? 25.269  14.747  -29.588 1.00 90.06  ? 351 VAL A CG1 1 
ATOM   925  C CG2 . VAL A 1 118 ? 23.369  13.123  -29.289 1.00 91.71  ? 351 VAL A CG2 1 
ATOM   926  N N   . ASN A 1 119 ? 27.561  13.840  -27.768 1.00 114.13 ? 352 ASN A N   1 
ATOM   927  C CA  . ASN A 1 119 ? 28.906  14.383  -27.848 1.00 117.60 ? 352 ASN A CA  1 
ATOM   928  C C   . ASN A 1 119 ? 29.880  13.274  -27.405 1.00 119.26 ? 352 ASN A C   1 
ATOM   929  O O   . ASN A 1 119 ? 30.467  12.572  -28.237 1.00 121.64 ? 352 ASN A O   1 
ATOM   930  C CB  . ASN A 1 119 ? 29.030  15.600  -26.916 1.00 120.88 ? 352 ASN A CB  1 
ATOM   931  C CG  . ASN A 1 119 ? 27.707  16.350  -26.745 1.00 122.77 ? 352 ASN A CG  1 
ATOM   932  O OD1 . ASN A 1 119 ? 27.238  16.564  -25.615 1.00 121.90 ? 352 ASN A OD1 1 
ATOM   933  N ND2 . ASN A 1 119 ? 27.098  16.748  -27.863 1.00 121.29 ? 352 ASN A ND2 1 
ATOM   934  N N   . LYS A 1 120 ? 30.020  13.088  -26.093 1.00 115.92 ? 353 LYS A N   1 
ATOM   935  C CA  . LYS A 1 120 ? 30.956  12.087  -25.598 1.00 112.45 ? 353 LYS A CA  1 
ATOM   936  C C   . LYS A 1 120 ? 30.350  10.933  -24.829 1.00 110.83 ? 353 LYS A C   1 
ATOM   937  O O   . LYS A 1 120 ? 29.447  11.117  -24.018 1.00 109.41 ? 353 LYS A O   1 
ATOM   938  C CB  . LYS A 1 120 ? 32.032  12.738  -24.714 1.00 112.77 ? 353 LYS A CB  1 
ATOM   939  C CG  . LYS A 1 120 ? 31.554  13.295  -23.372 1.00 109.30 ? 353 LYS A CG  1 
ATOM   940  C CD  . LYS A 1 120 ? 30.855  14.630  -23.552 1.00 107.92 ? 353 LYS A CD  1 
ATOM   941  C CE  . LYS A 1 120 ? 30.669  15.333  -22.203 1.00 107.10 ? 353 LYS A CE  1 
ATOM   942  N NZ  . LYS A 1 120 ? 30.084  16.709  -22.340 1.00 106.15 ? 353 LYS A NZ  1 
ATOM   943  N N   . PRO A 1 121 ? 30.876  9.724   -25.057 1.00 107.71 ? 354 PRO A N   1 
ATOM   944  C CA  . PRO A 1 121 ? 30.550  8.407   -24.497 1.00 105.15 ? 354 PRO A CA  1 
ATOM   945  C C   . PRO A 1 121 ? 30.073  8.349   -23.040 1.00 104.62 ? 354 PRO A C   1 
ATOM   946  O O   . PRO A 1 121 ? 30.841  7.961   -22.140 1.00 102.81 ? 354 PRO A O   1 
ATOM   947  C CB  . PRO A 1 121 ? 31.853  7.649   -24.684 1.00 104.60 ? 354 PRO A CB  1 
ATOM   948  C CG  . PRO A 1 121 ? 32.264  8.121   -26.054 1.00 103.14 ? 354 PRO A CG  1 
ATOM   949  C CD  . PRO A 1 121 ? 31.998  9.616   -26.009 1.00 104.70 ? 354 PRO A CD  1 
ATOM   950  N N   . ASN A 1 122 ? 28.803  8.703   -22.813 1.00 102.13 ? 355 ASN A N   1 
ATOM   951  C CA  . ASN A 1 122 ? 28.268  8.661   -21.462 1.00 99.23  ? 355 ASN A CA  1 
ATOM   952  C C   . ASN A 1 122 ? 27.857  7.219   -21.159 1.00 99.14  ? 355 ASN A C   1 
ATOM   953  O O   . ASN A 1 122 ? 27.128  6.947   -20.208 1.00 99.32  ? 355 ASN A O   1 
ATOM   954  C CB  . ASN A 1 122 ? 27.110  9.648   -21.295 1.00 96.85  ? 355 ASN A CB  1 
ATOM   955  C CG  . ASN A 1 122 ? 26.895  10.017  -19.844 1.00 95.45  ? 355 ASN A CG  1 
ATOM   956  O OD1 . ASN A 1 122 ? 27.806  9.864   -19.022 1.00 92.88  ? 355 ASN A OD1 1 
ATOM   957  N ND2 . ASN A 1 122 ? 25.698  10.506  -19.513 1.00 93.38  ? 355 ASN A ND2 1 
ATOM   958  N N   . LYS A 1 123 ? 28.365  6.320   -22.003 1.00 98.07  ? 356 LYS A N   1 
ATOM   959  C CA  . LYS A 1 123 ? 28.195  4.859   -21.921 1.00 97.21  ? 356 LYS A CA  1 
ATOM   960  C C   . LYS A 1 123 ? 27.578  4.336   -20.634 1.00 95.77  ? 356 LYS A C   1 
ATOM   961  O O   . LYS A 1 123 ? 26.387  4.068   -20.598 1.00 94.58  ? 356 LYS A O   1 
ATOM   962  C CB  . LYS A 1 123 ? 29.566  4.186   -22.092 1.00 96.65  ? 356 LYS A CB  1 
ATOM   963  C CG  . LYS A 1 123 ? 30.696  5.006   -21.439 1.00 94.98  ? 356 LYS A CG  1 
ATOM   964  C CD  . LYS A 1 123 ? 31.928  4.184   -21.125 1.00 92.75  ? 356 LYS A CD  1 
ATOM   965  C CE  . LYS A 1 123 ? 32.661  3.833   -22.400 1.00 91.96  ? 356 LYS A CE  1 
ATOM   966  N NZ  . LYS A 1 123 ? 33.123  5.065   -23.103 1.00 91.15  ? 356 LYS A NZ  1 
ATOM   967  N N   . HIS A 1 124 ? 28.410  4.170   -19.601 1.00 95.02  ? 357 HIS A N   1 
ATOM   968  C CA  . HIS A 1 124 ? 28.007  3.678   -18.277 1.00 95.00  ? 357 HIS A CA  1 
ATOM   969  C C   . HIS A 1 124 ? 26.902  4.485   -17.611 1.00 92.47  ? 357 HIS A C   1 
ATOM   970  O O   . HIS A 1 124 ? 25.991  3.910   -17.018 1.00 92.28  ? 357 HIS A O   1 
ATOM   971  C CB  . HIS A 1 124 ? 29.229  3.637   -17.336 1.00 100.66 ? 357 HIS A CB  1 
ATOM   972  C CG  . HIS A 1 124 ? 28.888  3.543   -15.878 1.00 105.89 ? 357 HIS A CG  1 
ATOM   973  N ND1 . HIS A 1 124 ? 28.463  4.632   -15.126 1.00 108.38 ? 357 HIS A ND1 1 
ATOM   974  C CD2 . HIS A 1 124 ? 28.899  2.495   -15.012 1.00 108.41 ? 357 HIS A CD2 1 
ATOM   975  C CE1 . HIS A 1 124 ? 28.234  4.256   -13.888 1.00 110.85 ? 357 HIS A CE1 1 
ATOM   976  N NE2 . HIS A 1 124 ? 28.490  2.955   -13.788 1.00 110.64 ? 357 HIS A NE2 1 
ATOM   977  N N   . SER A 1 125 ? 26.993  5.808   -17.678 1.00 91.76  ? 358 SER A N   1 
ATOM   978  C CA  . SER A 1 125 ? 25.978  6.652   -17.064 1.00 89.61  ? 358 SER A CA  1 
ATOM   979  C C   . SER A 1 125 ? 24.596  6.412   -17.671 1.00 88.73  ? 358 SER A C   1 
ATOM   980  O O   . SER A 1 125 ? 23.598  6.370   -16.949 1.00 88.86  ? 358 SER A O   1 
ATOM   981  C CB  . SER A 1 125 ? 26.360  8.134   -17.198 1.00 89.09  ? 358 SER A CB  1 
ATOM   982  O OG  . SER A 1 125 ? 25.405  8.972   -16.568 1.00 89.02  ? 358 SER A OG  1 
ATOM   983  N N   . VAL A 1 126 ? 24.527  6.250   -18.988 1.00 86.69  ? 359 VAL A N   1 
ATOM   984  C CA  . VAL A 1 126 ? 23.231  6.031   -19.619 1.00 84.03  ? 359 VAL A CA  1 
ATOM   985  C C   . VAL A 1 126 ? 22.513  4.860   -18.968 1.00 85.83  ? 359 VAL A C   1 
ATOM   986  O O   . VAL A 1 126 ? 21.354  4.985   -18.552 1.00 84.93  ? 359 VAL A O   1 
ATOM   987  C CB  . VAL A 1 126 ? 23.370  5.790   -21.138 1.00 83.58  ? 359 VAL A CB  1 
ATOM   988  C CG1 . VAL A 1 126 ? 22.154  5.090   -21.694 1.00 79.36  ? 359 VAL A CG1 1 
ATOM   989  C CG2 . VAL A 1 126 ? 23.510  7.122   -21.830 1.00 83.04  ? 359 VAL A CG2 1 
ATOM   990  N N   . LEU A 1 127 ? 23.225  3.741   -18.860 1.00 83.86  ? 360 LEU A N   1 
ATOM   991  C CA  . LEU A 1 127 ? 22.699  2.507   -18.277 1.00 82.86  ? 360 LEU A CA  1 
ATOM   992  C C   . LEU A 1 127 ? 22.231  2.649   -16.830 1.00 85.56  ? 360 LEU A C   1 
ATOM   993  O O   . LEU A 1 127 ? 21.084  2.358   -16.520 1.00 87.16  ? 360 LEU A O   1 
ATOM   994  C CB  . LEU A 1 127 ? 23.755  1.410   -18.385 1.00 77.13  ? 360 LEU A CB  1 
ATOM   995  C CG  . LEU A 1 127 ? 23.484  0.039   -17.780 1.00 74.13  ? 360 LEU A CG  1 
ATOM   996  C CD1 . LEU A 1 127 ? 22.156  -0.528  -18.263 1.00 73.12  ? 360 LEU A CD1 1 
ATOM   997  C CD2 . LEU A 1 127 ? 24.628  -0.880  -18.172 1.00 71.18  ? 360 LEU A CD2 1 
ATOM   998  N N   . GLN A 1 128 ? 23.111  3.094   -15.946 1.00 88.91  ? 361 GLN A N   1 
ATOM   999  C CA  . GLN A 1 128 ? 22.749  3.275   -14.546 1.00 90.46  ? 361 GLN A CA  1 
ATOM   1000 C C   . GLN A 1 128 ? 21.571  4.228   -14.399 1.00 89.49  ? 361 GLN A C   1 
ATOM   1001 O O   . GLN A 1 128 ? 20.870  4.229   -13.380 1.00 89.98  ? 361 GLN A O   1 
ATOM   1002 C CB  . GLN A 1 128 ? 23.949  3.810   -13.764 1.00 93.01  ? 361 GLN A CB  1 
ATOM   1003 C CG  . GLN A 1 128 ? 24.448  2.868   -12.674 1.00 100.64 ? 361 GLN A CG  1 
ATOM   1004 C CD  . GLN A 1 128 ? 24.878  1.510   -13.251 1.00 105.73 ? 361 GLN A CD  1 
ATOM   1005 O OE1 . GLN A 1 128 ? 24.764  1.303   -14.453 1.00 109.81 ? 361 GLN A OE1 1 
ATOM   1006 N NE2 . GLN A 1 128 ? 25.367  0.586   -12.404 1.00 107.31 ? 361 GLN A NE2 1 
ATOM   1007 N N   . SER A 1 129 ? 21.370  5.046   -15.422 1.00 88.26  ? 362 SER A N   1 
ATOM   1008 C CA  . SER A 1 129 ? 20.281  6.008   -15.433 1.00 86.25  ? 362 SER A CA  1 
ATOM   1009 C C   . SER A 1 129 ? 18.996  5.283   -15.837 1.00 85.22  ? 362 SER A C   1 
ATOM   1010 O O   . SER A 1 129 ? 17.918  5.531   -15.291 1.00 84.05  ? 362 SER A O   1 
ATOM   1011 C CB  . SER A 1 129 ? 20.603  7.123   -16.435 1.00 86.74  ? 362 SER A CB  1 
ATOM   1012 O OG  . SER A 1 129 ? 19.782  8.251   -16.222 1.00 86.80  ? 362 SER A OG  1 
ATOM   1013 N N   . LEU A 1 130 ? 19.138  4.372   -16.800 1.00 83.85  ? 363 LEU A N   1 
ATOM   1014 C CA  . LEU A 1 130 ? 18.023  3.584   -17.312 1.00 80.18  ? 363 LEU A CA  1 
ATOM   1015 C C   . LEU A 1 130 ? 17.566  2.628   -16.241 1.00 79.99  ? 363 LEU A C   1 
ATOM   1016 O O   . LEU A 1 130 ? 16.385  2.589   -15.921 1.00 79.72  ? 363 LEU A O   1 
ATOM   1017 C CB  . LEU A 1 130 ? 18.440  2.795   -18.547 1.00 76.44  ? 363 LEU A CB  1 
ATOM   1018 C CG  . LEU A 1 130 ? 17.323  2.154   -19.354 1.00 72.92  ? 363 LEU A CG  1 
ATOM   1019 C CD1 . LEU A 1 130 ? 16.295  3.195   -19.723 1.00 68.15  ? 363 LEU A CD1 1 
ATOM   1020 C CD2 . LEU A 1 130 ? 17.932  1.535   -20.585 1.00 68.66  ? 363 LEU A CD2 1 
ATOM   1021 N N   . LYS A 1 131 ? 18.508  1.863   -15.692 1.00 76.90  ? 364 LYS A N   1 
ATOM   1022 C CA  . LYS A 1 131 ? 18.210  0.921   -14.625 1.00 75.59  ? 364 LYS A CA  1 
ATOM   1023 C C   . LYS A 1 131 ? 17.493  1.613   -13.471 1.00 74.91  ? 364 LYS A C   1 
ATOM   1024 O O   . LYS A 1 131 ? 16.677  1.008   -12.796 1.00 74.69  ? 364 LYS A O   1 
ATOM   1025 C CB  . LYS A 1 131 ? 19.497  0.263   -14.123 1.00 75.50  ? 364 LYS A CB  1 
ATOM   1026 C CG  . LYS A 1 131 ? 20.220  -0.501  -15.221 1.00 77.00  ? 364 LYS A CG  1 
ATOM   1027 C CD  . LYS A 1 131 ? 21.082  -1.648  -14.712 1.00 76.73  ? 364 LYS A CD  1 
ATOM   1028 C CE  . LYS A 1 131 ? 22.389  -1.167  -14.110 1.00 77.84  ? 364 LYS A CE  1 
ATOM   1029 N NZ  . LYS A 1 131 ? 23.280  -2.329  -13.871 1.00 77.47  ? 364 LYS A NZ  1 
ATOM   1030 N N   . ALA A 1 132 ? 17.801  2.885   -13.245 1.00 74.54  ? 365 ALA A N   1 
ATOM   1031 C CA  . ALA A 1 132 ? 17.163  3.640   -12.177 1.00 71.24  ? 365 ALA A CA  1 
ATOM   1032 C C   . ALA A 1 132 ? 15.705  3.824   -12.543 1.00 69.32  ? 365 ALA A C   1 
ATOM   1033 O O   . ALA A 1 132 ? 14.807  3.633   -11.726 1.00 67.62  ? 365 ALA A O   1 
ATOM   1034 C CB  . ALA A 1 132 ? 17.817  4.987   -12.038 1.00 72.42  ? 365 ALA A CB  1 
ATOM   1035 N N   . TYR A 1 133 ? 15.483  4.214   -13.793 1.00 67.23  ? 366 TYR A N   1 
ATOM   1036 C CA  . TYR A 1 133 ? 14.136  4.435   -14.275 1.00 62.31  ? 366 TYR A CA  1 
ATOM   1037 C C   . TYR A 1 133 ? 13.318  3.152   -14.166 1.00 61.39  ? 366 TYR A C   1 
ATOM   1038 O O   . TYR A 1 133 ? 12.171  3.182   -13.727 1.00 59.68  ? 366 TYR A O   1 
ATOM   1039 C CB  . TYR A 1 133 ? 14.169  4.944   -15.722 1.00 59.66  ? 366 TYR A CB  1 
ATOM   1040 C CG  . TYR A 1 133 ? 12.801  5.039   -16.344 1.00 58.26  ? 366 TYR A CG  1 
ATOM   1041 C CD1 . TYR A 1 133 ? 11.852  5.940   -15.868 1.00 55.51  ? 366 TYR A CD1 1 
ATOM   1042 C CD2 . TYR A 1 133 ? 12.422  4.157   -17.353 1.00 59.50  ? 366 TYR A CD2 1 
ATOM   1043 C CE1 . TYR A 1 133 ? 10.558  5.953   -16.375 1.00 56.29  ? 366 TYR A CE1 1 
ATOM   1044 C CE2 . TYR A 1 133 ? 11.133  4.158   -17.865 1.00 57.24  ? 366 TYR A CE2 1 
ATOM   1045 C CZ  . TYR A 1 133 ? 10.204  5.057   -17.373 1.00 56.37  ? 366 TYR A CZ  1 
ATOM   1046 O OH  . TYR A 1 133 ? 8.925   5.051   -17.869 1.00 51.08  ? 366 TYR A OH  1 
ATOM   1047 N N   . ILE A 1 134 ? 13.924  2.031   -14.557 1.00 58.60  ? 367 ILE A N   1 
ATOM   1048 C CA  . ILE A 1 134 ? 13.275  0.722   -14.527 1.00 56.34  ? 367 ILE A CA  1 
ATOM   1049 C C   . ILE A 1 134 ? 12.866  0.317   -13.115 1.00 58.47  ? 367 ILE A C   1 
ATOM   1050 O O   . ILE A 1 134 ? 11.767  -0.169  -12.911 1.00 57.38  ? 367 ILE A O   1 
ATOM   1051 C CB  . ILE A 1 134 ? 14.188  -0.375  -15.150 1.00 54.11  ? 367 ILE A CB  1 
ATOM   1052 C CG1 . ILE A 1 134 ? 14.261  -0.184  -16.661 1.00 50.64  ? 367 ILE A CG1 1 
ATOM   1053 C CG2 . ILE A 1 134 ? 13.646  -1.769  -14.852 1.00 48.63  ? 367 ILE A CG2 1 
ATOM   1054 C CD1 . ILE A 1 134 ? 15.194  -1.135  -17.350 1.00 47.59  ? 367 ILE A CD1 1 
ATOM   1055 N N   . ARG A 1 135 ? 13.759  0.518   -12.151 1.00 62.74  ? 368 ARG A N   1 
ATOM   1056 C CA  . ARG A 1 135 ? 13.510  0.219   -10.745 1.00 63.61  ? 368 ARG A CA  1 
ATOM   1057 C C   . ARG A 1 135 ? 12.289  1.020   -10.298 1.00 63.99  ? 368 ARG A C   1 
ATOM   1058 O O   . ARG A 1 135 ? 11.444  0.512   -9.561  1.00 64.87  ? 368 ARG A O   1 
ATOM   1059 C CB  . ARG A 1 135 ? 14.723  0.637   -9.903  1.00 65.00  ? 368 ARG A CB  1 
ATOM   1060 C CG  . ARG A 1 135 ? 15.372  -0.479  -9.108  1.00 67.33  ? 368 ARG A CG  1 
ATOM   1061 C CD  . ARG A 1 135 ? 16.615  -0.031  -8.331  1.00 66.96  ? 368 ARG A CD  1 
ATOM   1062 N NE  . ARG A 1 135 ? 17.817  0.073   -9.159  1.00 68.25  ? 368 ARG A NE  1 
ATOM   1063 C CZ  . ARG A 1 135 ? 18.486  1.203   -9.384  1.00 70.88  ? 368 ARG A CZ  1 
ATOM   1064 N NH1 . ARG A 1 135 ? 18.078  2.347   -8.840  1.00 70.62  ? 368 ARG A NH1 1 
ATOM   1065 N NH2 . ARG A 1 135 ? 19.562  1.193   -10.160 1.00 70.28  ? 368 ARG A NH2 1 
ATOM   1066 N N   . ALA A 1 136 ? 12.212  2.276   -10.744 1.00 64.96  ? 369 ALA A N   1 
ATOM   1067 C CA  . ALA A 1 136 ? 11.098  3.165   -10.392 1.00 65.69  ? 369 ALA A CA  1 
ATOM   1068 C C   . ALA A 1 136 ? 9.761   2.671   -10.917 1.00 66.16  ? 369 ALA A C   1 
ATOM   1069 O O   . ALA A 1 136 ? 8.816   2.548   -10.162 1.00 66.61  ? 369 ALA A O   1 
ATOM   1070 C CB  . ALA A 1 136 ? 11.359  4.564   -10.892 1.00 65.55  ? 369 ALA A CB  1 
ATOM   1071 N N   . GLU A 1 137 ? 9.664   2.407   -12.212 1.00 66.42  ? 370 GLU A N   1 
ATOM   1072 C CA  . GLU A 1 137 ? 8.419   1.901   -12.773 1.00 67.00  ? 370 GLU A CA  1 
ATOM   1073 C C   . GLU A 1 137 ? 8.038   0.554   -12.144 1.00 68.12  ? 370 GLU A C   1 
ATOM   1074 O O   . GLU A 1 137 ? 6.893   0.338   -11.737 1.00 66.99  ? 370 GLU A O   1 
ATOM   1075 C CB  . GLU A 1 137 ? 8.563   1.741   -14.281 1.00 64.83  ? 370 GLU A CB  1 
ATOM   1076 C CG  . GLU A 1 137 ? 8.665   3.046   -15.004 1.00 64.93  ? 370 GLU A CG  1 
ATOM   1077 C CD  . GLU A 1 137 ? 7.304   3.653   -15.316 1.00 65.60  ? 370 GLU A CD  1 
ATOM   1078 O OE1 . GLU A 1 137 ? 6.300   3.270   -14.701 1.00 66.54  ? 370 GLU A OE1 1 
ATOM   1079 O OE2 . GLU A 1 137 ? 7.231   4.535   -16.187 1.00 67.44  ? 370 GLU A OE2 1 
ATOM   1080 N N   . GLU A 1 138 ? 9.002   -0.358  -12.067 1.00 68.52  ? 371 GLU A N   1 
ATOM   1081 C CA  . GLU A 1 138 ? 8.742   -1.670  -11.488 1.00 68.57  ? 371 GLU A CA  1 
ATOM   1082 C C   . GLU A 1 138 ? 8.285   -1.578  -10.028 1.00 67.62  ? 371 GLU A C   1 
ATOM   1083 O O   . GLU A 1 138 ? 7.468   -2.376  -9.587  1.00 67.02  ? 371 GLU A O   1 
ATOM   1084 C CB  . GLU A 1 138 ? 9.978   -2.567  -11.617 1.00 69.63  ? 371 GLU A CB  1 
ATOM   1085 C CG  . GLU A 1 138 ? 9.660   -3.965  -12.145 1.00 74.20  ? 371 GLU A CG  1 
ATOM   1086 C CD  . GLU A 1 138 ? 9.018   -3.921  -13.520 1.00 75.85  ? 371 GLU A CD  1 
ATOM   1087 O OE1 . GLU A 1 138 ? 9.599   -3.269  -14.396 1.00 77.40  ? 371 GLU A OE1 1 
ATOM   1088 O OE2 . GLU A 1 138 ? 7.948   -4.524  -13.743 1.00 77.35  ? 371 GLU A OE2 1 
ATOM   1089 N N   . LYS A 1 139 ? 8.791   -0.604  -9.274  1.00 67.25  ? 372 LYS A N   1 
ATOM   1090 C CA  . LYS A 1 139 ? 8.359   -0.451  -7.883  1.00 67.81  ? 372 LYS A CA  1 
ATOM   1091 C C   . LYS A 1 139 ? 6.897   -0.034  -7.853  1.00 67.19  ? 372 LYS A C   1 
ATOM   1092 O O   . LYS A 1 139 ? 6.169   -0.327  -6.896  1.00 67.43  ? 372 LYS A O   1 
ATOM   1093 C CB  . LYS A 1 139 ? 9.206   0.596   -7.158  1.00 68.35  ? 372 LYS A CB  1 
ATOM   1094 C CG  . LYS A 1 139 ? 10.426  0.053   -6.677  1.00 72.23  ? 372 LYS A CG  1 
ATOM   1095 N N   . ASP A 1 140 ? 6.478   0.661   -8.909  1.00 67.76  ? 373 ASP A N   1 
ATOM   1096 C CA  . ASP A 1 140 ? 5.101   1.120   -9.058  1.00 67.13  ? 373 ASP A CA  1 
ATOM   1097 C C   . ASP A 1 140 ? 4.207   -0.084  -9.311  1.00 67.66  ? 373 ASP A C   1 
ATOM   1098 O O   . ASP A 1 140 ? 3.090   -0.137  -8.829  1.00 67.38  ? 373 ASP A O   1 
ATOM   1099 C CB  . ASP A 1 140 ? 5.018   2.111   -10.216 1.00 67.05  ? 373 ASP A CB  1 
ATOM   1100 C CG  . ASP A 1 140 ? 3.652   2.747   -10.351 1.00 67.78  ? 373 ASP A CG  1 
ATOM   1101 O OD1 . ASP A 1 140 ? 2.816   2.581   -9.447  1.00 65.75  ? 373 ASP A OD1 1 
ATOM   1102 O OD2 . ASP A 1 140 ? 3.421   3.419   -11.375 1.00 64.49  ? 373 ASP A OD2 1 
ATOM   1103 N N   . ARG A 1 141 ? 4.698   -1.048  -10.078 1.00 68.51  ? 374 ARG A N   1 
ATOM   1104 C CA  . ARG A 1 141 ? 3.945   -2.265  -10.337 1.00 70.41  ? 374 ARG A CA  1 
ATOM   1105 C C   . ARG A 1 141 ? 3.820   -3.090  -9.044  1.00 72.21  ? 374 ARG A C   1 
ATOM   1106 O O   . ARG A 1 141 ? 2.734   -3.494  -8.670  1.00 72.01  ? 374 ARG A O   1 
ATOM   1107 C CB  . ARG A 1 141 ? 4.645   -3.074  -11.451 1.00 68.14  ? 374 ARG A CB  1 
ATOM   1108 C CG  . ARG A 1 141 ? 4.064   -4.458  -11.762 1.00 63.43  ? 374 ARG A CG  1 
ATOM   1109 C CD  . ARG A 1 141 ? 4.670   -4.973  -13.060 1.00 64.16  ? 374 ARG A CD  1 
ATOM   1110 N NE  . ARG A 1 141 ? 4.113   -6.253  -13.480 1.00 63.65  ? 374 ARG A NE  1 
ATOM   1111 C CZ  . ARG A 1 141 ? 4.336   -7.417  -12.876 1.00 64.29  ? 374 ARG A CZ  1 
ATOM   1112 N NH1 . ARG A 1 141 ? 5.117   -7.478  -11.806 1.00 65.40  ? 374 ARG A NH1 1 
ATOM   1113 N NH2 . ARG A 1 141 ? 3.775   -8.525  -13.347 1.00 64.45  ? 374 ARG A NH2 1 
ATOM   1114 N N   . MET A 1 142 ? 4.942   -3.318  -8.363  1.00 75.40  ? 375 MET A N   1 
ATOM   1115 C CA  . MET A 1 142 ? 4.979   -4.100  -7.117  1.00 81.70  ? 375 MET A CA  1 
ATOM   1116 C C   . MET A 1 142 ? 4.062   -3.583  -6.013  1.00 82.39  ? 375 MET A C   1 
ATOM   1117 O O   . MET A 1 142 ? 3.456   -4.359  -5.262  1.00 83.00  ? 375 MET A O   1 
ATOM   1118 C CB  . MET A 1 142 ? 6.401   -4.174  -6.566  1.00 84.23  ? 375 MET A CB  1 
ATOM   1119 C CG  . MET A 1 142 ? 6.451   -4.588  -5.108  1.00 93.20  ? 375 MET A CG  1 
ATOM   1120 S SD  . MET A 1 142 ? 8.021   -4.106  -4.265  1.00 101.39 ? 375 MET A SD  1 
ATOM   1121 C CE  . MET A 1 142 ? 7.425   -2.790  -3.078  1.00 104.25 ? 375 MET A CE  1 
ATOM   1122 N N   . HIS A 1 143 ? 3.987   -2.265  -5.891  1.00 84.46  ? 376 HIS A N   1 
ATOM   1123 C CA  . HIS A 1 143 ? 3.110   -1.703  -4.890  1.00 86.34  ? 376 HIS A CA  1 
ATOM   1124 C C   . HIS A 1 143 ? 1.680   -1.813  -5.319  1.00 83.01  ? 376 HIS A C   1 
ATOM   1125 O O   . HIS A 1 143 ? 0.807   -2.076  -4.505  1.00 83.19  ? 376 HIS A O   1 
ATOM   1126 C CB  . HIS A 1 143 ? 3.501   -0.263  -4.563  1.00 93.82  ? 376 HIS A CB  1 
ATOM   1127 C CG  . HIS A 1 143 ? 4.405   -0.175  -3.388  1.00 105.01 ? 376 HIS A CG  1 
ATOM   1128 N ND1 . HIS A 1 143 ? 5.089   0.965   -3.032  1.00 110.12 ? 376 HIS A ND1 1 
ATOM   1129 C CD2 . HIS A 1 143 ? 4.745   -1.112  -2.466  1.00 110.24 ? 376 HIS A CD2 1 
ATOM   1130 C CE1 . HIS A 1 143 ? 5.811   0.730   -1.949  1.00 114.83 ? 376 HIS A CE1 1 
ATOM   1131 N NE2 . HIS A 1 143 ? 5.616   -0.528  -1.586  1.00 114.35 ? 376 HIS A NE2 1 
ATOM   1132 N N   . THR A 1 144 ? 1.423   -1.619  -6.603  1.00 80.18  ? 377 THR A N   1 
ATOM   1133 C CA  . THR A 1 144 ? 0.066   -1.706  -7.122  1.00 77.11  ? 377 THR A CA  1 
ATOM   1134 C C   . THR A 1 144 ? -0.421  -3.123  -6.919  1.00 77.59  ? 377 THR A C   1 
ATOM   1135 O O   . THR A 1 144 ? -1.309  -3.361  -6.110  1.00 76.25  ? 377 THR A O   1 
ATOM   1136 C CB  . THR A 1 144 ? 0.036   -1.354  -8.605  1.00 75.53  ? 377 THR A CB  1 
ATOM   1137 O OG1 . THR A 1 144 ? 0.661   -0.076  -8.792  1.00 75.73  ? 377 THR A OG1 1 
ATOM   1138 C CG2 . THR A 1 144 ? -1.389  -1.304  -9.120  1.00 71.08  ? 377 THR A CG2 1 
ATOM   1139 N N   . LEU A 1 145 ? 0.186   -4.067  -7.620  1.00 75.08  ? 378 LEU A N   1 
ATOM   1140 C CA  . LEU A 1 145 ? -0.202  -5.443  -7.457  1.00 74.42  ? 378 LEU A CA  1 
ATOM   1141 C C   . LEU A 1 145 ? -0.415  -5.770  -5.985  1.00 76.61  ? 378 LEU A C   1 
ATOM   1142 O O   . LEU A 1 145 ? -1.415  -6.401  -5.645  1.00 79.05  ? 378 LEU A O   1 
ATOM   1143 C CB  . LEU A 1 145 ? 0.864   -6.360  -8.027  1.00 73.00  ? 378 LEU A CB  1 
ATOM   1144 C CG  . LEU A 1 145 ? 0.834   -6.534  -9.541  1.00 70.77  ? 378 LEU A CG  1 
ATOM   1145 C CD1 . LEU A 1 145 ? 2.093   -7.245  -9.995  1.00 65.32  ? 378 LEU A CD1 1 
ATOM   1146 C CD2 . LEU A 1 145 ? -0.420  -7.309  -9.933  1.00 67.46  ? 378 LEU A CD2 1 
ATOM   1147 N N   . ASN A 1 146 ? 0.498   -5.341  -5.112  1.00 80.83  ? 379 ASN A N   1 
ATOM   1148 C CA  . ASN A 1 146 ? 0.348   -5.617  -3.690  1.00 83.01  ? 379 ASN A CA  1 
ATOM   1149 C C   . ASN A 1 146 ? -0.934  -5.039  -3.113  1.00 85.62  ? 379 ASN A C   1 
ATOM   1150 O O   . ASN A 1 146 ? -1.557  -5.665  -2.269  1.00 87.75  ? 379 ASN A O   1 
ATOM   1151 C CB  . ASN A 1 146 ? 1.577   -5.119  -2.910  1.00 78.22  ? 379 ASN A CB  1 
ATOM   1152 C CG  . ASN A 1 146 ? 2.747   -6.091  -2.987  1.00 79.49  ? 379 ASN A CG  1 
ATOM   1153 O OD1 . ASN A 1 146 ? 3.891   -5.738  -2.673  1.00 78.61  ? 379 ASN A OD1 1 
ATOM   1154 N ND2 . ASN A 1 146 ? 2.469   -7.324  -3.390  1.00 77.28  ? 379 ASN A ND2 1 
ATOM   1155 N N   . ARG A 1 147 ? -1.338  -3.862  -3.575  1.00 87.58  ? 380 ARG A N   1 
ATOM   1156 C CA  . ARG A 1 147 ? -2.567  -3.252  -3.076  1.00 91.06  ? 380 ARG A CA  1 
ATOM   1157 C C   . ARG A 1 147 ? -3.743  -4.148  -3.469  1.00 89.56  ? 380 ARG A C   1 
ATOM   1158 O O   . ARG A 1 147 ? -4.661  -4.353  -2.679  1.00 90.79  ? 380 ARG A O   1 
ATOM   1159 C CB  . ARG A 1 147 ? -2.727  -1.844  -3.663  1.00 96.49  ? 380 ARG A CB  1 
ATOM   1160 C CG  . ARG A 1 147 ? -3.610  -0.853  -2.889  1.00 101.94 ? 380 ARG A CG  1 
ATOM   1161 C CD  . ARG A 1 147 ? -3.377  0.531   -3.461  1.00 109.50 ? 380 ARG A CD  1 
ATOM   1162 N NE  . ARG A 1 147 ? -4.254  1.595   -2.955  1.00 114.63 ? 380 ARG A NE  1 
ATOM   1163 C CZ  . ARG A 1 147 ? -5.517  1.805   -3.339  1.00 115.53 ? 380 ARG A CZ  1 
ATOM   1164 N NH1 . ARG A 1 147 ? -6.100  1.018   -4.237  1.00 115.85 ? 380 ARG A NH1 1 
ATOM   1165 N NH2 . ARG A 1 147 ? -6.183  2.851   -2.861  1.00 114.85 ? 380 ARG A NH2 1 
ATOM   1166 N N   . TYR A 1 148 ? -3.695  -4.699  -4.681  1.00 88.84  ? 381 TYR A N   1 
ATOM   1167 C CA  . TYR A 1 148 ? -4.742  -5.587  -5.180  1.00 87.33  ? 381 TYR A CA  1 
ATOM   1168 C C   . TYR A 1 148 ? -4.771  -6.843  -4.313  1.00 86.92  ? 381 TYR A C   1 
ATOM   1169 O O   . TYR A 1 148 ? -5.815  -7.469  -4.124  1.00 86.41  ? 381 TYR A O   1 
ATOM   1170 C CB  . TYR A 1 148 ? -4.467  -5.958  -6.646  1.00 85.74  ? 381 TYR A CB  1 
ATOM   1171 C CG  . TYR A 1 148 ? -5.491  -6.891  -7.259  1.00 84.76  ? 381 TYR A CG  1 
ATOM   1172 C CD1 . TYR A 1 148 ? -6.827  -6.519  -7.372  1.00 84.12  ? 381 TYR A CD1 1 
ATOM   1173 C CD2 . TYR A 1 148 ? -5.117  -8.150  -7.732  1.00 84.12  ? 381 TYR A CD2 1 
ATOM   1174 C CE1 . TYR A 1 148 ? -7.764  -7.378  -7.941  1.00 85.83  ? 381 TYR A CE1 1 
ATOM   1175 C CE2 . TYR A 1 148 ? -6.048  -9.020  -8.305  1.00 84.49  ? 381 TYR A CE2 1 
ATOM   1176 C CZ  . TYR A 1 148 ? -7.370  -8.623  -8.411  1.00 85.91  ? 381 TYR A CZ  1 
ATOM   1177 O OH  . TYR A 1 148 ? -8.291  -9.441  -9.046  1.00 87.50  ? 381 TYR A OH  1 
ATOM   1178 N N   . ARG A 1 149 ? -3.613  -7.199  -3.768  1.00 86.88  ? 382 ARG A N   1 
ATOM   1179 C CA  . ARG A 1 149 ? -3.507  -8.373  -2.913  1.00 87.78  ? 382 ARG A CA  1 
ATOM   1180 C C   . ARG A 1 149 ? -4.220  -8.144  -1.558  1.00 88.54  ? 382 ARG A C   1 
ATOM   1181 O O   . ARG A 1 149 ? -5.027  -8.971  -1.104  1.00 88.14  ? 382 ARG A O   1 
ATOM   1182 C CB  . ARG A 1 149 ? -2.025  -8.723  -2.705  1.00 87.25  ? 382 ARG A CB  1 
ATOM   1183 N N   . HIS A 1 150 ? -3.928  -7.014  -0.925  1.00 88.75  ? 383 HIS A N   1 
ATOM   1184 C CA  . HIS A 1 150 ? -4.532  -6.666  0.349   1.00 90.23  ? 383 HIS A CA  1 
ATOM   1185 C C   . HIS A 1 150 ? -6.040  -6.523  0.171   1.00 91.81  ? 383 HIS A C   1 
ATOM   1186 O O   . HIS A 1 150 ? -6.827  -7.071  0.946   1.00 93.39  ? 383 HIS A O   1 
ATOM   1187 C CB  . HIS A 1 150 ? -3.931  -5.354  0.876   1.00 91.54  ? 383 HIS A CB  1 
ATOM   1188 C CG  . HIS A 1 150 ? -4.468  -4.998  2.147   1.00 90.13  ? 383 HIS A CG  1 
ATOM   1189 N N   . LEU A 1 151 ? -6.448  -5.799  -0.862  1.00 93.37  ? 384 LEU A N   1 
ATOM   1190 C CA  . LEU A 1 151 ? -7.866  -5.613  -1.106  1.00 94.05  ? 384 LEU A CA  1 
ATOM   1191 C C   . LEU A 1 151 ? -8.541  -6.940  -1.460  1.00 96.26  ? 384 LEU A C   1 
ATOM   1192 O O   . LEU A 1 151 ? -9.724  -7.112  -1.187  1.00 96.42  ? 384 LEU A O   1 
ATOM   1193 C CB  . LEU A 1 151 ? -8.086  -4.575  -2.207  1.00 92.05  ? 384 LEU A CB  1 
ATOM   1194 C CG  . LEU A 1 151 ? -7.821  -3.131  -1.763  1.00 90.56  ? 384 LEU A CG  1 
ATOM   1195 C CD1 . LEU A 1 151 ? -7.196  -2.330  -2.903  1.00 89.42  ? 384 LEU A CD1 1 
ATOM   1196 C CD2 . LEU A 1 151 ? -9.128  -2.494  -1.296  1.00 90.25  ? 384 LEU A CD2 1 
ATOM   1197 N N   . LEU A 1 152 ? -7.809  -7.892  -2.040  1.00 97.66  ? 385 LEU A N   1 
ATOM   1198 C CA  . LEU A 1 152 ? -8.426  -9.177  -2.383  1.00 99.65  ? 385 LEU A CA  1 
ATOM   1199 C C   . LEU A 1 152 ? -8.798  -9.957  -1.124  1.00 103.24 ? 385 LEU A C   1 
ATOM   1200 O O   . LEU A 1 152 ? -9.745  -10.755 -1.122  1.00 106.18 ? 385 LEU A O   1 
ATOM   1201 C CB  . LEU A 1 152 ? -7.491  -10.025 -3.251  1.00 97.52  ? 385 LEU A CB  1 
ATOM   1202 C CG  . LEU A 1 152 ? -7.623  -9.907  -4.779  1.00 95.79  ? 385 LEU A CG  1 
ATOM   1203 C CD1 . LEU A 1 152 ? -6.714  -10.948 -5.450  1.00 92.13  ? 385 LEU A CD1 1 
ATOM   1204 C CD2 . LEU A 1 152 ? -9.086  -10.111 -5.203  1.00 92.08  ? 385 LEU A CD2 1 
ATOM   1205 N N   . LYS A 1 153 ? -8.044  -9.718  -0.052  1.00 108.36 ? 386 LYS A N   1 
ATOM   1206 C CA  . LYS A 1 153 ? -8.269  -10.392 1.231   1.00 110.94 ? 386 LYS A CA  1 
ATOM   1207 C C   . LYS A 1 153 ? -9.173  -9.586  2.197   1.00 113.87 ? 386 LYS A C   1 
ATOM   1208 O O   . LYS A 1 153 ? -9.921  -10.180 2.988   1.00 113.64 ? 386 LYS A O   1 
ATOM   1209 C CB  . LYS A 1 153 ? -6.931  -10.697 1.890   1.00 113.89 ? 386 LYS A CB  1 
ATOM   1210 N N   . ALA A 1 154 ? -9.115  -8.253  2.141   1.00 114.63 ? 387 ALA A N   1 
ATOM   1211 C CA  . ALA A 1 154 ? -9.975  -7.429  2.994   1.00 118.47 ? 387 ALA A CA  1 
ATOM   1212 C C   . ALA A 1 154 ? -11.381 -7.371  2.371   1.00 121.71 ? 387 ALA A C   1 
ATOM   1213 O O   . ALA A 1 154 ? -12.349 -7.846  2.968   1.00 123.07 ? 387 ALA A O   1 
ATOM   1214 C CB  . ALA A 1 154 ? -9.416  -6.032  3.129   1.00 120.84 ? 387 ALA A CB  1 
ATOM   1215 N N   . ASP A 1 155 ? -11.487 -6.808  1.167   1.00 126.03 ? 388 ASP A N   1 
ATOM   1216 C CA  . ASP A 1 155 ? -12.772 -6.695  0.476   1.00 127.89 ? 388 ASP A CA  1 
ATOM   1217 C C   . ASP A 1 155 ? -12.800 -7.349  -0.912  1.00 128.94 ? 388 ASP A C   1 
ATOM   1218 O O   . ASP A 1 155 ? -12.387 -6.740  -1.910  1.00 130.98 ? 388 ASP A O   1 
ATOM   1219 C CB  . ASP A 1 155 ? -13.160 -5.221  0.346   1.00 130.35 ? 388 ASP A CB  1 
ATOM   1220 C CG  . ASP A 1 155 ? -14.416 -5.108  -0.304  1.00 132.65 ? 388 ASP A CG  1 
ATOM   1221 N N   . SER A 1 156 ? -13.298 -8.583  -0.981  1.00 126.58 ? 389 SER A N   1 
ATOM   1222 C CA  . SER A 1 156 ? -13.382 -9.274  -2.263  1.00 123.59 ? 389 SER A CA  1 
ATOM   1223 C C   . SER A 1 156 ? -14.249 -8.432  -3.206  1.00 122.67 ? 389 SER A C   1 
ATOM   1224 O O   . SER A 1 156 ? -14.355 -8.711  -4.409  1.00 121.77 ? 389 SER A O   1 
ATOM   1225 C CB  . SER A 1 156 ? -13.991 -10.660 -2.073  1.00 124.70 ? 389 SER A CB  1 
ATOM   1226 O OG  . SER A 1 156 ? -13.507 -11.535 -3.071  1.00 118.46 ? 389 SER A OG  1 
ATOM   1227 N N   . LYS A 1 157 ? -14.865 -7.400  -2.629  1.00 119.64 ? 390 LYS A N   1 
ATOM   1228 C CA  . LYS A 1 157 ? -15.726 -6.474  -3.349  1.00 117.77 ? 390 LYS A CA  1 
ATOM   1229 C C   . LYS A 1 157 ? -14.920 -5.241  -3.753  1.00 116.42 ? 390 LYS A C   1 
ATOM   1230 O O   . LYS A 1 157 ? -14.681 -5.006  -4.947  1.00 115.58 ? 390 LYS A O   1 
ATOM   1231 C CB  . LYS A 1 157 ? -16.906 -6.066  -2.465  1.00 119.77 ? 390 LYS A CB  1 
ATOM   1232 N N   . GLU A 1 158 ? -14.504 -4.441  -2.773  1.00 114.75 ? 391 GLU A N   1 
ATOM   1233 C CA  . GLU A 1 158 ? -13.705 -3.268  -3.097  1.00 113.89 ? 391 GLU A CA  1 
ATOM   1234 C C   . GLU A 1 158 ? -12.647 -3.735  -4.117  1.00 113.06 ? 391 GLU A C   1 
ATOM   1235 O O   . GLU A 1 158 ? -12.326 -3.054  -5.101  1.00 116.23 ? 391 GLU A O   1 
ATOM   1236 C CB  . GLU A 1 158 ? -13.030 -2.719  -1.830  1.00 117.57 ? 391 GLU A CB  1 
ATOM   1237 N N   . ALA A 1 159 ? -12.150 -4.942  -3.895  1.00 113.82 ? 392 ALA A N   1 
ATOM   1238 C CA  . ALA A 1 159 ? -11.154 -5.513  -4.771  1.00 112.41 ? 392 ALA A CA  1 
ATOM   1239 C C   . ALA A 1 159 ? -11.606 -5.489  -6.241  1.00 111.11 ? 392 ALA A C   1 
ATOM   1240 O O   . ALA A 1 159 ? -10.948 -4.879  -7.092  1.00 108.46 ? 392 ALA A O   1 
ATOM   1241 C CB  . ALA A 1 159 ? -10.837 -6.938  -4.330  1.00 117.48 ? 392 ALA A CB  1 
ATOM   1242 N N   . ALA A 1 160 ? -12.738 -6.125  -6.530  1.00 102.32 ? 393 ALA A N   1 
ATOM   1243 C CA  . ALA A 1 160 ? -13.257 -6.193  -7.898  1.00 99.13  ? 393 ALA A CA  1 
ATOM   1244 C C   . ALA A 1 160 ? -13.396 -4.825  -8.581  1.00 95.23  ? 393 ALA A C   1 
ATOM   1245 O O   . ALA A 1 160 ? -13.268 -4.725  -9.805  1.00 93.78  ? 393 ALA A O   1 
ATOM   1246 C CB  . ALA A 1 160 ? -14.598 -6.919  -7.915  1.00 100.49 ? 393 ALA A CB  1 
ATOM   1247 N N   . ALA A 1 161 ? -13.661 -3.775  -7.809  1.00 96.42  ? 394 ALA A N   1 
ATOM   1248 C CA  . ALA A 1 161 ? -13.789 -2.442  -8.394  1.00 95.75  ? 394 ALA A CA  1 
ATOM   1249 C C   . ALA A 1 161 ? -12.416 -1.790  -8.568  1.00 96.77  ? 394 ALA A C   1 
ATOM   1250 O O   . ALA A 1 161 ? -12.303 -0.562  -8.624  1.00 95.50  ? 394 ALA A O   1 
ATOM   1251 C CB  . ALA A 1 161 ? -14.677 -1.569  -7.515  1.00 94.53  ? 394 ALA A CB  1 
ATOM   1252 N N   . TYR A 1 162 ? -11.380 -2.620  -8.645  1.00 95.95  ? 395 TYR A N   1 
ATOM   1253 C CA  . TYR A 1 162 ? -10.020 -2.135  -8.803  1.00 97.29  ? 395 TYR A CA  1 
ATOM   1254 C C   . TYR A 1 162 ? -9.335  -2.877  -9.952  1.00 100.85 ? 395 TYR A C   1 
ATOM   1255 O O   . TYR A 1 162 ? -8.578  -2.276  -10.712 1.00 102.20 ? 395 TYR A O   1 
ATOM   1256 C CB  . TYR A 1 162 ? -9.254  -2.345  -7.502  1.00 95.66  ? 395 TYR A CB  1 
ATOM   1257 C CG  . TYR A 1 162 ? -7.928  -1.619  -7.371  1.00 90.09  ? 395 TYR A CG  1 
ATOM   1258 C CD1 . TYR A 1 162 ? -7.795  -0.262  -7.686  1.00 87.68  ? 395 TYR A CD1 1 
ATOM   1259 C CD2 . TYR A 1 162 ? -6.820  -2.280  -6.853  1.00 88.81  ? 395 TYR A CD2 1 
ATOM   1260 C CE1 . TYR A 1 162 ? -6.590  0.416   -7.475  1.00 85.47  ? 395 TYR A CE1 1 
ATOM   1261 C CE2 . TYR A 1 162 ? -5.608  -1.614  -6.632  1.00 86.35  ? 395 TYR A CE2 1 
ATOM   1262 C CZ  . TYR A 1 162 ? -5.504  -0.267  -6.944  1.00 86.29  ? 395 TYR A CZ  1 
ATOM   1263 O OH  . TYR A 1 162 ? -4.333  0.411   -6.672  1.00 84.67  ? 395 TYR A OH  1 
ATOM   1264 N N   . LYS A 1 163 ? -9.615  -4.174  -10.095 1.00 104.45 ? 396 LYS A N   1 
ATOM   1265 C CA  . LYS A 1 163 ? -8.990  -4.971  -11.155 1.00 106.35 ? 396 LYS A CA  1 
ATOM   1266 C C   . LYS A 1 163 ? -8.892  -4.247  -12.508 1.00 113.56 ? 396 LYS A C   1 
ATOM   1267 O O   . LYS A 1 163 ? -7.803  -4.155  -13.087 1.00 113.15 ? 396 LYS A O   1 
ATOM   1268 C CB  . LYS A 1 163 ? -9.718  -6.303  -11.345 1.00 102.02 ? 396 LYS A CB  1 
ATOM   1269 C CG  . LYS A 1 163 ? -8.970  -7.273  -12.248 1.00 93.97  ? 396 LYS A CG  1 
ATOM   1270 C CD  . LYS A 1 163 ? -9.598  -8.642  -12.213 1.00 87.96  ? 396 LYS A CD  1 
ATOM   1271 C CE  . LYS A 1 163 ? -8.691  -9.658  -12.861 1.00 85.20  ? 396 LYS A CE  1 
ATOM   1272 N NZ  . LYS A 1 163 ? -9.176  -11.063 -12.675 1.00 83.35  ? 396 LYS A NZ  1 
ATOM   1273 N N   . PRO A 1 164 ? -10.015 -3.720  -13.031 1.00 116.57 ? 397 PRO A N   1 
ATOM   1274 C CA  . PRO A 1 164 ? -9.877  -3.034  -14.325 1.00 115.14 ? 397 PRO A CA  1 
ATOM   1275 C C   . PRO A 1 164 ? -8.758  -2.003  -14.240 1.00 113.87 ? 397 PRO A C   1 
ATOM   1276 O O   . PRO A 1 164 ? -7.992  -1.838  -15.187 1.00 113.99 ? 397 PRO A O   1 
ATOM   1277 C CB  . PRO A 1 164 ? -11.234 -2.359  -14.514 1.00 119.50 ? 397 PRO A CB  1 
ATOM   1278 C CG  . PRO A 1 164 ? -11.604 -2.017  -13.128 1.00 121.74 ? 397 PRO A CG  1 
ATOM   1279 C CD  . PRO A 1 164 ? -11.241 -3.281  -12.350 1.00 119.40 ? 397 PRO A CD  1 
ATOM   1280 N N   . THR A 1 165 ? -8.672  -1.325  -13.097 1.00 106.14 ? 398 THR A N   1 
ATOM   1281 C CA  . THR A 1 165 ? -7.660  -0.299  -12.868 1.00 97.99  ? 398 THR A CA  1 
ATOM   1282 C C   . THR A 1 165 ? -6.254  -0.874  -12.806 1.00 97.79  ? 398 THR A C   1 
ATOM   1283 O O   . THR A 1 165 ? -5.336  -0.377  -13.466 1.00 96.23  ? 398 THR A O   1 
ATOM   1284 C CB  . THR A 1 165 ? -7.938  0.460   -11.560 1.00 96.73  ? 398 THR A CB  1 
ATOM   1285 O OG1 . THR A 1 165 ? -9.211  1.109   -11.655 1.00 92.54  ? 398 THR A OG1 1 
ATOM   1286 C CG2 . THR A 1 165 ? -6.863  1.486   -11.294 1.00 88.28  ? 398 THR A CG2 1 
ATOM   1287 N N   . VAL A 1 166 ? -6.088  -1.928  -12.015 1.00 93.94  ? 399 VAL A N   1 
ATOM   1288 C CA  . VAL A 1 166 ? -4.784  -2.563  -11.872 1.00 88.85  ? 399 VAL A CA  1 
ATOM   1289 C C   . VAL A 1 166 ? -4.270  -2.998  -13.220 1.00 87.08  ? 399 VAL A C   1 
ATOM   1290 O O   . VAL A 1 166 ? -3.084  -2.847  -13.517 1.00 86.44  ? 399 VAL A O   1 
ATOM   1291 C CB  . VAL A 1 166 ? -4.841  -3.818  -10.983 1.00 88.56  ? 399 VAL A CB  1 
ATOM   1292 C CG1 . VAL A 1 166 ? -3.528  -4.586  -11.091 1.00 85.67  ? 399 VAL A CG1 1 
ATOM   1293 C CG2 . VAL A 1 166 ? -5.086  -3.429  -9.537  1.00 86.75  ? 399 VAL A CG2 1 
ATOM   1294 N N   . ILE A 1 167 ? -5.176  -3.539  -14.028 1.00 86.22  ? 400 ILE A N   1 
ATOM   1295 C CA  . ILE A 1 167 ? -4.830  -4.010  -15.356 1.00 85.23  ? 400 ILE A CA  1 
ATOM   1296 C C   . ILE A 1 167 ? -4.417  -2.838  -16.239 1.00 85.01  ? 400 ILE A C   1 
ATOM   1297 O O   . ILE A 1 167 ? -3.554  -2.985  -17.098 1.00 86.43  ? 400 ILE A O   1 
ATOM   1298 C CB  . ILE A 1 167 ? -6.006  -4.769  -16.012 1.00 84.40  ? 400 ILE A CB  1 
ATOM   1299 C CG1 . ILE A 1 167 ? -6.364  -6.009  -15.179 1.00 83.70  ? 400 ILE A CG1 1 
ATOM   1300 C CG2 . ILE A 1 167 ? -5.619  -5.187  -17.430 1.00 85.74  ? 400 ILE A CG2 1 
ATOM   1301 C CD1 . ILE A 1 167 ? -7.595  -6.759  -15.673 1.00 83.85  ? 400 ILE A CD1 1 
ATOM   1302 N N   . HIS A 1 168 ? -5.026  -1.676  -16.021 1.00 84.58  ? 401 HIS A N   1 
ATOM   1303 C CA  . HIS A 1 168 ? -4.691  -0.490  -16.796 1.00 83.16  ? 401 HIS A CA  1 
ATOM   1304 C C   . HIS A 1 168 ? -3.335  0.079   -16.382 1.00 81.90  ? 401 HIS A C   1 
ATOM   1305 O O   . HIS A 1 168 ? -2.577  0.564   -17.206 1.00 82.53  ? 401 HIS A O   1 
ATOM   1306 C CB  . HIS A 1 168 ? -5.768  0.580   -16.628 1.00 83.65  ? 401 HIS A CB  1 
ATOM   1307 C CG  . HIS A 1 168 ? -5.515  1.816   -17.442 1.00 84.75  ? 401 HIS A CG  1 
ATOM   1308 N ND1 . HIS A 1 168 ? -4.942  2.957   -16.918 1.00 84.56  ? 401 HIS A ND1 1 
ATOM   1309 C CD2 . HIS A 1 168 ? -5.719  2.073   -18.756 1.00 84.68  ? 401 HIS A CD2 1 
ATOM   1310 C CE1 . HIS A 1 168 ? -4.805  3.861   -17.871 1.00 83.64  ? 401 HIS A CE1 1 
ATOM   1311 N NE2 . HIS A 1 168 ? -5.269  3.351   -18.998 1.00 84.93  ? 401 HIS A NE2 1 
ATOM   1312 N N   . ARG A 1 169 ? -3.019  0.027   -15.099 1.00 81.38  ? 402 ARG A N   1 
ATOM   1313 C CA  . ARG A 1 169 ? -1.725  0.531   -14.650 1.00 80.24  ? 402 ARG A CA  1 
ATOM   1314 C C   . ARG A 1 169 ? -0.578  -0.336  -15.158 1.00 79.40  ? 402 ARG A C   1 
ATOM   1315 O O   . ARG A 1 169 ? 0.359   0.154   -15.774 1.00 78.76  ? 402 ARG A O   1 
ATOM   1316 C CB  . ARG A 1 169 ? -1.659  0.546   -13.139 1.00 78.90  ? 402 ARG A CB  1 
ATOM   1317 C CG  . ARG A 1 169 ? -2.103  1.814   -12.510 1.00 79.38  ? 402 ARG A CG  1 
ATOM   1318 C CD  . ARG A 1 169 ? -1.605  1.834   -11.081 1.00 82.55  ? 402 ARG A CD  1 
ATOM   1319 N NE  . ARG A 1 169 ? -1.351  3.198   -10.646 1.00 83.44  ? 402 ARG A NE  1 
ATOM   1320 C CZ  . ARG A 1 169 ? -1.725  3.670   -9.468  1.00 84.18  ? 402 ARG A CZ  1 
ATOM   1321 N NH1 . ARG A 1 169 ? -2.363  2.876   -8.622  1.00 83.49  ? 402 ARG A NH1 1 
ATOM   1322 N NH2 . ARG A 1 169 ? -1.480  4.935   -9.145  1.00 85.22  ? 402 ARG A NH2 1 
ATOM   1323 N N   . LEU A 1 170 ? -0.654  -1.629  -14.875 1.00 78.93  ? 403 LEU A N   1 
ATOM   1324 C CA  . LEU A 1 170 ? 0.371   -2.562  -15.303 1.00 80.74  ? 403 LEU A CA  1 
ATOM   1325 C C   . LEU A 1 170 ? 0.631   -2.536  -16.814 1.00 79.80  ? 403 LEU A C   1 
ATOM   1326 O O   . LEU A 1 170 ? 1.718   -2.895  -17.259 1.00 80.45  ? 403 LEU A O   1 
ATOM   1327 C CB  . LEU A 1 170 ? -0.011  -3.980  -14.871 1.00 82.19  ? 403 LEU A CB  1 
ATOM   1328 C CG  . LEU A 1 170 ? 0.022   -4.248  -13.361 1.00 82.78  ? 403 LEU A CG  1 
ATOM   1329 C CD1 . LEU A 1 170 ? -0.501  -5.628  -13.008 1.00 82.36  ? 403 LEU A CD1 1 
ATOM   1330 C CD2 . LEU A 1 170 ? 1.435   -4.118  -12.916 1.00 85.92  ? 403 LEU A CD2 1 
ATOM   1331 N N   . ARG A 1 171 ? -0.359  -2.114  -17.595 1.00 79.89  ? 404 ARG A N   1 
ATOM   1332 C CA  . ARG A 1 171 ? -0.218  -2.045  -19.048 1.00 80.09  ? 404 ARG A CA  1 
ATOM   1333 C C   . ARG A 1 171 ? 0.664   -0.878  -19.464 1.00 76.99  ? 404 ARG A C   1 
ATOM   1334 O O   . ARG A 1 171 ? 1.644   -1.053  -20.191 1.00 78.84  ? 404 ARG A O   1 
ATOM   1335 C CB  . ARG A 1 171 ? -1.588  -1.902  -19.697 1.00 83.24  ? 404 ARG A CB  1 
ATOM   1336 C CG  . ARG A 1 171 ? -1.857  -2.880  -20.829 1.00 93.17  ? 404 ARG A CG  1 
ATOM   1337 C CD  . ARG A 1 171 ? -3.356  -2.992  -21.089 1.00 100.72 ? 404 ARG A CD  1 
ATOM   1338 N NE  . ARG A 1 171 ? -3.713  -4.274  -21.692 1.00 106.07 ? 404 ARG A NE  1 
ATOM   1339 C CZ  . ARG A 1 171 ? -4.857  -4.913  -21.460 1.00 107.58 ? 404 ARG A CZ  1 
ATOM   1340 N NH1 . ARG A 1 171 ? -5.750  -4.381  -20.629 1.00 106.07 ? 404 ARG A NH1 1 
ATOM   1341 N NH2 . ARG A 1 171 ? -5.114  -6.076  -22.067 1.00 108.15 ? 404 ARG A NH2 1 
ATOM   1342 N N   . TYR A 1 172 ? 0.309   0.316   -19.000 1.00 72.21  ? 405 TYR A N   1 
ATOM   1343 C CA  . TYR A 1 172 ? 1.075   1.518   -19.304 1.00 69.37  ? 405 TYR A CA  1 
ATOM   1344 C C   . TYR A 1 172 ? 2.477   1.524   -18.720 1.00 67.34  ? 405 TYR A C   1 
ATOM   1345 O O   . TYR A 1 172 ? 3.353   2.206   -19.239 1.00 65.64  ? 405 TYR A O   1 
ATOM   1346 C CB  . TYR A 1 172 ? 0.327   2.748   -18.837 1.00 69.32  ? 405 TYR A CB  1 
ATOM   1347 C CG  . TYR A 1 172 ? -0.642  3.232   -19.862 1.00 71.70  ? 405 TYR A CG  1 
ATOM   1348 C CD1 . TYR A 1 172 ? -0.207  3.956   -20.966 1.00 73.23  ? 405 TYR A CD1 1 
ATOM   1349 C CD2 . TYR A 1 172 ? -1.995  2.939   -19.753 1.00 72.75  ? 405 TYR A CD2 1 
ATOM   1350 C CE1 . TYR A 1 172 ? -1.090  4.367   -21.928 1.00 74.42  ? 405 TYR A CE1 1 
ATOM   1351 C CE2 . TYR A 1 172 ? -2.888  3.348   -20.718 1.00 73.15  ? 405 TYR A CE2 1 
ATOM   1352 C CZ  . TYR A 1 172 ? -2.426  4.057   -21.796 1.00 74.00  ? 405 TYR A CZ  1 
ATOM   1353 O OH  . TYR A 1 172 ? -3.301  4.433   -22.776 1.00 75.96  ? 405 TYR A OH  1 
ATOM   1354 N N   . ILE A 1 173 ? 2.693   0.785   -17.640 1.00 65.21  ? 406 ILE A N   1 
ATOM   1355 C CA  . ILE A 1 173 ? 4.015   0.707   -17.055 1.00 63.35  ? 406 ILE A CA  1 
ATOM   1356 C C   . ILE A 1 173 ? 4.889   0.035   -18.102 1.00 65.32  ? 406 ILE A C   1 
ATOM   1357 O O   . ILE A 1 173 ? 5.974   0.516   -18.423 1.00 63.30  ? 406 ILE A O   1 
ATOM   1358 C CB  . ILE A 1 173 ? 4.002   -0.111  -15.735 1.00 61.20  ? 406 ILE A CB  1 
ATOM   1359 C CG1 . ILE A 1 173 ? 3.427   0.760   -14.619 1.00 57.86  ? 406 ILE A CG1 1 
ATOM   1360 C CG2 . ILE A 1 173 ? 5.403   -0.569  -15.375 1.00 59.84  ? 406 ILE A CG2 1 
ATOM   1361 C CD1 . ILE A 1 173 ? 3.455   0.137   -13.258 1.00 56.37  ? 406 ILE A CD1 1 
ATOM   1362 N N   . ASP A 1 174 ? 4.395   -1.076  -18.643 1.00 65.28  ? 407 ASP A N   1 
ATOM   1363 C CA  . ASP A 1 174 ? 5.112   -1.819  -19.667 1.00 66.10  ? 407 ASP A CA  1 
ATOM   1364 C C   . ASP A 1 174 ? 5.295   -0.909  -20.863 1.00 66.99  ? 407 ASP A C   1 
ATOM   1365 O O   . ASP A 1 174 ? 6.372   -0.859  -21.443 1.00 68.89  ? 407 ASP A O   1 
ATOM   1366 C CB  . ASP A 1 174 ? 4.342   -3.092  -20.067 1.00 67.50  ? 407 ASP A CB  1 
ATOM   1367 C CG  . ASP A 1 174 ? 4.606   -4.269  -19.122 1.00 68.21  ? 407 ASP A CG  1 
ATOM   1368 O OD1 . ASP A 1 174 ? 5.124   -4.046  -18.004 1.00 68.23  ? 407 ASP A OD1 1 
ATOM   1369 O OD2 . ASP A 1 174 ? 4.289   -5.417  -19.503 1.00 67.92  ? 407 ASP A OD2 1 
ATOM   1370 N N   . LEU A 1 175 ? 4.246   -0.179  -21.232 1.00 66.14  ? 408 LEU A N   1 
ATOM   1371 C CA  . LEU A 1 175 ? 4.352   0.734   -22.360 1.00 65.76  ? 408 LEU A CA  1 
ATOM   1372 C C   . LEU A 1 175 ? 5.418   1.780   -22.103 1.00 66.20  ? 408 LEU A C   1 
ATOM   1373 O O   . LEU A 1 175 ? 6.328   1.932   -22.909 1.00 67.56  ? 408 LEU A O   1 
ATOM   1374 C CB  . LEU A 1 175 ? 3.019   1.411   -22.677 1.00 63.38  ? 408 LEU A CB  1 
ATOM   1375 C CG  . LEU A 1 175 ? 2.083   0.543   -23.536 1.00 64.33  ? 408 LEU A CG  1 
ATOM   1376 C CD1 . LEU A 1 175 ? 0.839   1.323   -23.858 1.00 64.09  ? 408 LEU A CD1 1 
ATOM   1377 C CD2 . LEU A 1 175 ? 2.749   0.119   -24.841 1.00 62.14  ? 408 LEU A CD2 1 
ATOM   1378 N N   . ARG A 1 176 ? 5.330   2.486   -20.982 1.00 64.18  ? 409 ARG A N   1 
ATOM   1379 C CA  . ARG A 1 176 ? 6.322   3.498   -20.668 1.00 63.43  ? 409 ARG A CA  1 
ATOM   1380 C C   . ARG A 1 176 ? 7.731   2.927   -20.690 1.00 65.20  ? 409 ARG A C   1 
ATOM   1381 O O   . ARG A 1 176 ? 8.625   3.529   -21.276 1.00 64.87  ? 409 ARG A O   1 
ATOM   1382 C CB  . ARG A 1 176 ? 6.042   4.137   -19.313 1.00 62.85  ? 409 ARG A CB  1 
ATOM   1383 C CG  . ARG A 1 176 ? 4.999   5.224   -19.339 1.00 59.55  ? 409 ARG A CG  1 
ATOM   1384 C CD  . ARG A 1 176 ? 4.861   5.832   -17.963 1.00 58.46  ? 409 ARG A CD  1 
ATOM   1385 N NE  . ARG A 1 176 ? 4.390   4.884   -16.961 1.00 59.31  ? 409 ARG A NE  1 
ATOM   1386 C CZ  . ARG A 1 176 ? 3.128   4.803   -16.545 1.00 61.66  ? 409 ARG A CZ  1 
ATOM   1387 N NH1 . ARG A 1 176 ? 2.201   5.616   -17.039 1.00 60.95  ? 409 ARG A NH1 1 
ATOM   1388 N NH2 . ARG A 1 176 ? 2.788   3.902   -15.634 1.00 65.52  ? 409 ARG A NH2 1 
ATOM   1389 N N   . ILE A 1 177 ? 7.938   1.775   -20.056 1.00 66.20  ? 410 ILE A N   1 
ATOM   1390 C CA  . ILE A 1 177 ? 9.266   1.160   -20.051 1.00 63.97  ? 410 ILE A CA  1 
ATOM   1391 C C   . ILE A 1 177 ? 9.713   0.800   -21.472 1.00 66.08  ? 410 ILE A C   1 
ATOM   1392 O O   . ILE A 1 177 ? 10.843  1.090   -21.859 1.00 66.16  ? 410 ILE A O   1 
ATOM   1393 C CB  . ILE A 1 177 ? 9.324   -0.100  -19.145 1.00 62.14  ? 410 ILE A CB  1 
ATOM   1394 C CG1 . ILE A 1 177 ? 9.054   0.294   -17.694 1.00 61.21  ? 410 ILE A CG1 1 
ATOM   1395 C CG2 . ILE A 1 177 ? 10.715  -0.741  -19.210 1.00 61.49  ? 410 ILE A CG2 1 
ATOM   1396 C CD1 . ILE A 1 177 ? 9.136   -0.853  -16.703 1.00 54.69  ? 410 ILE A CD1 1 
ATOM   1397 N N   . ASN A 1 178 ? 8.836   0.178   -22.253 1.00 64.21  ? 411 ASN A N   1 
ATOM   1398 C CA  . ASN A 1 178 ? 9.186   -0.160  -23.624 1.00 64.59  ? 411 ASN A CA  1 
ATOM   1399 C C   . ASN A 1 178 ? 9.465   1.098   -24.449 1.00 66.72  ? 411 ASN A C   1 
ATOM   1400 O O   . ASN A 1 178 ? 10.392  1.104   -25.248 1.00 68.27  ? 411 ASN A O   1 
ATOM   1401 C CB  . ASN A 1 178 ? 8.087   -0.996  -24.267 1.00 60.80  ? 411 ASN A CB  1 
ATOM   1402 C CG  . ASN A 1 178 ? 8.264   -2.465  -24.009 1.00 59.27  ? 411 ASN A CG  1 
ATOM   1403 O OD1 . ASN A 1 178 ? 7.302   -3.208  -23.956 1.00 60.99  ? 411 ASN A OD1 1 
ATOM   1404 N ND2 . ASN A 1 178 ? 9.503   -2.896  -23.857 1.00 55.99  ? 411 ASN A ND2 1 
ATOM   1405 N N   . GLY A 1 179 ? 8.678   2.154   -24.267 1.00 66.33  ? 412 GLY A N   1 
ATOM   1406 C CA  . GLY A 1 179 ? 8.934   3.387   -24.989 1.00 67.43  ? 412 GLY A CA  1 
ATOM   1407 C C   . GLY A 1 179 ? 10.251  4.024   -24.548 1.00 69.37  ? 412 GLY A C   1 
ATOM   1408 O O   . GLY A 1 179 ? 10.957  4.642   -25.348 1.00 69.59  ? 412 GLY A O   1 
ATOM   1409 N N   . THR A 1 180 ? 10.602  3.868   -23.277 1.00 69.47  ? 413 THR A N   1 
ATOM   1410 C CA  . THR A 1 180 ? 11.837  4.445   -22.753 1.00 67.91  ? 413 THR A CA  1 
ATOM   1411 C C   . THR A 1 180 ? 13.058  3.702   -23.264 1.00 70.18  ? 413 THR A C   1 
ATOM   1412 O O   . THR A 1 180 ? 14.160  4.247   -23.287 1.00 70.36  ? 413 THR A O   1 
ATOM   1413 C CB  . THR A 1 180 ? 11.831  4.449   -21.216 1.00 67.22  ? 413 THR A CB  1 
ATOM   1414 O OG1 . THR A 1 180 ? 10.647  5.107   -20.771 1.00 65.51  ? 413 THR A OG1 1 
ATOM   1415 C CG2 . THR A 1 180 ? 13.025  5.205   -20.659 1.00 62.23  ? 413 THR A CG2 1 
ATOM   1416 N N   . LEU A 1 181 ? 12.852  2.451   -23.667 1.00 70.66  ? 414 LEU A N   1 
ATOM   1417 C CA  . LEU A 1 181 ? 13.918  1.615   -24.217 1.00 68.64  ? 414 LEU A CA  1 
ATOM   1418 C C   . LEU A 1 181 ? 14.082  1.953   -25.707 1.00 70.11  ? 414 LEU A C   1 
ATOM   1419 O O   . LEU A 1 181 ? 15.184  1.903   -26.264 1.00 69.86  ? 414 LEU A O   1 
ATOM   1420 C CB  . LEU A 1 181 ? 13.558  0.143   -24.054 1.00 66.64  ? 414 LEU A CB  1 
ATOM   1421 C CG  . LEU A 1 181 ? 13.857  -0.547  -22.727 1.00 67.39  ? 414 LEU A CG  1 
ATOM   1422 C CD1 . LEU A 1 181 ? 12.849  -1.630  -22.452 1.00 62.91  ? 414 LEU A CD1 1 
ATOM   1423 C CD2 . LEU A 1 181 ? 15.229  -1.146  -22.793 1.00 67.88  ? 414 LEU A CD2 1 
ATOM   1424 N N   . ALA A 1 182 ? 12.962  2.289   -26.340 1.00 68.99  ? 415 ALA A N   1 
ATOM   1425 C CA  . ALA A 1 182 ? 12.925  2.662   -27.739 1.00 68.78  ? 415 ALA A CA  1 
ATOM   1426 C C   . ALA A 1 182 ? 13.814  3.878   -27.981 1.00 70.36  ? 415 ALA A C   1 
ATOM   1427 O O   . ALA A 1 182 ? 14.426  4.019   -29.038 1.00 71.51  ? 415 ALA A O   1 
ATOM   1428 C CB  . ALA A 1 182 ? 11.510  2.974   -28.133 1.00 68.82  ? 415 ALA A CB  1 
ATOM   1429 N N   . MET A 1 183 ? 13.880  4.770   -27.004 1.00 70.91  ? 416 MET A N   1 
ATOM   1430 C CA  . MET A 1 183 ? 14.722  5.948   -27.148 1.00 71.54  ? 416 MET A CA  1 
ATOM   1431 C C   . MET A 1 183 ? 16.182  5.622   -27.471 1.00 72.82  ? 416 MET A C   1 
ATOM   1432 O O   . MET A 1 183 ? 16.954  6.523   -27.788 1.00 73.82  ? 416 MET A O   1 
ATOM   1433 C CB  . MET A 1 183 ? 14.666  6.803   -25.886 1.00 70.61  ? 416 MET A CB  1 
ATOM   1434 C CG  . MET A 1 183 ? 13.376  7.560   -25.731 1.00 70.08  ? 416 MET A CG  1 
ATOM   1435 S SD  . MET A 1 183 ? 13.132  8.161   -24.072 1.00 65.36  ? 416 MET A SD  1 
ATOM   1436 C CE  . MET A 1 183 ? 11.458  8.579   -24.132 1.00 68.92  ? 416 MET A CE  1 
ATOM   1437 N N   . LEU A 1 184 ? 16.571  4.353   -27.382 1.00 74.38  ? 417 LEU A N   1 
ATOM   1438 C CA  . LEU A 1 184 ? 17.946  3.982   -27.696 1.00 76.95  ? 417 LEU A CA  1 
ATOM   1439 C C   . LEU A 1 184 ? 18.112  3.721   -29.188 1.00 77.81  ? 417 LEU A C   1 
ATOM   1440 O O   . LEU A 1 184 ? 19.202  3.870   -29.720 1.00 79.07  ? 417 LEU A O   1 
ATOM   1441 C CB  . LEU A 1 184 ? 18.385  2.731   -26.920 1.00 79.39  ? 417 LEU A CB  1 
ATOM   1442 C CG  . LEU A 1 184 ? 18.780  2.846   -25.446 1.00 81.34  ? 417 LEU A CG  1 
ATOM   1443 C CD1 . LEU A 1 184 ? 17.539  2.674   -24.617 1.00 86.14  ? 417 LEU A CD1 1 
ATOM   1444 C CD2 . LEU A 1 184 ? 19.770  1.771   -25.058 1.00 82.81  ? 417 LEU A CD2 1 
ATOM   1445 N N   . ARG A 1 185 ? 17.027  3.337   -29.857 1.00 79.11  ? 418 ARG A N   1 
ATOM   1446 C CA  . ARG A 1 185 ? 17.054  3.040   -31.287 1.00 80.03  ? 418 ARG A CA  1 
ATOM   1447 C C   . ARG A 1 185 ? 17.945  4.006   -32.081 1.00 81.66  ? 418 ARG A C   1 
ATOM   1448 O O   . ARG A 1 185 ? 18.639  3.611   -33.025 1.00 83.22  ? 418 ARG A O   1 
ATOM   1449 C CB  . ARG A 1 185 ? 15.634  3.063   -31.843 1.00 79.72  ? 418 ARG A CB  1 
ATOM   1450 C CG  . ARG A 1 185 ? 14.766  1.999   -31.244 1.00 81.14  ? 418 ARG A CG  1 
ATOM   1451 C CD  . ARG A 1 185 ? 13.428  1.943   -31.930 1.00 83.16  ? 418 ARG A CD  1 
ATOM   1452 N NE  . ARG A 1 185 ? 12.720  0.746   -31.517 1.00 84.16  ? 418 ARG A NE  1 
ATOM   1453 C CZ  . ARG A 1 185 ? 11.598  0.299   -32.065 1.00 85.78  ? 418 ARG A CZ  1 
ATOM   1454 N NH1 . ARG A 1 185 ? 11.033  0.954   -33.072 1.00 88.53  ? 418 ARG A NH1 1 
ATOM   1455 N NH2 . ARG A 1 185 ? 11.043  -0.812  -31.603 1.00 86.34  ? 418 ARG A NH2 1 
ATOM   1456 N N   . ASP A 1 186 ? 17.948  5.269   -31.680 1.00 80.86  ? 419 ASP A N   1 
ATOM   1457 C CA  . ASP A 1 186 ? 18.748  6.278   -32.358 1.00 81.54  ? 419 ASP A CA  1 
ATOM   1458 C C   . ASP A 1 186 ? 20.283  6.232   -32.138 1.00 83.22  ? 419 ASP A C   1 
ATOM   1459 O O   . ASP A 1 186 ? 21.069  6.713   -32.963 1.00 82.74  ? 419 ASP A O   1 
ATOM   1460 C CB  . ASP A 1 186 ? 18.185  7.658   -32.005 1.00 79.58  ? 419 ASP A CB  1 
ATOM   1461 C CG  . ASP A 1 186 ? 16.962  8.003   -32.831 1.00 79.42  ? 419 ASP A CG  1 
ATOM   1462 O OD1 . ASP A 1 186 ? 16.461  9.138   -32.721 1.00 77.42  ? 419 ASP A OD1 1 
ATOM   1463 O OD2 . ASP A 1 186 ? 16.513  7.127   -33.607 1.00 79.84  ? 419 ASP A OD2 1 
ATOM   1464 N N   . PHE A 1 187 ? 20.726  5.661   -31.034 1.00 83.76  ? 420 PHE A N   1 
ATOM   1465 C CA  . PHE A 1 187 ? 22.150  5.590   -30.797 1.00 86.01  ? 420 PHE A CA  1 
ATOM   1466 C C   . PHE A 1 187 ? 22.573  4.160   -31.069 1.00 89.65  ? 420 PHE A C   1 
ATOM   1467 O O   . PHE A 1 187 ? 22.831  3.399   -30.150 1.00 88.94  ? 420 PHE A O   1 
ATOM   1468 C CB  . PHE A 1 187 ? 22.463  6.000   -29.361 1.00 85.83  ? 420 PHE A CB  1 
ATOM   1469 C CG  . PHE A 1 187 ? 22.263  7.475   -29.100 1.00 86.92  ? 420 PHE A CG  1 
ATOM   1470 C CD1 . PHE A 1 187 ? 20.995  8.016   -28.867 1.00 87.47  ? 420 PHE A CD1 1 
ATOM   1471 C CD2 . PHE A 1 187 ? 23.345  8.340   -29.164 1.00 87.68  ? 420 PHE A CD2 1 
ATOM   1472 C CE1 . PHE A 1 187 ? 20.825  9.418   -28.709 1.00 88.02  ? 420 PHE A CE1 1 
ATOM   1473 C CE2 . PHE A 1 187 ? 23.190  9.718   -29.010 1.00 88.64  ? 420 PHE A CE2 1 
ATOM   1474 C CZ  . PHE A 1 187 ? 21.931  10.262  -28.783 1.00 88.41  ? 420 PHE A CZ  1 
ATOM   1475 N N   . PRO A 1 188 ? 22.666  3.785   -32.356 1.00 91.82  ? 421 PRO A N   1 
ATOM   1476 C CA  . PRO A 1 188 ? 23.054  2.433   -32.790 1.00 96.93  ? 421 PRO A CA  1 
ATOM   1477 C C   . PRO A 1 188 ? 24.319  1.992   -32.072 1.00 99.04  ? 421 PRO A C   1 
ATOM   1478 O O   . PRO A 1 188 ? 24.432  0.860   -31.569 1.00 95.25  ? 421 PRO A O   1 
ATOM   1479 C CB  . PRO A 1 188 ? 23.275  2.614   -34.289 1.00 93.53  ? 421 PRO A CB  1 
ATOM   1480 C CG  . PRO A 1 188 ? 23.856  4.002   -34.343 1.00 93.68  ? 421 PRO A CG  1 
ATOM   1481 C CD  . PRO A 1 188 ? 22.910  4.759   -33.440 1.00 92.45  ? 421 PRO A CD  1 
ATOM   1482 N N   . ASP A 1 189 ? 25.271  2.912   -32.014 1.00 100.54 ? 422 ASP A N   1 
ATOM   1483 C CA  . ASP A 1 189 ? 26.528  2.617   -31.349 1.00 104.16 ? 422 ASP A CA  1 
ATOM   1484 C C   . ASP A 1 189 ? 26.188  2.012   -29.987 1.00 102.13 ? 422 ASP A C   1 
ATOM   1485 O O   . ASP A 1 189 ? 26.648  0.923   -29.639 1.00 103.39 ? 422 ASP A O   1 
ATOM   1486 C CB  . ASP A 1 189 ? 27.358  3.908   -31.181 1.00 113.44 ? 422 ASP A CB  1 
ATOM   1487 C CG  . ASP A 1 189 ? 26.555  5.065   -30.563 1.00 117.71 ? 422 ASP A CG  1 
ATOM   1488 O OD1 . ASP A 1 189 ? 25.939  5.870   -31.329 1.00 120.97 ? 422 ASP A OD1 1 
ATOM   1489 O OD2 . ASP A 1 189 ? 26.550  5.161   -29.305 1.00 120.80 ? 422 ASP A OD2 1 
ATOM   1490 N N   . LEU A 1 190 ? 25.320  2.725   -29.270 1.00 103.78 ? 423 LEU A N   1 
ATOM   1491 C CA  . LEU A 1 190 ? 24.851  2.393   -27.917 1.00 100.41 ? 423 LEU A CA  1 
ATOM   1492 C C   . LEU A 1 190 ? 23.698  1.401   -27.728 1.00 98.94  ? 423 LEU A C   1 
ATOM   1493 O O   . LEU A 1 190 ? 23.690  0.696   -26.732 1.00 97.51  ? 423 LEU A O   1 
ATOM   1494 C CB  . LEU A 1 190 ? 24.531  3.710   -27.201 1.00 96.02  ? 423 LEU A CB  1 
ATOM   1495 C CG  . LEU A 1 190 ? 23.624  3.932   -25.995 1.00 94.50  ? 423 LEU A CG  1 
ATOM   1496 C CD1 . LEU A 1 190 ? 24.424  4.475   -24.841 1.00 92.73  ? 423 LEU A CD1 1 
ATOM   1497 C CD2 . LEU A 1 190 ? 22.602  4.990   -26.349 1.00 90.95  ? 423 LEU A CD2 1 
ATOM   1498 N N   . GLU A 1 191 ? 22.716  1.341   -28.629 1.00 94.38  ? 424 GLU A N   1 
ATOM   1499 C CA  . GLU A 1 191 ? 21.626  0.368   -28.458 1.00 94.37  ? 424 GLU A CA  1 
ATOM   1500 C C   . GLU A 1 191 ? 22.099  -1.084  -28.644 1.00 92.39  ? 424 GLU A C   1 
ATOM   1501 O O   . GLU A 1 191 ? 21.397  -2.042  -28.316 1.00 90.81  ? 424 GLU A O   1 
ATOM   1502 C CB  . GLU A 1 191 ? 20.498  0.613   -29.450 1.00 96.30  ? 424 GLU A CB  1 
ATOM   1503 C CG  . GLU A 1 191 ? 19.386  -0.404  -29.282 1.00 99.08  ? 424 GLU A CG  1 
ATOM   1504 C CD  . GLU A 1 191 ? 18.268  -0.232  -30.269 1.00 102.59 ? 424 GLU A CD  1 
ATOM   1505 O OE1 . GLU A 1 191 ? 18.487  -0.537  -31.465 1.00 105.97 ? 424 GLU A OE1 1 
ATOM   1506 O OE2 . GLU A 1 191 ? 17.173  0.213   -29.849 1.00 105.96 ? 424 GLU A OE2 1 
ATOM   1507 N N   . LYS A 1 192 ? 23.292  -1.234  -29.196 1.00 92.58  ? 425 LYS A N   1 
ATOM   1508 C CA  . LYS A 1 192 ? 23.857  -2.542  -29.436 1.00 91.81  ? 425 LYS A CA  1 
ATOM   1509 C C   . LYS A 1 192 ? 24.445  -3.123  -28.151 1.00 90.49  ? 425 LYS A C   1 
ATOM   1510 O O   . LYS A 1 192 ? 24.354  -4.326  -27.903 1.00 89.98  ? 425 LYS A O   1 
ATOM   1511 C CB  . LYS A 1 192 ? 24.936  -2.429  -30.507 1.00 89.21  ? 425 LYS A CB  1 
ATOM   1512 C CG  . LYS A 1 192 ? 25.466  -3.696  -30.823 1.00 91.91  ? 425 LYS A CG  1 
ATOM   1513 N N   . TYR A 1 193 ? 25.033  -2.273  -27.314 1.00 92.31  ? 426 TYR A N   1 
ATOM   1514 C CA  . TYR A 1 193 ? 25.629  -2.776  -26.072 1.00 93.32  ? 426 TYR A CA  1 
ATOM   1515 C C   . TYR A 1 193 ? 24.842  -2.518  -24.780 1.00 90.27  ? 426 TYR A C   1 
ATOM   1516 O O   . TYR A 1 193 ? 24.895  -3.317  -23.847 1.00 89.78  ? 426 TYR A O   1 
ATOM   1517 C CB  . TYR A 1 193 ? 27.067  -2.246  -25.937 1.00 99.61  ? 426 TYR A CB  1 
ATOM   1518 C CG  . TYR A 1 193 ? 27.934  -2.625  -27.129 1.00 108.86 ? 426 TYR A CG  1 
ATOM   1519 C CD1 . TYR A 1 193 ? 28.168  -1.712  -28.172 1.00 112.40 ? 426 TYR A CD1 1 
ATOM   1520 C CD2 . TYR A 1 193 ? 28.464  -3.917  -27.250 1.00 112.50 ? 426 TYR A CD2 1 
ATOM   1521 C CE1 . TYR A 1 193 ? 28.908  -2.082  -29.310 1.00 115.42 ? 426 TYR A CE1 1 
ATOM   1522 C CE2 . TYR A 1 193 ? 29.205  -4.298  -28.388 1.00 115.90 ? 426 TYR A CE2 1 
ATOM   1523 C CZ  . TYR A 1 193 ? 29.421  -3.372  -29.413 1.00 116.71 ? 426 TYR A CZ  1 
ATOM   1524 O OH  . TYR A 1 193 ? 30.135  -3.737  -30.540 1.00 117.60 ? 426 TYR A OH  1 
ATOM   1525 N N   . VAL A 1 194 ? 24.090  -1.433  -24.722 1.00 85.84  ? 427 VAL A N   1 
ATOM   1526 C CA  . VAL A 1 194 ? 23.367  -1.141  -23.503 1.00 81.53  ? 427 VAL A CA  1 
ATOM   1527 C C   . VAL A 1 194 ? 22.030  -1.874  -23.396 1.00 81.92  ? 427 VAL A C   1 
ATOM   1528 O O   . VAL A 1 194 ? 21.686  -2.423  -22.341 1.00 80.77  ? 427 VAL A O   1 
ATOM   1529 C CB  . VAL A 1 194 ? 23.113  0.376   -23.343 1.00 79.63  ? 427 VAL A CB  1 
ATOM   1530 C CG1 . VAL A 1 194 ? 22.543  0.634   -21.983 1.00 77.30  ? 427 VAL A CG1 1 
ATOM   1531 C CG2 . VAL A 1 194 ? 24.404  1.169   -23.514 1.00 74.74  ? 427 VAL A CG2 1 
ATOM   1532 N N   . ARG A 1 195 ? 21.279  -1.898  -24.490 1.00 80.47  ? 428 ARG A N   1 
ATOM   1533 C CA  . ARG A 1 195 ? 19.969  -2.540  -24.495 1.00 78.81  ? 428 ARG A CA  1 
ATOM   1534 C C   . ARG A 1 195 ? 19.884  -3.970  -23.958 1.00 80.56  ? 428 ARG A C   1 
ATOM   1535 O O   . ARG A 1 195 ? 19.127  -4.227  -23.032 1.00 78.80  ? 428 ARG A O   1 
ATOM   1536 C CB  . ARG A 1 195 ? 19.363  -2.487  -25.898 1.00 77.23  ? 428 ARG A CB  1 
ATOM   1537 C CG  . ARG A 1 195 ? 18.029  -3.170  -25.987 1.00 72.29  ? 428 ARG A CG  1 
ATOM   1538 C CD  . ARG A 1 195 ? 17.236  -2.673  -27.155 1.00 70.41  ? 428 ARG A CD  1 
ATOM   1539 N NE  . ARG A 1 195 ? 15.917  -3.293  -27.189 1.00 69.05  ? 428 ARG A NE  1 
ATOM   1540 C CZ  . ARG A 1 195 ? 15.711  -4.580  -27.438 1.00 70.70  ? 428 ARG A CZ  1 
ATOM   1541 N NH1 . ARG A 1 195 ? 16.739  -5.387  -27.677 1.00 71.66  ? 428 ARG A NH1 1 
ATOM   1542 N NH2 . ARG A 1 195 ? 14.480  -5.064  -27.445 1.00 66.68  ? 428 ARG A NH2 1 
ATOM   1543 N N   . PRO A 1 196 ? 20.640  -4.923  -24.526 1.00 81.28  ? 429 PRO A N   1 
ATOM   1544 C CA  . PRO A 1 196 ? 20.516  -6.276  -23.969 1.00 80.48  ? 429 PRO A CA  1 
ATOM   1545 C C   . PRO A 1 196 ? 20.812  -6.377  -22.477 1.00 80.82  ? 429 PRO A C   1 
ATOM   1546 O O   . PRO A 1 196 ? 20.327  -7.290  -21.812 1.00 80.44  ? 429 PRO A O   1 
ATOM   1547 C CB  . PRO A 1 196 ? 21.492  -7.089  -24.806 1.00 79.17  ? 429 PRO A CB  1 
ATOM   1548 C CG  . PRO A 1 196 ? 22.552  -6.089  -25.116 1.00 81.79  ? 429 PRO A CG  1 
ATOM   1549 C CD  . PRO A 1 196 ? 21.748  -4.860  -25.493 1.00 82.33  ? 429 PRO A CD  1 
ATOM   1550 N N   . ILE A 1 197 ? 21.610  -5.447  -21.952 1.00 78.50  ? 430 ILE A N   1 
ATOM   1551 C CA  . ILE A 1 197 ? 21.940  -5.463  -20.527 1.00 75.80  ? 430 ILE A CA  1 
ATOM   1552 C C   . ILE A 1 197 ? 20.747  -4.962  -19.710 1.00 74.85  ? 430 ILE A C   1 
ATOM   1553 O O   . ILE A 1 197 ? 20.367  -5.583  -18.722 1.00 74.99  ? 430 ILE A O   1 
ATOM   1554 C CB  . ILE A 1 197 ? 23.190  -4.589  -20.198 1.00 77.14  ? 430 ILE A CB  1 
ATOM   1555 C CG1 . ILE A 1 197 ? 24.427  -5.121  -20.917 1.00 74.84  ? 430 ILE A CG1 1 
ATOM   1556 C CG2 . ILE A 1 197 ? 23.480  -4.628  -18.710 1.00 73.39  ? 430 ILE A CG2 1 
ATOM   1557 C CD1 . ILE A 1 197 ? 25.665  -4.289  -20.673 1.00 73.34  ? 430 ILE A CD1 1 
ATOM   1558 N N   . ALA A 1 198 ? 20.156  -3.852  -20.153 1.00 74.70  ? 431 ALA A N   1 
ATOM   1559 C CA  . ALA A 1 198 ? 19.005  -3.219  -19.503 1.00 70.69  ? 431 ALA A CA  1 
ATOM   1560 C C   . ALA A 1 198 ? 17.740  -4.053  -19.525 1.00 67.99  ? 431 ALA A C   1 
ATOM   1561 O O   . ALA A 1 198 ? 16.942  -3.960  -18.600 1.00 67.55  ? 431 ALA A O   1 
ATOM   1562 C CB  . ALA A 1 198 ? 18.718  -1.876  -20.154 1.00 69.04  ? 431 ALA A CB  1 
ATOM   1563 N N   . VAL A 1 199 ? 17.536  -4.835  -20.587 1.00 62.91  ? 432 VAL A N   1 
ATOM   1564 C CA  . VAL A 1 199 ? 16.339  -5.677  -20.712 1.00 61.20  ? 432 VAL A CA  1 
ATOM   1565 C C   . VAL A 1 199 ? 16.478  -6.875  -19.787 1.00 60.56  ? 432 VAL A C   1 
ATOM   1566 O O   . VAL A 1 199 ? 15.517  -7.295  -19.155 1.00 56.46  ? 432 VAL A O   1 
ATOM   1567 C CB  . VAL A 1 199 ? 16.121  -6.155  -22.200 1.00 62.17  ? 432 VAL A CB  1 
ATOM   1568 C CG1 . VAL A 1 199 ? 15.094  -7.291  -22.273 1.00 55.67  ? 432 VAL A CG1 1 
ATOM   1569 C CG2 . VAL A 1 199 ? 15.673  -4.972  -23.075 1.00 55.74  ? 432 VAL A CG2 1 
ATOM   1570 N N   . THR A 1 200 ? 17.685  -7.419  -19.699 1.00 63.43  ? 433 THR A N   1 
ATOM   1571 C CA  . THR A 1 200 ? 17.912  -8.554  -18.824 1.00 64.76  ? 433 THR A CA  1 
ATOM   1572 C C   . THR A 1 200 ? 17.707  -8.057  -17.402 1.00 65.21  ? 433 THR A C   1 
ATOM   1573 O O   . THR A 1 200 ? 17.101  -8.741  -16.580 1.00 64.07  ? 433 THR A O   1 
ATOM   1574 C CB  . THR A 1 200 ? 19.318  -9.096  -18.956 1.00 63.40  ? 433 THR A CB  1 
ATOM   1575 O OG1 . THR A 1 200 ? 19.601  -9.320  -20.335 1.00 65.51  ? 433 THR A OG1 1 
ATOM   1576 C CG2 . THR A 1 200 ? 19.445  -10.410 -18.207 1.00 62.05  ? 433 THR A CG2 1 
ATOM   1577 N N   . TYR A 1 201 ? 18.212  -6.862  -17.118 1.00 64.63  ? 434 TYR A N   1 
ATOM   1578 C CA  . TYR A 1 201 ? 18.050  -6.257  -15.802 1.00 64.35  ? 434 TYR A CA  1 
ATOM   1579 C C   . TYR A 1 201 ? 16.581  -6.027  -15.443 1.00 63.72  ? 434 TYR A C   1 
ATOM   1580 O O   . TYR A 1 201 ? 16.205  -6.070  -14.276 1.00 64.52  ? 434 TYR A O   1 
ATOM   1581 C CB  . TYR A 1 201 ? 18.783  -4.922  -15.735 1.00 66.65  ? 434 TYR A CB  1 
ATOM   1582 C CG  . TYR A 1 201 ? 18.617  -4.208  -14.415 1.00 68.42  ? 434 TYR A CG  1 
ATOM   1583 C CD1 . TYR A 1 201 ? 19.350  -4.585  -13.296 1.00 67.62  ? 434 TYR A CD1 1 
ATOM   1584 C CD2 . TYR A 1 201 ? 17.705  -3.169  -14.285 1.00 69.98  ? 434 TYR A CD2 1 
ATOM   1585 C CE1 . TYR A 1 201 ? 19.174  -3.949  -12.091 1.00 70.33  ? 434 TYR A CE1 1 
ATOM   1586 C CE2 . TYR A 1 201 ? 17.522  -2.532  -13.093 1.00 71.21  ? 434 TYR A CE2 1 
ATOM   1587 C CZ  . TYR A 1 201 ? 18.261  -2.923  -11.995 1.00 71.40  ? 434 TYR A CZ  1 
ATOM   1588 O OH  . TYR A 1 201 ? 18.088  -2.286  -10.792 1.00 71.82  ? 434 TYR A OH  1 
ATOM   1589 N N   . TRP A 1 202 ? 15.755  -5.742  -16.438 1.00 62.00  ? 435 TRP A N   1 
ATOM   1590 C CA  . TRP A 1 202 ? 14.333  -5.542  -16.207 1.00 58.99  ? 435 TRP A CA  1 
ATOM   1591 C C   . TRP A 1 202 ? 13.708  -6.888  -15.816 1.00 61.16  ? 435 TRP A C   1 
ATOM   1592 O O   . TRP A 1 202 ? 13.043  -6.970  -14.797 1.00 60.33  ? 435 TRP A O   1 
ATOM   1593 C CB  . TRP A 1 202 ? 13.698  -4.967  -17.476 1.00 55.30  ? 435 TRP A CB  1 
ATOM   1594 C CG  . TRP A 1 202 ? 12.227  -4.746  -17.452 1.00 50.57  ? 435 TRP A CG  1 
ATOM   1595 C CD1 . TRP A 1 202 ? 11.413  -4.754  -16.374 1.00 52.40  ? 435 TRP A CD1 1 
ATOM   1596 C CD2 . TRP A 1 202 ? 11.403  -4.414  -18.570 1.00 49.89  ? 435 TRP A CD2 1 
ATOM   1597 N NE1 . TRP A 1 202 ? 10.133  -4.442  -16.735 1.00 47.43  ? 435 TRP A NE1 1 
ATOM   1598 C CE2 . TRP A 1 202 ? 10.100  -4.221  -18.081 1.00 49.92  ? 435 TRP A CE2 1 
ATOM   1599 C CE3 . TRP A 1 202 ? 11.644  -4.247  -19.938 1.00 50.03  ? 435 TRP A CE3 1 
ATOM   1600 C CZ2 . TRP A 1 202 ? 9.033   -3.877  -18.910 1.00 48.20  ? 435 TRP A CZ2 1 
ATOM   1601 C CZ3 . TRP A 1 202 ? 10.582  -3.904  -20.760 1.00 52.34  ? 435 TRP A CZ3 1 
ATOM   1602 C CH2 . TRP A 1 202 ? 9.293   -3.717  -20.238 1.00 49.32  ? 435 TRP A CH2 1 
ATOM   1603 N N   . LYS A 1 203 ? 13.940  -7.938  -16.613 1.00 62.28  ? 436 LYS A N   1 
ATOM   1604 C CA  . LYS A 1 203 ? 13.405  -9.275  -16.330 1.00 62.75  ? 436 LYS A CA  1 
ATOM   1605 C C   . LYS A 1 203 ? 13.929  -9.719  -14.974 1.00 65.01  ? 436 LYS A C   1 
ATOM   1606 O O   . LYS A 1 203 ? 13.170  -10.213 -14.148 1.00 64.28  ? 436 LYS A O   1 
ATOM   1607 C CB  . LYS A 1 203 ? 13.814  -10.269 -17.435 1.00 61.63  ? 436 LYS A CB  1 
ATOM   1608 C CG  . LYS A 1 203 ? 13.575  -11.744 -17.157 1.00 59.30  ? 436 LYS A CG  1 
ATOM   1609 C CD  . LYS A 1 203 ? 14.745  -12.362 -16.425 1.00 60.96  ? 436 LYS A CD  1 
ATOM   1610 C CE  . LYS A 1 203 ? 14.633  -13.867 -16.392 1.00 61.02  ? 436 LYS A CE  1 
ATOM   1611 N NZ  . LYS A 1 203 ? 13.315  -14.318 -15.888 1.00 61.99  ? 436 LYS A NZ  1 
ATOM   1612 N N   . ASP A 1 204 ? 15.218  -9.513  -14.729 1.00 67.72  ? 437 ASP A N   1 
ATOM   1613 C CA  . ASP A 1 204 ? 15.819  -9.888  -13.447 1.00 69.35  ? 437 ASP A CA  1 
ATOM   1614 C C   . ASP A 1 204 ? 15.251  -9.113  -12.263 1.00 69.41  ? 437 ASP A C   1 
ATOM   1615 O O   . ASP A 1 204 ? 14.937  -9.678  -11.214 1.00 69.75  ? 437 ASP A O   1 
ATOM   1616 C CB  . ASP A 1 204 ? 17.335  -9.664  -13.472 1.00 69.75  ? 437 ASP A CB  1 
ATOM   1617 C CG  . ASP A 1 204 ? 18.076  -10.804 -14.112 1.00 74.40  ? 437 ASP A CG  1 
ATOM   1618 O OD1 . ASP A 1 204 ? 17.629  -11.944 -13.915 1.00 77.24  ? 437 ASP A OD1 1 
ATOM   1619 O OD2 . ASP A 1 204 ? 19.106  -10.582 -14.793 1.00 77.89  ? 437 ASP A OD2 1 
ATOM   1620 N N   . TYR A 1 205 ? 15.131  -7.807  -12.431 1.00 68.12  ? 438 TYR A N   1 
ATOM   1621 C CA  . TYR A 1 205 ? 14.644  -6.978  -11.357 1.00 67.51  ? 438 TYR A CA  1 
ATOM   1622 C C   . TYR A 1 205 ? 13.203  -7.246  -11.045 1.00 68.30  ? 438 TYR A C   1 
ATOM   1623 O O   . TYR A 1 205 ? 12.802  -7.135  -9.904  1.00 69.81  ? 438 TYR A O   1 
ATOM   1624 C CB  . TYR A 1 205 ? 14.809  -5.514  -11.684 1.00 67.20  ? 438 TYR A CB  1 
ATOM   1625 C CG  . TYR A 1 205 ? 14.401  -4.645  -10.541 1.00 68.10  ? 438 TYR A CG  1 
ATOM   1626 C CD1 . TYR A 1 205 ? 15.270  -4.412  -9.484  1.00 69.48  ? 438 TYR A CD1 1 
ATOM   1627 C CD2 . TYR A 1 205 ? 13.142  -4.062  -10.504 1.00 69.14  ? 438 TYR A CD2 1 
ATOM   1628 C CE1 . TYR A 1 205 ? 14.901  -3.617  -8.427  1.00 70.07  ? 438 TYR A CE1 1 
ATOM   1629 C CE2 . TYR A 1 205 ? 12.761  -3.264  -9.455  1.00 71.00  ? 438 TYR A CE2 1 
ATOM   1630 C CZ  . TYR A 1 205 ? 13.647  -3.046  -8.420  1.00 71.89  ? 438 TYR A CZ  1 
ATOM   1631 O OH  . TYR A 1 205 ? 13.294  -2.229  -7.387  1.00 72.58  ? 438 TYR A OH  1 
ATOM   1632 N N   . ARG A 1 206 ? 12.403  -7.570  -12.054 1.00 68.60  ? 439 ARG A N   1 
ATOM   1633 C CA  . ARG A 1 206 ? 11.008  -7.874  -11.789 1.00 66.12  ? 439 ARG A CA  1 
ATOM   1634 C C   . ARG A 1 206 ? 10.923  -9.228  -11.090 1.00 66.72  ? 439 ARG A C   1 
ATOM   1635 O O   . ARG A 1 206 ? 10.122  -9.402  -10.183 1.00 65.96  ? 439 ARG A O   1 
ATOM   1636 C CB  . ARG A 1 206 ? 10.182  -7.905  -13.068 1.00 63.43  ? 439 ARG A CB  1 
ATOM   1637 C CG  . ARG A 1 206 ? 8.810   -8.501  -12.845 1.00 62.59  ? 439 ARG A CG  1 
ATOM   1638 C CD  . ARG A 1 206 ? 8.006   -8.533  -14.112 1.00 61.00  ? 439 ARG A CD  1 
ATOM   1639 N NE  . ARG A 1 206 ? 7.606   -7.191  -14.488 1.00 63.19  ? 439 ARG A NE  1 
ATOM   1640 C CZ  . ARG A 1 206 ? 6.839   -6.906  -15.533 1.00 63.68  ? 439 ARG A CZ  1 
ATOM   1641 N NH1 . ARG A 1 206 ? 6.394   -7.886  -16.309 1.00 62.52  ? 439 ARG A NH1 1 
ATOM   1642 N NH2 . ARG A 1 206 ? 6.508   -5.645  -15.789 1.00 62.44  ? 439 ARG A NH2 1 
ATOM   1643 N N   . ASP A 1 207 ? 11.739  -10.190 -11.507 1.00 68.63  ? 440 ASP A N   1 
ATOM   1644 C CA  . ASP A 1 207 ? 11.728  -11.508 -10.873 1.00 70.76  ? 440 ASP A CA  1 
ATOM   1645 C C   . ASP A 1 207 ? 11.942  -11.424 -9.364  1.00 71.36  ? 440 ASP A C   1 
ATOM   1646 O O   . ASP A 1 207 ? 11.331  -12.173 -8.604  1.00 71.01  ? 440 ASP A O   1 
ATOM   1647 C CB  . ASP A 1 207 ? 12.807  -12.407 -11.466 1.00 72.07  ? 440 ASP A CB  1 
ATOM   1648 C CG  . ASP A 1 207 ? 12.372  -13.058 -12.763 1.00 75.35  ? 440 ASP A CG  1 
ATOM   1649 O OD1 . ASP A 1 207 ? 11.167  -13.336 -12.898 1.00 76.67  ? 440 ASP A OD1 1 
ATOM   1650 O OD2 . ASP A 1 207 ? 13.222  -13.312 -13.643 1.00 77.14  ? 440 ASP A OD2 1 
ATOM   1651 N N   . GLU A 1 208 ? 12.814  -10.516 -8.935  1.00 72.83  ? 441 GLU A N   1 
ATOM   1652 C CA  . GLU A 1 208 ? 13.120  -10.332 -7.516  1.00 74.39  ? 441 GLU A CA  1 
ATOM   1653 C C   . GLU A 1 208 ? 12.024  -9.625  -6.724  1.00 74.45  ? 441 GLU A C   1 
ATOM   1654 O O   . GLU A 1 208 ? 11.544  -10.113 -5.699  1.00 73.76  ? 441 GLU A O   1 
ATOM   1655 C CB  . GLU A 1 208 ? 14.389  -9.497  -7.344  1.00 73.89  ? 441 GLU A CB  1 
ATOM   1656 C CG  . GLU A 1 208 ? 15.706  -10.129 -7.769  1.00 78.46  ? 441 GLU A CG  1 
ATOM   1657 C CD  . GLU A 1 208 ? 16.889  -9.212  -7.454  1.00 81.79  ? 441 GLU A CD  1 
ATOM   1658 O OE1 . GLU A 1 208 ? 17.140  -8.932  -6.257  1.00 82.36  ? 441 GLU A OE1 1 
ATOM   1659 O OE2 . GLU A 1 208 ? 17.563  -8.757  -8.401  1.00 83.43  ? 441 GLU A OE2 1 
ATOM   1660 N N   . VAL A 1 209 ? 11.651  -8.455  -7.217  1.00 77.13  ? 442 VAL A N   1 
ATOM   1661 C CA  . VAL A 1 209 ? 10.675  -7.596  -6.569  1.00 81.93  ? 442 VAL A CA  1 
ATOM   1662 C C   . VAL A 1 209 ? 9.211   -8.015  -6.557  1.00 85.16  ? 442 VAL A C   1 
ATOM   1663 O O   . VAL A 1 209 ? 8.548   -7.928  -5.519  1.00 85.84  ? 442 VAL A O   1 
ATOM   1664 C CB  . VAL A 1 209 ? 10.809  -6.181  -7.136  1.00 79.92  ? 442 VAL A CB  1 
ATOM   1665 C CG1 . VAL A 1 209 ? 9.634   -5.332  -6.722  1.00 80.10  ? 442 VAL A CG1 1 
ATOM   1666 C CG2 . VAL A 1 209 ? 12.127  -5.567  -6.634  1.00 76.21  ? 442 VAL A CG2 1 
ATOM   1667 N N   . SER A 1 210 ? 8.700   -8.462  -7.695  1.00 89.39  ? 443 SER A N   1 
ATOM   1668 C CA  . SER A 1 210 ? 7.305   -8.883  -7.772  1.00 96.73  ? 443 SER A CA  1 
ATOM   1669 C C   . SER A 1 210 ? 7.215   -10.189 -8.584  1.00 106.02 ? 443 SER A C   1 
ATOM   1670 O O   . SER A 1 210 ? 6.755   -10.183 -9.731  1.00 101.99 ? 443 SER A O   1 
ATOM   1671 C CB  . SER A 1 210 ? 6.477   -7.765  -8.425  1.00 96.84  ? 443 SER A CB  1 
ATOM   1672 O OG  . SER A 1 210 ? 5.130   -7.784  -7.981  1.00 98.20  ? 443 SER A OG  1 
ATOM   1673 N N   . PRO A 1 211 ? 7.645   -11.328 -7.979  1.00 106.11 ? 444 PRO A N   1 
ATOM   1674 C CA  . PRO A 1 211 ? 7.676   -12.702 -8.528  1.00 114.00 ? 444 PRO A CA  1 
ATOM   1675 C C   . PRO A 1 211 ? 6.440   -13.273 -9.246  1.00 119.91 ? 444 PRO A C   1 
ATOM   1676 O O   . PRO A 1 211 ? 5.959   -12.684 -10.226 1.00 117.62 ? 444 PRO A O   1 
ATOM   1677 C CB  . PRO A 1 211 ? 8.086   -13.559 -7.322  1.00 112.45 ? 444 PRO A CB  1 
ATOM   1678 C CG  . PRO A 1 211 ? 7.653   -12.729 -6.138  1.00 112.18 ? 444 PRO A CG  1 
ATOM   1679 C CD  . PRO A 1 211 ? 8.044   -11.341 -6.557  1.00 109.25 ? 444 PRO A CD  1 
ATOM   1680 N N   . ASP A 1 212 ? 5.942   -14.423 -8.772  1.00 121.20 ? 445 ASP A N   1 
ATOM   1681 C CA  . ASP A 1 212 ? 4.799   -15.090 -9.414  1.00 126.83 ? 445 ASP A CA  1 
ATOM   1682 C C   . ASP A 1 212 ? 3.739   -15.628 -8.460  1.00 131.72 ? 445 ASP A C   1 
ATOM   1683 O O   . ASP A 1 212 ? 2.575   -15.243 -8.575  1.00 133.25 ? 445 ASP A O   1 
ATOM   1684 C CB  . ASP A 1 212 ? 5.298   -16.229 -10.302 1.00 131.84 ? 445 ASP A CB  1 
ATOM   1685 N N   . ILE A 1 213 ? 4.149   -16.515 -7.549  1.00 134.29 ? 446 ILE A N   1 
ATOM   1686 C CA  . ILE A 1 213 ? 3.305   -17.189 -6.522  1.00 135.37 ? 446 ILE A CA  1 
ATOM   1687 C C   . ILE A 1 213 ? 2.561   -18.456 -7.006  1.00 137.91 ? 446 ILE A C   1 
ATOM   1688 O O   . ILE A 1 213 ? 2.124   -18.545 -8.169  1.00 138.37 ? 446 ILE A O   1 
ATOM   1689 C CB  . ILE A 1 213 ? 2.250   -16.242 -5.794  1.00 135.73 ? 446 ILE A CB  1 
ATOM   1690 C CG1 . ILE A 1 213 ? 0.852   -16.430 -6.399  1.00 136.77 ? 446 ILE A CG1 1 
ATOM   1691 C CG2 . ILE A 1 213 ? 2.705   -14.771 -5.820  1.00 135.94 ? 446 ILE A CG2 1 
ATOM   1692 C CD1 . ILE A 1 213 ? -0.279  -16.126 -5.409  1.00 133.67 ? 446 ILE A CD1 1 
ATOM   1693 N N   . SER A 1 214 ? 2.424   -19.427 -6.093  1.00 139.18 ? 447 SER A N   1 
ATOM   1694 C CA  . SER A 1 214 ? 1.783   -20.715 -6.392  1.00 140.61 ? 447 SER A CA  1 
ATOM   1695 C C   . SER A 1 214 ? 0.768   -21.145 -5.330  1.00 141.75 ? 447 SER A C   1 
ATOM   1696 O O   . SER A 1 214 ? -0.061  -22.043 -5.571  1.00 143.09 ? 447 SER A O   1 
ATOM   1697 C CB  . SER A 1 214 ? 2.850   -21.793 -6.525  1.00 145.38 ? 447 SER A CB  1 
ATOM   1698 N N   . VAL A 1 215 ? 0.850   -20.507 -4.159  1.00 145.23 ? 448 VAL A N   1 
ATOM   1699 C CA  . VAL A 1 215 ? -0.034  -20.807 -3.023  1.00 148.00 ? 448 VAL A CA  1 
ATOM   1700 C C   . VAL A 1 215 ? -1.534  -20.799 -3.365  1.00 149.26 ? 448 VAL A C   1 
ATOM   1701 O O   . VAL A 1 215 ? -2.210  -21.836 -3.245  1.00 148.55 ? 448 VAL A O   1 
ATOM   1702 C CB  . VAL A 1 215 ? 0.238   -19.816 -1.857  1.00 155.63 ? 448 VAL A CB  1 
ATOM   1703 N N   . GLU A 1 216 ? -2.049  -19.639 -3.784  1.00 145.98 ? 449 GLU A N   1 
ATOM   1704 C CA  . GLU A 1 216 ? -3.470  -19.537 -4.086  1.00 145.87 ? 449 GLU A CA  1 
ATOM   1705 C C   . GLU A 1 216 ? -3.835  -18.504 -5.164  1.00 144.33 ? 449 GLU A C   1 
ATOM   1706 O O   . GLU A 1 216 ? -2.988  -17.714 -5.630  1.00 144.42 ? 449 GLU A O   1 
ATOM   1707 C CB  . GLU A 1 216 ? -4.256  -19.244 -2.775  1.00 148.80 ? 449 GLU A CB  1 
ATOM   1708 N N   . ASP A 1 217 ? -5.113  -18.543 -5.548  1.00 144.23 ? 450 ASP A N   1 
ATOM   1709 C CA  . ASP A 1 217 ? -5.693  -17.657 -6.554  1.00 144.61 ? 450 ASP A CA  1 
ATOM   1710 C C   . ASP A 1 217 ? -7.197  -17.909 -6.527  1.00 144.78 ? 450 ASP A C   1 
ATOM   1711 O O   . ASP A 1 217 ? -7.667  -18.842 -7.243  1.00 143.55 ? 450 ASP A O   1 
ATOM   1712 C CB  . ASP A 1 217 ? -5.136  -17.962 -7.951  1.00 146.03 ? 450 ASP A CB  1 
ATOM   1713 N N   . SER A 1 218 ? -7.872  -17.173 -5.756  1.00 148.95 ? 451 SER A N   1 
HETATM 1714 O O1  . GU4 B 2 .   ? 11.373  -1.844  2.858   1.00 180.72 ? 501 GU4 A O1  1 
HETATM 1715 C C1  . GU4 B 2 .   ? 10.222  -1.091  2.870   1.00 181.41 ? 501 GU4 A C1  1 
HETATM 1716 O O5  . GU4 B 2 .   ? 10.564  0.242   3.348   1.00 181.32 ? 501 GU4 A O5  1 
HETATM 1717 C C5  . GU4 B 2 .   ? 11.652  0.807   2.570   1.00 181.75 ? 501 GU4 A C5  1 
HETATM 1718 C C6  . GU4 B 2 .   ? 11.910  2.249   3.081   1.00 181.63 ? 501 GU4 A C6  1 
HETATM 1719 O O6  . GU4 B 2 .   ? 10.756  3.165   3.123   1.00 181.81 ? 501 GU4 A O6  1 
HETATM 1720 S S6  . GU4 B 2 .   ? 10.908  4.508   3.848   1.00 181.50 ? 501 GU4 A S6  1 
HETATM 1721 O O22 . GU4 B 2 .   ? 11.641  4.356   5.128   1.00 181.31 ? 501 GU4 A O22 1 
HETATM 1722 O O23 . GU4 B 2 .   ? 9.553   4.953   4.255   1.00 181.75 ? 501 GU4 A O23 1 
HETATM 1723 O O21 . GU4 B 2 .   ? 11.483  5.445   2.817   1.00 181.85 ? 501 GU4 A O21 1 
HETATM 1724 C C4  . GU4 B 2 .   ? 11.316  0.891   1.019   1.00 182.14 ? 501 GU4 A C4  1 
HETATM 1725 O O4  . GU4 B 2 .   ? 12.472  1.268   0.254   1.00 182.34 ? 501 GU4 A O4  1 
HETATM 1726 S S4  . GU4 B 2 .   ? 12.313  2.513   -0.591  1.00 182.73 ? 501 GU4 A S4  1 
HETATM 1727 O O25 . GU4 B 2 .   ? 13.699  2.784   -1.116  1.00 182.15 ? 501 GU4 A O25 1 
HETATM 1728 O O26 . GU4 B 2 .   ? 11.337  2.221   -1.707  1.00 182.23 ? 501 GU4 A O26 1 
HETATM 1729 O O24 . GU4 B 2 .   ? 11.808  3.717   0.190   1.00 182.42 ? 501 GU4 A O24 1 
HETATM 1730 C C3  . GU4 B 2 .   ? 10.725  -0.460  0.458   1.00 182.34 ? 501 GU4 A C3  1 
HETATM 1731 O O3  . GU4 B 2 .   ? 10.157  -0.283  -0.860  1.00 183.03 ? 501 GU4 A O3  1 
HETATM 1732 S S3  . GU4 B 2 .   ? 10.928  -1.059  -1.928  1.00 183.78 ? 501 GU4 A S3  1 
HETATM 1733 O O28 . GU4 B 2 .   ? 10.515  -2.512  -1.838  1.00 183.00 ? 501 GU4 A O28 1 
HETATM 1734 O O29 . GU4 B 2 .   ? 10.548  -0.522  -3.266  1.00 183.12 ? 501 GU4 A O29 1 
HETATM 1735 O O27 . GU4 B 2 .   ? 12.418  -0.839  -1.816  1.00 183.27 ? 501 GU4 A O27 1 
HETATM 1736 C C2  . GU4 B 2 .   ? 9.659   -1.033  1.417   1.00 182.02 ? 501 GU4 A C2  1 
HETATM 1737 O O2  . GU4 B 2 .   ? 9.273   -2.315  0.949   1.00 182.22 ? 501 GU4 A O2  1 
HETATM 1738 S S2  . GU4 B 2 .   ? 7.780   -2.432  0.847   1.00 182.66 ? 501 GU4 A S2  1 
HETATM 1739 O O11 . GU4 B 2 .   ? 7.498   -3.853  0.536   1.00 182.68 ? 501 GU4 A O11 1 
HETATM 1740 O O12 . GU4 B 2 .   ? 7.155   -2.268  2.193   1.00 181.65 ? 501 GU4 A O12 1 
HETATM 1741 O O10 . GU4 B 2 .   ? 7.403   -1.491  -0.280  1.00 182.50 ? 501 GU4 A O10 1 
HETATM 1742 O O   . HOH C 3 .   ? 10.175  -14.019 -16.311 1.00 62.95  ? 1   HOH A O   1 
HETATM 1743 O O   . HOH C 3 .   ? 8.207   19.103  0.404   1.00 59.51  ? 2   HOH A O   1 
HETATM 1744 O O   . HOH C 3 .   ? -24.657 -9.735  29.456  1.00 68.02  ? 3   HOH A O   1 
HETATM 1745 O O   . HOH C 3 .   ? 8.012   17.718  7.438   1.00 59.95  ? 4   HOH A O   1 
HETATM 1746 O O   . HOH C 3 .   ? -24.151 -18.815 32.535  1.00 108.28 ? 5   HOH A O   1 
HETATM 1747 O O   . HOH C 3 .   ? 20.187  -9.815  -9.816  1.00 79.93  ? 6   HOH A O   1 
HETATM 1748 O O   . HOH C 3 .   ? 13.803  12.233  -28.728 1.00 79.67  ? 7   HOH A O   1 
HETATM 1749 O O   . HOH C 3 .   ? 6.952   -5.556  -10.701 1.00 73.95  ? 8   HOH A O   1 
HETATM 1750 O O   . HOH C 3 .   ? -7.506  -1.934  9.703   1.00 110.21 ? 9   HOH A O   1 
HETATM 1751 O O   . HOH C 3 .   ? 7.762   8.646   12.246  1.00 81.89  ? 10  HOH A O   1 
HETATM 1752 O O   . HOH C 3 .   ? 5.024   9.224   12.341  1.00 68.38  ? 11  HOH A O   1 
HETATM 1753 O O   . HOH C 3 .   ? -5.173  12.199  -1.457  1.00 76.08  ? 12  HOH A O   1 
HETATM 1754 O O   . HOH C 3 .   ? -2.681  -4.960  14.610  1.00 112.55 ? 13  HOH A O   1 
HETATM 1755 O O   . HOH C 3 .   ? 10.799  -12.235 -3.642  1.00 98.79  ? 14  HOH A O   1 
HETATM 1756 O O   . HOH C 3 .   ? -29.999 -14.334 35.285  1.00 96.78  ? 15  HOH A O   1 
HETATM 1757 O O   . HOH C 3 .   ? 6.232   -6.228  -0.558  1.00 70.47  ? 16  HOH A O   1 
HETATM 1758 O O   . HOH C 3 .   ? -22.745 -10.547 21.944  1.00 86.83  ? 17  HOH A O   1 
HETATM 1759 O O   . HOH C 3 .   ? -23.678 -5.910  39.648  1.00 76.82  ? 18  HOH A O   1 
HETATM 1760 O O   . HOH C 3 .   ? 7.402   -9.309  -3.068  1.00 100.20 ? 19  HOH A O   1 
HETATM 1761 O O   . HOH C 3 .   ? -6.194  -2.554  27.737  1.00 85.71  ? 20  HOH A O   1 
HETATM 1762 O O   . HOH C 3 .   ? -19.773 -15.384 37.050  1.00 78.01  ? 21  HOH A O   1 
HETATM 1763 O O   . HOH C 3 .   ? -12.976 13.757  9.547   1.00 83.99  ? 22  HOH A O   1 
HETATM 1764 O O   . HOH C 3 .   ? 8.670   21.770  -10.743 1.00 91.86  ? 23  HOH A O   1 
HETATM 1765 O O   . HOH C 3 .   ? -21.152 -7.970  40.316  1.00 63.76  ? 24  HOH A O   1 
HETATM 1766 O O   . HOH C 3 .   ? -34.089 -19.109 39.904  1.00 79.03  ? 25  HOH A O   1 
HETATM 1767 O O   . HOH C 3 .   ? -12.976 1.107   17.060  1.00 130.19 ? 26  HOH A O   1 
HETATM 1768 O O   . HOH C 3 .   ? 2.351   -5.972  -15.562 1.00 78.50  ? 27  HOH A O   1 
HETATM 1769 O O   . HOH C 3 .   ? 4.822   5.524   16.747  1.00 81.95  ? 28  HOH A O   1 
HETATM 1770 O O   . HOH C 3 .   ? -13.995 7.344   13.460  1.00 75.72  ? 29  HOH A O   1 
HETATM 1771 O O   . HOH C 3 .   ? -26.685 -11.171 22.076  1.00 112.92 ? 30  HOH A O   1 
HETATM 1772 O O   . HOH C 3 .   ? 19.379  5.370   -24.079 1.00 124.05 ? 31  HOH A O   1 
HETATM 1773 O O   . HOH C 3 .   ? 29.435  17.897  -24.776 1.00 148.76 ? 32  HOH A O   1 
HETATM 1774 O O   . HOH C 3 .   ? 9.414   -7.143  -2.942  1.00 89.93  ? 33  HOH A O   1 
HETATM 1775 O O   . HOH C 3 .   ? -0.055  -1.589  17.085  1.00 71.68  ? 34  HOH A O   1 
# 
loop_
_pdbx_poly_seq_scheme.asym_id 
_pdbx_poly_seq_scheme.entity_id 
_pdbx_poly_seq_scheme.seq_id 
_pdbx_poly_seq_scheme.mon_id 
_pdbx_poly_seq_scheme.ndb_seq_num 
_pdbx_poly_seq_scheme.pdb_seq_num 
_pdbx_poly_seq_scheme.auth_seq_num 
_pdbx_poly_seq_scheme.pdb_mon_id 
_pdbx_poly_seq_scheme.auth_mon_id 
_pdbx_poly_seq_scheme.pdb_strand_id 
_pdbx_poly_seq_scheme.pdb_ins_code 
_pdbx_poly_seq_scheme.hetero 
A 1 1   SER 1   234 234 SER SER A . n 
A 1 2   GLN 2   235 235 GLN GLN A . n 
A 1 3   ASP 3   236 236 ASP ASP A . n 
A 1 4   PRO 4   237 237 PRO PRO A . n 
A 1 5   TYR 5   238 238 TYR TYR A . n 
A 1 6   PHE 6   239 239 PHE PHE A . n 
A 1 7   LYS 7   240 240 LYS ALA A . n 
A 1 8   ILE 8   241 241 ILE ILE A . n 
A 1 9   ALA 9   242 242 ALA ALA A . n 
A 1 10  ASN 10  243 243 ASN ASN A . n 
A 1 11  TRP 11  244 244 TRP TRP A . n 
A 1 12  THR 12  245 245 THR THR A . n 
A 1 13  ASN 13  246 246 ASN ASN A . n 
A 1 14  GLU 14  247 247 GLU GLU A . n 
A 1 15  HIS 15  248 248 HIS HIS A . n 
A 1 16  ASP 16  249 249 ASP ASP A . n 
A 1 17  ASP 17  250 250 ASP ASP A . n 
A 1 18  PHE 18  251 251 PHE PHE A . n 
A 1 19  LYS 19  252 252 LYS SER A . n 
A 1 20  LYS 20  253 253 LYS ALA A . n 
A 1 21  ALA 21  254 254 ALA ALA A . n 
A 1 22  GLU 22  255 255 GLU GLU A . n 
A 1 23  MET 23  256 256 MET MET A . n 
A 1 24  ARG 24  257 257 ARG ARG A . n 
A 1 25  MET 25  258 258 MET MET A . n 
A 1 26  ASP 26  259 259 ASP ASP A . n 
A 1 27  GLU 27  260 260 GLU GLU A . n 
A 1 28  LYS 28  261 261 LYS SER A . n 
A 1 29  HIS 29  262 262 HIS HIS A . n 
A 1 30  ARG 30  263 263 ARG ARG A . n 
A 1 31  LYS 31  264 264 LYS SER A . n 
A 1 32  LYS 32  265 265 LYS SER A . n 
A 1 33  VAL 33  266 266 VAL VAL A . n 
A 1 34  ASP 34  267 267 ASP ASP A . n 
A 1 35  LYS 35  268 268 LYS SER A . n 
A 1 36  VAL 36  269 269 VAL VAL A . n 
A 1 37  MET 37  270 270 MET MET A . n 
A 1 38  LYS 38  271 271 LYS LYS A . n 
A 1 39  GLU 39  272 272 GLU SER A . n 
A 1 40  TRP 40  273 273 TRP TRP A . n 
A 1 41  GLY 41  274 274 GLY GLY A . n 
A 1 42  ASP 42  275 275 ASP ASP A . n 
A 1 43  LEU 43  276 276 LEU LEU A . n 
A 1 44  GLU 44  277 277 GLU GLU A . n 
A 1 45  THR 45  278 278 THR THR A . n 
A 1 46  ARG 46  279 279 ARG SER A . n 
A 1 47  TYR 47  280 280 TYR TYR A . n 
A 1 48  ASN 48  281 281 ASN ASN A . n 
A 1 49  GLU 49  282 282 GLU GLU A . n 
A 1 50  GLN 50  283 283 GLN GLN A . n 
A 1 51  LYS 51  284 284 LYS LYS A . n 
A 1 52  ALA 52  285 285 ALA ALA A . n 
A 1 53  LYS 53  286 286 LYS LYS A . n 
A 1 54  ASP 54  287 287 ASP ASP A . n 
A 1 55  PRO 55  288 288 PRO PRO A . n 
A 1 56  LYS 56  289 289 LYS ALA A . n 
A 1 57  GLY 57  290 290 GLY GLY A . n 
A 1 58  ALA 58  291 291 ALA ALA A . n 
A 1 59  GLU 59  292 292 GLU GLU A . n 
A 1 60  LYS 60  293 293 LYS SER A . n 
A 1 61  PHE 61  294 294 PHE PHE A . n 
A 1 62  LYS 62  295 295 LYS LYS A . n 
A 1 63  SER 63  296 296 SER SER A . n 
A 1 64  GLN 64  297 297 GLN ALA A . n 
A 1 65  MET 65  298 298 MET MET A . n 
A 1 66  ASN 66  299 299 ASN ASN A . n 
A 1 67  ALA 67  300 300 ALA ALA A . n 
A 1 68  ARG 68  301 301 ARG SER A . n 
A 1 69  PHE 69  302 302 PHE PHE A . n 
A 1 70  GLN 70  303 303 GLN GLN A . n 
A 1 71  LYS 71  304 304 LYS SER A . n 
A 1 72  THR 72  305 305 THR THR A . n 
A 1 73  VAL 73  306 306 VAL VAL A . n 
A 1 74  SER 74  307 307 SER SER A . n 
A 1 75  SER 75  308 308 SER SER A . n 
A 1 76  LEU 76  309 309 LEU LEU A . n 
A 1 77  GLU 77  310 310 GLU GLU A . n 
A 1 78  GLU 78  311 311 GLU GLU A . n 
A 1 79  GLU 79  312 312 GLU SER A . n 
A 1 80  HIS 80  313 313 HIS HIS A . n 
A 1 81  LYS 81  314 314 LYS SER A . n 
A 1 82  ARG 82  315 315 ARG ARG A . n 
A 1 83  MET 83  316 316 MET MET A . n 
A 1 84  ARG 84  317 317 ARG SER A . n 
A 1 85  LYS 85  318 318 LYS SER A . n 
A 1 86  GLU 86  319 319 GLU GLU A . n 
A 1 87  ILE 87  320 320 ILE ILE A . n 
A 1 88  GLU 88  321 321 GLU GLU A . n 
A 1 89  ALA 89  322 322 ALA ALA A . n 
A 1 90  VAL 90  323 323 VAL VAL A . n 
A 1 91  HIS 91  324 324 HIS HIS A . n 
A 1 92  GLU 92  325 325 GLU ALA A . n 
A 1 93  GLU 93  326 326 GLU SER A . n 
A 1 94  ARG 94  327 327 ARG ARG A . n 
A 1 95  VAL 95  328 328 VAL VAL A . n 
A 1 96  GLN 96  329 329 GLN GLN A . n 
A 1 97  ALA 97  330 330 ALA ALA A . n 
A 1 98  MET 98  331 331 MET MET A . n 
A 1 99  LEU 99  332 332 LEU LEU A . n 
A 1 100 ASN 100 333 333 ASN ASN A . n 
A 1 101 GLU 101 334 334 GLU GLU A . n 
A 1 102 LYS 102 335 335 LYS SER A . n 
A 1 103 LYS 103 336 336 LYS LYS A . n 
A 1 104 ARG 104 337 337 ARG ARG A . n 
A 1 105 ASP 105 338 338 ASP ASP A . n 
A 1 106 ALA 106 339 339 ALA ALA A . n 
A 1 107 THR 107 340 340 THR THR A . n 
A 1 108 HIS 108 341 341 HIS HIS A . n 
A 1 109 ASP 109 342 342 ASP ASP A . n 
A 1 110 TYR 110 343 343 TYR TYR A . n 
A 1 111 ARG 111 344 344 ARG ARG A . n 
A 1 112 GLN 112 345 345 GLN GLN A . n 
A 1 113 ALA 113 346 346 ALA ALA A . n 
A 1 114 LEU 114 347 347 LEU LEU A . n 
A 1 115 ALA 115 348 348 ALA ALA A . n 
A 1 116 THR 116 349 349 THR THR A . n 
A 1 117 HIS 117 350 350 HIS HIS A . n 
A 1 118 VAL 118 351 351 VAL VAL A . n 
A 1 119 ASN 119 352 352 ASN ASN A . n 
A 1 120 LYS 120 353 353 LYS LYS A . n 
A 1 121 PRO 121 354 354 PRO PRO A . n 
A 1 122 ASN 122 355 355 ASN ASN A . n 
A 1 123 LYS 123 356 356 LYS LYS A . n 
A 1 124 HIS 124 357 357 HIS HIS A . n 
A 1 125 SER 125 358 358 SER SER A . n 
A 1 126 VAL 126 359 359 VAL VAL A . n 
A 1 127 LEU 127 360 360 LEU LEU A . n 
A 1 128 GLN 128 361 361 GLN GLN A . n 
A 1 129 SER 129 362 362 SER SER A . n 
A 1 130 LEU 130 363 363 LEU LEU A . n 
A 1 131 LYS 131 364 364 LYS LYS A . n 
A 1 132 ALA 132 365 365 ALA ALA A . n 
A 1 133 TYR 133 366 366 TYR TYR A . n 
A 1 134 ILE 134 367 367 ILE ILE A . n 
A 1 135 ARG 135 368 368 ARG ARG A . n 
A 1 136 ALA 136 369 369 ALA ALA A . n 
A 1 137 GLU 137 370 370 GLU GLU A . n 
A 1 138 GLU 138 371 371 GLU GLU A . n 
A 1 139 LYS 139 372 372 LYS SER A . n 
A 1 140 ASP 140 373 373 ASP ASP A . n 
A 1 141 ARG 141 374 374 ARG ARG A . n 
A 1 142 MET 142 375 375 MET MET A . n 
A 1 143 HIS 143 376 376 HIS HIS A . n 
A 1 144 THR 144 377 377 THR THR A . n 
A 1 145 LEU 145 378 378 LEU LEU A . n 
A 1 146 ASN 146 379 379 ASN ASN A . n 
A 1 147 ARG 147 380 380 ARG ARG A . n 
A 1 148 TYR 148 381 381 TYR TYR A . n 
A 1 149 ARG 149 382 382 ARG ALA A . n 
A 1 150 HIS 150 383 383 HIS SER A . n 
A 1 151 LEU 151 384 384 LEU LEU A . n 
A 1 152 LEU 152 385 385 LEU LEU A . n 
A 1 153 LYS 153 386 386 LYS ALA A . n 
A 1 154 ALA 154 387 387 ALA ALA A . n 
A 1 155 ASP 155 388 388 ASP SER A . n 
A 1 156 SER 156 389 389 SER SER A . n 
A 1 157 LYS 157 390 390 LYS ALA A . n 
A 1 158 GLU 158 391 391 GLU ALA A . n 
A 1 159 ALA 159 392 392 ALA ALA A . n 
A 1 160 ALA 160 393 393 ALA ALA A . n 
A 1 161 ALA 161 394 394 ALA ALA A . n 
A 1 162 TYR 162 395 395 TYR TYR A . n 
A 1 163 LYS 163 396 396 LYS LYS A . n 
A 1 164 PRO 164 397 397 PRO PRO A . n 
A 1 165 THR 165 398 398 THR THR A . n 
A 1 166 VAL 166 399 399 VAL VAL A . n 
A 1 167 ILE 167 400 400 ILE ILE A . n 
A 1 168 HIS 168 401 401 HIS HIS A . n 
A 1 169 ARG 169 402 402 ARG ARG A . n 
A 1 170 LEU 170 403 403 LEU LEU A . n 
A 1 171 ARG 171 404 404 ARG ARG A . n 
A 1 172 TYR 172 405 405 TYR TYR A . n 
A 1 173 ILE 173 406 406 ILE ILE A . n 
A 1 174 ASP 174 407 407 ASP ASP A . n 
A 1 175 LEU 175 408 408 LEU LEU A . n 
A 1 176 ARG 176 409 409 ARG ARG A . n 
A 1 177 ILE 177 410 410 ILE ILE A . n 
A 1 178 ASN 178 411 411 ASN ASN A . n 
A 1 179 GLY 179 412 412 GLY GLY A . n 
A 1 180 THR 180 413 413 THR THR A . n 
A 1 181 LEU 181 414 414 LEU LEU A . n 
A 1 182 ALA 182 415 415 ALA ALA A . n 
A 1 183 MET 183 416 416 MET MET A . n 
A 1 184 LEU 184 417 417 LEU LEU A . n 
A 1 185 ARG 185 418 418 ARG ARG A . n 
A 1 186 ASP 186 419 419 ASP ASP A . n 
A 1 187 PHE 187 420 420 PHE PHE A . n 
A 1 188 PRO 188 421 421 PRO PRO A . n 
A 1 189 ASP 189 422 422 ASP ASP A . n 
A 1 190 LEU 190 423 423 LEU LEU A . n 
A 1 191 GLU 191 424 424 GLU GLU A . n 
A 1 192 LYS 192 425 425 LYS SER A . n 
A 1 193 TYR 193 426 426 TYR TYR A . n 
A 1 194 VAL 194 427 427 VAL VAL A . n 
A 1 195 ARG 195 428 428 ARG ARG A . n 
A 1 196 PRO 196 429 429 PRO PRO A . n 
A 1 197 ILE 197 430 430 ILE ILE A . n 
A 1 198 ALA 198 431 431 ALA ALA A . n 
A 1 199 VAL 199 432 432 VAL VAL A . n 
A 1 200 THR 200 433 433 THR THR A . n 
A 1 201 TYR 201 434 434 TYR TYR A . n 
A 1 202 TRP 202 435 435 TRP TRP A . n 
A 1 203 LYS 203 436 436 LYS LYS A . n 
A 1 204 ASP 204 437 437 ASP ASP A . n 
A 1 205 TYR 205 438 438 TYR TYR A . n 
A 1 206 ARG 206 439 439 ARG ARG A . n 
A 1 207 ASP 207 440 440 ASP ASP A . n 
A 1 208 GLU 208 441 441 GLU GLU A . n 
A 1 209 VAL 209 442 442 VAL VAL A . n 
A 1 210 SER 210 443 443 SER SER A . n 
A 1 211 PRO 211 444 444 PRO PRO A . n 
A 1 212 ASP 212 445 445 ASP ALA A . n 
A 1 213 ILE 213 446 446 ILE ILE A . n 
A 1 214 SER 214 447 447 SER ALA A . n 
A 1 215 VAL 215 448 448 VAL ALA A . n 
A 1 216 GLU 216 449 449 GLU ALA A . n 
A 1 217 ASP 217 450 450 ASP ALA A . n 
A 1 218 SER 218 451 450 SER ALA A . n 
A 1 219 GLU 219 452 ?   ?   ?   A . n 
A 1 220 LEU 220 453 ?   ?   ?   A . n 
A 1 221 THR 221 454 ?   ?   ?   A . n 
A 1 222 PRO 222 455 ?   ?   ?   A . n 
A 1 223 ILE 223 456 ?   ?   ?   A . n 
A 1 224 ILE 224 457 ?   ?   ?   A . n 
A 1 225 HIS 225 458 ?   ?   ?   A . n 
A 1 226 ASP 226 459 ?   ?   ?   A . n 
A 1 227 ASP 227 460 ?   ?   ?   A . n 
A 1 228 GLU 228 461 ?   ?   ?   A . n 
A 1 229 PHE 229 462 ?   ?   ?   A . n 
A 1 230 SER 230 463 ?   ?   ?   A . n 
A 1 231 LYS 231 464 ?   ?   ?   A . n 
A 1 232 ASN 232 465 ?   ?   ?   A . n 
A 1 233 ALA 233 466 ?   ?   ?   A . n 
A 1 234 LYS 234 467 ?   ?   ?   A . n 
A 1 235 LEU 235 468 ?   ?   ?   A . n 
A 1 236 ASP 236 469 ?   ?   ?   A . n 
A 1 237 VAL 237 470 ?   ?   ?   A . n 
A 1 238 LYS 238 471 ?   ?   ?   A . n 
A 1 239 ALA 239 472 ?   ?   ?   A . n 
# 
loop_
_pdbx_nonpoly_scheme.asym_id 
_pdbx_nonpoly_scheme.entity_id 
_pdbx_nonpoly_scheme.mon_id 
_pdbx_nonpoly_scheme.ndb_seq_num 
_pdbx_nonpoly_scheme.pdb_seq_num 
_pdbx_nonpoly_scheme.auth_seq_num 
_pdbx_nonpoly_scheme.pdb_mon_id 
_pdbx_nonpoly_scheme.auth_mon_id 
_pdbx_nonpoly_scheme.pdb_strand_id 
_pdbx_nonpoly_scheme.pdb_ins_code 
B 2 GU4 1  501 501 GU4 NT2 A . 
C 3 HOH 1  1   1   HOH TIP A . 
C 3 HOH 2  2   2   HOH TIP A . 
C 3 HOH 3  3   3   HOH TIP A . 
C 3 HOH 4  4   4   HOH TIP A . 
C 3 HOH 5  5   5   HOH TIP A . 
C 3 HOH 6  6   6   HOH TIP A . 
C 3 HOH 7  7   7   HOH TIP A . 
C 3 HOH 8  8   8   HOH TIP A . 
C 3 HOH 9  9   9   HOH TIP A . 
C 3 HOH 10 10  10  HOH TIP A . 
C 3 HOH 11 11  11  HOH TIP A . 
C 3 HOH 12 12  12  HOH TIP A . 
C 3 HOH 13 13  13  HOH TIP A . 
C 3 HOH 14 14  14  HOH TIP A . 
C 3 HOH 15 15  15  HOH TIP A . 
C 3 HOH 16 16  16  HOH TIP A . 
C 3 HOH 17 17  17  HOH TIP A . 
C 3 HOH 18 18  18  HOH TIP A . 
C 3 HOH 19 19  19  HOH TIP A . 
C 3 HOH 20 20  20  HOH TIP A . 
C 3 HOH 21 21  21  HOH TIP A . 
C 3 HOH 22 22  22  HOH TIP A . 
C 3 HOH 23 23  23  HOH TIP A . 
C 3 HOH 24 24  24  HOH TIP A . 
C 3 HOH 25 25  25  HOH TIP A . 
C 3 HOH 26 26  26  HOH TIP A . 
C 3 HOH 27 27  27  HOH TIP A . 
C 3 HOH 28 28  28  HOH TIP A . 
C 3 HOH 29 29  29  HOH TIP A . 
C 3 HOH 30 30  30  HOH TIP A . 
C 3 HOH 31 31  31  HOH TIP A . 
C 3 HOH 32 32  32  HOH TIP A . 
C 3 HOH 33 33  33  HOH TIP A . 
C 3 HOH 34 34  34  HOH TIP A . 
# 
_pdbx_struct_assembly.id                   1 
_pdbx_struct_assembly.details              author_and_software_defined_assembly 
_pdbx_struct_assembly.method_details       PISA 
_pdbx_struct_assembly.oligomeric_details   monomeric 
_pdbx_struct_assembly.oligomeric_count     1 
# 
_pdbx_struct_assembly_gen.assembly_id       1 
_pdbx_struct_assembly_gen.oper_expression   1 
_pdbx_struct_assembly_gen.asym_id_list      A,B,C 
# 
_pdbx_struct_oper_list.id                   1 
_pdbx_struct_oper_list.type                 'identity operation' 
_pdbx_struct_oper_list.name                 1_555 
_pdbx_struct_oper_list.symmetry_operation   x,y,z 
_pdbx_struct_oper_list.matrix[1][1]         1.0000000000 
_pdbx_struct_oper_list.matrix[1][2]         0.0000000000 
_pdbx_struct_oper_list.matrix[1][3]         0.0000000000 
_pdbx_struct_oper_list.vector[1]            0.0000000000 
_pdbx_struct_oper_list.matrix[2][1]         0.0000000000 
_pdbx_struct_oper_list.matrix[2][2]         1.0000000000 
_pdbx_struct_oper_list.matrix[2][3]         0.0000000000 
_pdbx_struct_oper_list.vector[2]            0.0000000000 
_pdbx_struct_oper_list.matrix[3][1]         0.0000000000 
_pdbx_struct_oper_list.matrix[3][2]         0.0000000000 
_pdbx_struct_oper_list.matrix[3][3]         1.0000000000 
_pdbx_struct_oper_list.vector[3]            0.0000000000 
# 
loop_
_pdbx_audit_revision_history.ordinal 
_pdbx_audit_revision_history.data_content_type 
_pdbx_audit_revision_history.major_revision 
_pdbx_audit_revision_history.minor_revision 
_pdbx_audit_revision_history.revision_date 
1 'Structure model' 1 0 2009-11-10 
2 'Structure model' 1 1 2011-07-13 
3 'Structure model' 2 0 2020-04-22 
4 'Structure model' 2 1 2020-07-29 
5 'Structure model' 2 2 2023-09-06 
# 
loop_
_pdbx_audit_revision_details.ordinal 
_pdbx_audit_revision_details.revision_ordinal 
_pdbx_audit_revision_details.data_content_type 
_pdbx_audit_revision_details.provider 
_pdbx_audit_revision_details.type 
_pdbx_audit_revision_details.description 
_pdbx_audit_revision_details.details 
1 1 'Structure model' repository 'Initial release' ?                          ? 
2 4 'Structure model' repository Remediation       'Carbohydrate remediation' ? 
# 
loop_
_pdbx_audit_revision_group.ordinal 
_pdbx_audit_revision_group.revision_ordinal 
_pdbx_audit_revision_group.data_content_type 
_pdbx_audit_revision_group.group 
1  2 'Structure model' 'Version format compliance' 
2  3 'Structure model' 'Atomic model'              
3  3 'Structure model' 'Data collection'           
4  3 'Structure model' 'Derived calculations'      
5  3 'Structure model' 'Non-polymer description'   
6  3 'Structure model' 'Structure summary'         
7  4 'Structure model' 'Data collection'           
8  4 'Structure model' 'Derived calculations'      
9  4 'Structure model' 'Structure summary'         
10 5 'Structure model' 'Data collection'           
11 5 'Structure model' 'Database references'       
12 5 'Structure model' 'Refinement description'    
13 5 'Structure model' 'Structure summary'         
# 
loop_
_pdbx_audit_revision_category.ordinal 
_pdbx_audit_revision_category.revision_ordinal 
_pdbx_audit_revision_category.data_content_type 
_pdbx_audit_revision_category.category 
1  3 'Structure model' atom_site                     
2  3 'Structure model' chem_comp                     
3  3 'Structure model' entity                        
4  3 'Structure model' pdbx_entity_nonpoly           
5  3 'Structure model' pdbx_nonpoly_scheme           
6  4 'Structure model' chem_comp                     
7  4 'Structure model' entity                        
8  4 'Structure model' pdbx_chem_comp_identifier     
9  4 'Structure model' pdbx_entity_nonpoly           
10 4 'Structure model' struct_site                   
11 4 'Structure model' struct_site_gen               
12 5 'Structure model' chem_comp                     
13 5 'Structure model' chem_comp_atom                
14 5 'Structure model' chem_comp_bond                
15 5 'Structure model' database_2                    
16 5 'Structure model' pdbx_initial_refinement_model 
# 
loop_
_pdbx_audit_revision_item.ordinal 
_pdbx_audit_revision_item.revision_ordinal 
_pdbx_audit_revision_item.data_content_type 
_pdbx_audit_revision_item.item 
1  3 'Structure model' '_atom_site.B_iso_or_equiv'           
2  3 'Structure model' '_atom_site.Cartn_x'                  
3  3 'Structure model' '_atom_site.Cartn_y'                  
4  3 'Structure model' '_atom_site.Cartn_z'                  
5  3 'Structure model' '_atom_site.auth_atom_id'             
6  3 'Structure model' '_atom_site.auth_comp_id'             
7  3 'Structure model' '_atom_site.label_atom_id'            
8  3 'Structure model' '_atom_site.label_comp_id'            
9  3 'Structure model' '_atom_site.type_symbol'              
10 3 'Structure model' '_chem_comp.formula'                  
11 3 'Structure model' '_chem_comp.formula_weight'           
12 3 'Structure model' '_chem_comp.id'                       
13 3 'Structure model' '_chem_comp.mon_nstd_flag'            
14 3 'Structure model' '_chem_comp.name'                     
15 3 'Structure model' '_chem_comp.type'                     
16 3 'Structure model' '_entity.pdbx_description'            
17 3 'Structure model' '_pdbx_entity_nonpoly.comp_id'        
18 3 'Structure model' '_pdbx_entity_nonpoly.name'           
19 3 'Structure model' '_pdbx_nonpoly_scheme.mon_id'         
20 3 'Structure model' '_pdbx_nonpoly_scheme.pdb_mon_id'     
21 4 'Structure model' '_chem_comp.mon_nstd_flag'            
22 4 'Structure model' '_chem_comp.name'                     
23 4 'Structure model' '_chem_comp.type'                     
24 4 'Structure model' '_entity.pdbx_description'            
25 4 'Structure model' '_pdbx_entity_nonpoly.name'           
26 5 'Structure model' '_chem_comp.pdbx_synonyms'            
27 5 'Structure model' '_database_2.pdbx_DOI'                
28 5 'Structure model' '_database_2.pdbx_database_accession' 
# 
loop_
_software.name 
_software.classification 
_software.version 
_software.citation_id 
_software.pdbx_ordinal 
HKL-2000  'data collection' . ? 1 
CNS       refinement        . ? 2 
DENZO     'data reduction'  . ? 3 
SCALEPACK 'data scaling'    . ? 4 
CNS       phasing           . ? 5 
# 
_pdbx_validate_rmsd_angle.id                         1 
_pdbx_validate_rmsd_angle.PDB_model_num              1 
_pdbx_validate_rmsd_angle.auth_atom_id_1             C 
_pdbx_validate_rmsd_angle.auth_asym_id_1             A 
_pdbx_validate_rmsd_angle.auth_comp_id_1             LYS 
_pdbx_validate_rmsd_angle.auth_seq_id_1              353 
_pdbx_validate_rmsd_angle.PDB_ins_code_1             ? 
_pdbx_validate_rmsd_angle.label_alt_id_1             ? 
_pdbx_validate_rmsd_angle.auth_atom_id_2             N 
_pdbx_validate_rmsd_angle.auth_asym_id_2             A 
_pdbx_validate_rmsd_angle.auth_comp_id_2             PRO 
_pdbx_validate_rmsd_angle.auth_seq_id_2              354 
_pdbx_validate_rmsd_angle.PDB_ins_code_2             ? 
_pdbx_validate_rmsd_angle.label_alt_id_2             ? 
_pdbx_validate_rmsd_angle.auth_atom_id_3             CA 
_pdbx_validate_rmsd_angle.auth_asym_id_3             A 
_pdbx_validate_rmsd_angle.auth_comp_id_3             PRO 
_pdbx_validate_rmsd_angle.auth_seq_id_3              354 
_pdbx_validate_rmsd_angle.PDB_ins_code_3             ? 
_pdbx_validate_rmsd_angle.label_alt_id_3             ? 
_pdbx_validate_rmsd_angle.angle_value                131.15 
_pdbx_validate_rmsd_angle.angle_target_value         119.30 
_pdbx_validate_rmsd_angle.angle_deviation            11.85 
_pdbx_validate_rmsd_angle.angle_standard_deviation   1.50 
_pdbx_validate_rmsd_angle.linker_flag                Y 
# 
loop_
_pdbx_validate_torsion.id 
_pdbx_validate_torsion.PDB_model_num 
_pdbx_validate_torsion.auth_comp_id 
_pdbx_validate_torsion.auth_asym_id 
_pdbx_validate_torsion.auth_seq_id 
_pdbx_validate_torsion.PDB_ins_code 
_pdbx_validate_torsion.label_alt_id 
_pdbx_validate_torsion.phi 
_pdbx_validate_torsion.psi 
1  1 ALA A 242 ? ? -146.36 10.84   
2  1 TRP A 244 ? ? 55.37   -7.82   
3  1 PRO A 288 ? ? -38.42  -32.40  
4  1 ASN A 352 ? ? -76.56  -80.19  
5  1 PRO A 354 ? ? -33.37  77.65   
6  1 LYS A 356 ? ? -10.53  -82.96  
7  1 SER A 389 ? ? -58.83  -8.70   
8  1 LYS A 390 ? ? -96.06  -67.74  
9  1 TYR A 395 ? ? -130.28 -37.38  
10 1 ARG A 418 ? ? -39.18  -36.60  
11 1 PHE A 420 ? ? -104.55 75.87   
12 1 PRO A 444 ? ? -47.27  -123.97 
13 1 ASP A 445 ? ? -136.55 -58.20  
14 1 ILE A 446 ? ? 84.36   145.28  
15 1 ASP A 450 ? ? -171.88 91.43   
# 
loop_
_pdbx_unobs_or_zero_occ_atoms.id 
_pdbx_unobs_or_zero_occ_atoms.PDB_model_num 
_pdbx_unobs_or_zero_occ_atoms.polymer_flag 
_pdbx_unobs_or_zero_occ_atoms.occupancy_flag 
_pdbx_unobs_or_zero_occ_atoms.auth_asym_id 
_pdbx_unobs_or_zero_occ_atoms.auth_comp_id 
_pdbx_unobs_or_zero_occ_atoms.auth_seq_id 
_pdbx_unobs_or_zero_occ_atoms.PDB_ins_code 
_pdbx_unobs_or_zero_occ_atoms.auth_atom_id 
_pdbx_unobs_or_zero_occ_atoms.label_alt_id 
_pdbx_unobs_or_zero_occ_atoms.label_asym_id 
_pdbx_unobs_or_zero_occ_atoms.label_comp_id 
_pdbx_unobs_or_zero_occ_atoms.label_seq_id 
_pdbx_unobs_or_zero_occ_atoms.label_atom_id 
1   1 Y 1 A LYS 240 ? CG  ? A LYS 7   CG  
2   1 Y 1 A LYS 240 ? CD  ? A LYS 7   CD  
3   1 Y 1 A LYS 240 ? CE  ? A LYS 7   CE  
4   1 Y 1 A LYS 240 ? NZ  ? A LYS 7   NZ  
5   1 Y 1 A LYS 252 ? CD  ? A LYS 19  CD  
6   1 Y 1 A LYS 252 ? CE  ? A LYS 19  CE  
7   1 Y 1 A LYS 252 ? NZ  ? A LYS 19  NZ  
8   1 Y 1 A LYS 253 ? CG  ? A LYS 20  CG  
9   1 Y 1 A LYS 253 ? CD  ? A LYS 20  CD  
10  1 Y 1 A LYS 253 ? CE  ? A LYS 20  CE  
11  1 Y 1 A LYS 253 ? NZ  ? A LYS 20  NZ  
12  1 Y 1 A LYS 261 ? CD  ? A LYS 28  CD  
13  1 Y 1 A LYS 261 ? CE  ? A LYS 28  CE  
14  1 Y 1 A LYS 261 ? NZ  ? A LYS 28  NZ  
15  1 Y 1 A LYS 264 ? CD  ? A LYS 31  CD  
16  1 Y 1 A LYS 264 ? CE  ? A LYS 31  CE  
17  1 Y 1 A LYS 264 ? NZ  ? A LYS 31  NZ  
18  1 Y 1 A LYS 265 ? CD  ? A LYS 32  CD  
19  1 Y 1 A LYS 265 ? CE  ? A LYS 32  CE  
20  1 Y 1 A LYS 265 ? NZ  ? A LYS 32  NZ  
21  1 Y 1 A LYS 268 ? CD  ? A LYS 35  CD  
22  1 Y 1 A LYS 268 ? CE  ? A LYS 35  CE  
23  1 Y 1 A LYS 268 ? NZ  ? A LYS 35  NZ  
24  1 Y 1 A GLU 272 ? CD  ? A GLU 39  CD  
25  1 Y 1 A GLU 272 ? OE1 ? A GLU 39  OE1 
26  1 Y 1 A GLU 272 ? OE2 ? A GLU 39  OE2 
27  1 Y 1 A ARG 279 ? CD  ? A ARG 46  CD  
28  1 Y 1 A ARG 279 ? NE  ? A ARG 46  NE  
29  1 Y 1 A ARG 279 ? CZ  ? A ARG 46  CZ  
30  1 Y 1 A ARG 279 ? NH1 ? A ARG 46  NH1 
31  1 Y 1 A ARG 279 ? NH2 ? A ARG 46  NH2 
32  1 Y 1 A LYS 289 ? CG  ? A LYS 56  CG  
33  1 Y 1 A LYS 289 ? CD  ? A LYS 56  CD  
34  1 Y 1 A LYS 289 ? CE  ? A LYS 56  CE  
35  1 Y 1 A LYS 289 ? NZ  ? A LYS 56  NZ  
36  1 Y 1 A LYS 293 ? CD  ? A LYS 60  CD  
37  1 Y 1 A LYS 293 ? CE  ? A LYS 60  CE  
38  1 Y 1 A LYS 293 ? NZ  ? A LYS 60  NZ  
39  1 Y 1 A GLN 297 ? CG  ? A GLN 64  CG  
40  1 Y 1 A GLN 297 ? CD  ? A GLN 64  CD  
41  1 Y 1 A GLN 297 ? OE1 ? A GLN 64  OE1 
42  1 Y 1 A GLN 297 ? NE2 ? A GLN 64  NE2 
43  1 Y 1 A ARG 301 ? CD  ? A ARG 68  CD  
44  1 Y 1 A ARG 301 ? NE  ? A ARG 68  NE  
45  1 Y 1 A ARG 301 ? CZ  ? A ARG 68  CZ  
46  1 Y 1 A ARG 301 ? NH1 ? A ARG 68  NH1 
47  1 Y 1 A ARG 301 ? NH2 ? A ARG 68  NH2 
48  1 Y 1 A LYS 304 ? CD  ? A LYS 71  CD  
49  1 Y 1 A LYS 304 ? CE  ? A LYS 71  CE  
50  1 Y 1 A LYS 304 ? NZ  ? A LYS 71  NZ  
51  1 Y 1 A GLU 312 ? CD  ? A GLU 79  CD  
52  1 Y 1 A GLU 312 ? OE1 ? A GLU 79  OE1 
53  1 Y 1 A GLU 312 ? OE2 ? A GLU 79  OE2 
54  1 Y 1 A LYS 314 ? CD  ? A LYS 81  CD  
55  1 Y 1 A LYS 314 ? CE  ? A LYS 81  CE  
56  1 Y 1 A LYS 314 ? NZ  ? A LYS 81  NZ  
57  1 Y 1 A ARG 317 ? CD  ? A ARG 84  CD  
58  1 Y 1 A ARG 317 ? NE  ? A ARG 84  NE  
59  1 Y 1 A ARG 317 ? CZ  ? A ARG 84  CZ  
60  1 Y 1 A ARG 317 ? NH1 ? A ARG 84  NH1 
61  1 Y 1 A ARG 317 ? NH2 ? A ARG 84  NH2 
62  1 Y 1 A LYS 318 ? CD  ? A LYS 85  CD  
63  1 Y 1 A LYS 318 ? CE  ? A LYS 85  CE  
64  1 Y 1 A LYS 318 ? NZ  ? A LYS 85  NZ  
65  1 Y 1 A GLU 325 ? CG  ? A GLU 92  CG  
66  1 Y 1 A GLU 325 ? CD  ? A GLU 92  CD  
67  1 Y 1 A GLU 325 ? OE1 ? A GLU 92  OE1 
68  1 Y 1 A GLU 325 ? OE2 ? A GLU 92  OE2 
69  1 Y 1 A GLU 326 ? CD  ? A GLU 93  CD  
70  1 Y 1 A GLU 326 ? OE1 ? A GLU 93  OE1 
71  1 Y 1 A GLU 326 ? OE2 ? A GLU 93  OE2 
72  1 Y 1 A LYS 335 ? CD  ? A LYS 102 CD  
73  1 Y 1 A LYS 335 ? CE  ? A LYS 102 CE  
74  1 Y 1 A LYS 335 ? NZ  ? A LYS 102 NZ  
75  1 Y 1 A LYS 372 ? CD  ? A LYS 139 CD  
76  1 Y 1 A LYS 372 ? CE  ? A LYS 139 CE  
77  1 Y 1 A LYS 372 ? NZ  ? A LYS 139 NZ  
78  1 Y 1 A ARG 382 ? CG  ? A ARG 149 CG  
79  1 Y 1 A ARG 382 ? CD  ? A ARG 149 CD  
80  1 Y 1 A ARG 382 ? NE  ? A ARG 149 NE  
81  1 Y 1 A ARG 382 ? CZ  ? A ARG 149 CZ  
82  1 Y 1 A ARG 382 ? NH1 ? A ARG 149 NH1 
83  1 Y 1 A ARG 382 ? NH2 ? A ARG 149 NH2 
84  1 Y 1 A HIS 383 ? ND1 ? A HIS 150 ND1 
85  1 Y 1 A HIS 383 ? CD2 ? A HIS 150 CD2 
86  1 Y 1 A HIS 383 ? CE1 ? A HIS 150 CE1 
87  1 Y 1 A HIS 383 ? NE2 ? A HIS 150 NE2 
88  1 Y 1 A LYS 386 ? CG  ? A LYS 153 CG  
89  1 Y 1 A LYS 386 ? CD  ? A LYS 153 CD  
90  1 Y 1 A LYS 386 ? CE  ? A LYS 153 CE  
91  1 Y 1 A LYS 386 ? NZ  ? A LYS 153 NZ  
92  1 Y 1 A ASP 388 ? OD1 ? A ASP 155 OD1 
93  1 Y 1 A ASP 388 ? OD2 ? A ASP 155 OD2 
94  1 Y 1 A LYS 390 ? CG  ? A LYS 157 CG  
95  1 Y 1 A LYS 390 ? CD  ? A LYS 157 CD  
96  1 Y 1 A LYS 390 ? CE  ? A LYS 157 CE  
97  1 Y 1 A LYS 390 ? NZ  ? A LYS 157 NZ  
98  1 Y 1 A GLU 391 ? CG  ? A GLU 158 CG  
99  1 Y 1 A GLU 391 ? CD  ? A GLU 158 CD  
100 1 Y 1 A GLU 391 ? OE1 ? A GLU 158 OE1 
101 1 Y 1 A GLU 391 ? OE2 ? A GLU 158 OE2 
102 1 Y 1 A LYS 425 ? CD  ? A LYS 192 CD  
103 1 Y 1 A LYS 425 ? CE  ? A LYS 192 CE  
104 1 Y 1 A LYS 425 ? NZ  ? A LYS 192 NZ  
105 1 Y 1 A ASP 445 ? CG  ? A ASP 212 CG  
106 1 Y 1 A ASP 445 ? OD1 ? A ASP 212 OD1 
107 1 Y 1 A ASP 445 ? OD2 ? A ASP 212 OD2 
108 1 Y 1 A SER 447 ? OG  ? A SER 214 OG  
109 1 Y 1 A VAL 448 ? CG1 ? A VAL 215 CG1 
110 1 Y 1 A VAL 448 ? CG2 ? A VAL 215 CG2 
111 1 Y 1 A GLU 449 ? CG  ? A GLU 216 CG  
112 1 Y 1 A GLU 449 ? CD  ? A GLU 216 CD  
113 1 Y 1 A GLU 449 ? OE1 ? A GLU 216 OE1 
114 1 Y 1 A GLU 449 ? OE2 ? A GLU 216 OE2 
115 1 Y 1 A ASP 450 ? CG  ? A ASP 217 CG  
116 1 Y 1 A ASP 450 ? OD1 ? A ASP 217 OD1 
117 1 Y 1 A ASP 450 ? OD2 ? A ASP 217 OD2 
118 1 Y 1 A SER 451 ? CA  ? A SER 218 CA  
119 1 Y 1 A SER 451 ? C   ? A SER 218 C   
120 1 Y 1 A SER 451 ? O   ? A SER 218 O   
121 1 Y 1 A SER 451 ? CB  ? A SER 218 CB  
122 1 Y 1 A SER 451 ? OG  ? A SER 218 OG  
# 
loop_
_pdbx_unobs_or_zero_occ_residues.id 
_pdbx_unobs_or_zero_occ_residues.PDB_model_num 
_pdbx_unobs_or_zero_occ_residues.polymer_flag 
_pdbx_unobs_or_zero_occ_residues.occupancy_flag 
_pdbx_unobs_or_zero_occ_residues.auth_asym_id 
_pdbx_unobs_or_zero_occ_residues.auth_comp_id 
_pdbx_unobs_or_zero_occ_residues.auth_seq_id 
_pdbx_unobs_or_zero_occ_residues.PDB_ins_code 
_pdbx_unobs_or_zero_occ_residues.label_asym_id 
_pdbx_unobs_or_zero_occ_residues.label_comp_id 
_pdbx_unobs_or_zero_occ_residues.label_seq_id 
1  1 Y 1 A GLU 452 ? A GLU 219 
2  1 Y 1 A LEU 453 ? A LEU 220 
3  1 Y 1 A THR 454 ? A THR 221 
4  1 Y 1 A PRO 455 ? A PRO 222 
5  1 Y 1 A ILE 456 ? A ILE 223 
6  1 Y 1 A ILE 457 ? A ILE 224 
7  1 Y 1 A HIS 458 ? A HIS 225 
8  1 Y 1 A ASP 459 ? A ASP 226 
9  1 Y 1 A ASP 460 ? A ASP 227 
10 1 Y 1 A GLU 461 ? A GLU 228 
11 1 Y 1 A PHE 462 ? A PHE 229 
12 1 Y 1 A SER 463 ? A SER 230 
13 1 Y 1 A LYS 464 ? A LYS 231 
14 1 Y 1 A ASN 465 ? A ASN 232 
15 1 Y 1 A ALA 466 ? A ALA 233 
16 1 Y 1 A LYS 467 ? A LYS 234 
17 1 Y 1 A LEU 468 ? A LEU 235 
18 1 Y 1 A ASP 469 ? A ASP 236 
19 1 Y 1 A VAL 470 ? A VAL 237 
20 1 Y 1 A LYS 471 ? A LYS 238 
21 1 Y 1 A ALA 472 ? A ALA 239 
# 
loop_
_chem_comp_atom.comp_id 
_chem_comp_atom.atom_id 
_chem_comp_atom.type_symbol 
_chem_comp_atom.pdbx_aromatic_flag 
_chem_comp_atom.pdbx_stereo_config 
_chem_comp_atom.pdbx_ordinal 
ALA N    N N N 1   
ALA CA   C N S 2   
ALA C    C N N 3   
ALA O    O N N 4   
ALA CB   C N N 5   
ALA OXT  O N N 6   
ALA H    H N N 7   
ALA H2   H N N 8   
ALA HA   H N N 9   
ALA HB1  H N N 10  
ALA HB2  H N N 11  
ALA HB3  H N N 12  
ALA HXT  H N N 13  
ARG N    N N N 14  
ARG CA   C N S 15  
ARG C    C N N 16  
ARG O    O N N 17  
ARG CB   C N N 18  
ARG CG   C N N 19  
ARG CD   C N N 20  
ARG NE   N N N 21  
ARG CZ   C N N 22  
ARG NH1  N N N 23  
ARG NH2  N N N 24  
ARG OXT  O N N 25  
ARG H    H N N 26  
ARG H2   H N N 27  
ARG HA   H N N 28  
ARG HB2  H N N 29  
ARG HB3  H N N 30  
ARG HG2  H N N 31  
ARG HG3  H N N 32  
ARG HD2  H N N 33  
ARG HD3  H N N 34  
ARG HE   H N N 35  
ARG HH11 H N N 36  
ARG HH12 H N N 37  
ARG HH21 H N N 38  
ARG HH22 H N N 39  
ARG HXT  H N N 40  
ASN N    N N N 41  
ASN CA   C N S 42  
ASN C    C N N 43  
ASN O    O N N 44  
ASN CB   C N N 45  
ASN CG   C N N 46  
ASN OD1  O N N 47  
ASN ND2  N N N 48  
ASN OXT  O N N 49  
ASN H    H N N 50  
ASN H2   H N N 51  
ASN HA   H N N 52  
ASN HB2  H N N 53  
ASN HB3  H N N 54  
ASN HD21 H N N 55  
ASN HD22 H N N 56  
ASN HXT  H N N 57  
ASP N    N N N 58  
ASP CA   C N S 59  
ASP C    C N N 60  
ASP O    O N N 61  
ASP CB   C N N 62  
ASP CG   C N N 63  
ASP OD1  O N N 64  
ASP OD2  O N N 65  
ASP OXT  O N N 66  
ASP H    H N N 67  
ASP H2   H N N 68  
ASP HA   H N N 69  
ASP HB2  H N N 70  
ASP HB3  H N N 71  
ASP HD2  H N N 72  
ASP HXT  H N N 73  
GLN N    N N N 74  
GLN CA   C N S 75  
GLN C    C N N 76  
GLN O    O N N 77  
GLN CB   C N N 78  
GLN CG   C N N 79  
GLN CD   C N N 80  
GLN OE1  O N N 81  
GLN NE2  N N N 82  
GLN OXT  O N N 83  
GLN H    H N N 84  
GLN H2   H N N 85  
GLN HA   H N N 86  
GLN HB2  H N N 87  
GLN HB3  H N N 88  
GLN HG2  H N N 89  
GLN HG3  H N N 90  
GLN HE21 H N N 91  
GLN HE22 H N N 92  
GLN HXT  H N N 93  
GLU N    N N N 94  
GLU CA   C N S 95  
GLU C    C N N 96  
GLU O    O N N 97  
GLU CB   C N N 98  
GLU CG   C N N 99  
GLU CD   C N N 100 
GLU OE1  O N N 101 
GLU OE2  O N N 102 
GLU OXT  O N N 103 
GLU H    H N N 104 
GLU H2   H N N 105 
GLU HA   H N N 106 
GLU HB2  H N N 107 
GLU HB3  H N N 108 
GLU HG2  H N N 109 
GLU HG3  H N N 110 
GLU HE2  H N N 111 
GLU HXT  H N N 112 
GLY N    N N N 113 
GLY CA   C N N 114 
GLY C    C N N 115 
GLY O    O N N 116 
GLY OXT  O N N 117 
GLY H    H N N 118 
GLY H2   H N N 119 
GLY HA2  H N N 120 
GLY HA3  H N N 121 
GLY HXT  H N N 122 
GU4 O1   O N N 123 
GU4 C1   C N S 124 
GU4 O5   O N N 125 
GU4 C5   C N R 126 
GU4 C6   C N N 127 
GU4 O6   O N N 128 
GU4 S6   S N N 129 
GU4 O22  O N N 130 
GU4 O23  O N N 131 
GU4 O21  O N N 132 
GU4 C4   C N R 133 
GU4 O4   O N N 134 
GU4 S4   S N N 135 
GU4 O25  O N N 136 
GU4 O26  O N N 137 
GU4 O24  O N N 138 
GU4 C3   C N S 139 
GU4 O3   O N N 140 
GU4 S3   S N N 141 
GU4 O28  O N N 142 
GU4 O29  O N N 143 
GU4 O27  O N N 144 
GU4 C2   C N R 145 
GU4 O2   O N N 146 
GU4 S2   S N N 147 
GU4 O11  O N N 148 
GU4 O12  O N N 149 
GU4 O10  O N N 150 
GU4 HO1  H N N 151 
GU4 H1   H N N 152 
GU4 H5   H N N 153 
GU4 H61  H N N 154 
GU4 H62  H N N 155 
GU4 H4   H N N 156 
GU4 H3   H N N 157 
GU4 H2   H N N 158 
GU4 HO21 H N N 159 
GU4 HO24 H N N 160 
GU4 HO29 H N N 161 
GU4 HO10 H N N 162 
HIS N    N N N 163 
HIS CA   C N S 164 
HIS C    C N N 165 
HIS O    O N N 166 
HIS CB   C N N 167 
HIS CG   C Y N 168 
HIS ND1  N Y N 169 
HIS CD2  C Y N 170 
HIS CE1  C Y N 171 
HIS NE2  N Y N 172 
HIS OXT  O N N 173 
HIS H    H N N 174 
HIS H2   H N N 175 
HIS HA   H N N 176 
HIS HB2  H N N 177 
HIS HB3  H N N 178 
HIS HD1  H N N 179 
HIS HD2  H N N 180 
HIS HE1  H N N 181 
HIS HE2  H N N 182 
HIS HXT  H N N 183 
HOH O    O N N 184 
HOH H1   H N N 185 
HOH H2   H N N 186 
ILE N    N N N 187 
ILE CA   C N S 188 
ILE C    C N N 189 
ILE O    O N N 190 
ILE CB   C N S 191 
ILE CG1  C N N 192 
ILE CG2  C N N 193 
ILE CD1  C N N 194 
ILE OXT  O N N 195 
ILE H    H N N 196 
ILE H2   H N N 197 
ILE HA   H N N 198 
ILE HB   H N N 199 
ILE HG12 H N N 200 
ILE HG13 H N N 201 
ILE HG21 H N N 202 
ILE HG22 H N N 203 
ILE HG23 H N N 204 
ILE HD11 H N N 205 
ILE HD12 H N N 206 
ILE HD13 H N N 207 
ILE HXT  H N N 208 
LEU N    N N N 209 
LEU CA   C N S 210 
LEU C    C N N 211 
LEU O    O N N 212 
LEU CB   C N N 213 
LEU CG   C N N 214 
LEU CD1  C N N 215 
LEU CD2  C N N 216 
LEU OXT  O N N 217 
LEU H    H N N 218 
LEU H2   H N N 219 
LEU HA   H N N 220 
LEU HB2  H N N 221 
LEU HB3  H N N 222 
LEU HG   H N N 223 
LEU HD11 H N N 224 
LEU HD12 H N N 225 
LEU HD13 H N N 226 
LEU HD21 H N N 227 
LEU HD22 H N N 228 
LEU HD23 H N N 229 
LEU HXT  H N N 230 
LYS N    N N N 231 
LYS CA   C N S 232 
LYS C    C N N 233 
LYS O    O N N 234 
LYS CB   C N N 235 
LYS CG   C N N 236 
LYS CD   C N N 237 
LYS CE   C N N 238 
LYS NZ   N N N 239 
LYS OXT  O N N 240 
LYS H    H N N 241 
LYS H2   H N N 242 
LYS HA   H N N 243 
LYS HB2  H N N 244 
LYS HB3  H N N 245 
LYS HG2  H N N 246 
LYS HG3  H N N 247 
LYS HD2  H N N 248 
LYS HD3  H N N 249 
LYS HE2  H N N 250 
LYS HE3  H N N 251 
LYS HZ1  H N N 252 
LYS HZ2  H N N 253 
LYS HZ3  H N N 254 
LYS HXT  H N N 255 
MET N    N N N 256 
MET CA   C N S 257 
MET C    C N N 258 
MET O    O N N 259 
MET CB   C N N 260 
MET CG   C N N 261 
MET SD   S N N 262 
MET CE   C N N 263 
MET OXT  O N N 264 
MET H    H N N 265 
MET H2   H N N 266 
MET HA   H N N 267 
MET HB2  H N N 268 
MET HB3  H N N 269 
MET HG2  H N N 270 
MET HG3  H N N 271 
MET HE1  H N N 272 
MET HE2  H N N 273 
MET HE3  H N N 274 
MET HXT  H N N 275 
PHE N    N N N 276 
PHE CA   C N S 277 
PHE C    C N N 278 
PHE O    O N N 279 
PHE CB   C N N 280 
PHE CG   C Y N 281 
PHE CD1  C Y N 282 
PHE CD2  C Y N 283 
PHE CE1  C Y N 284 
PHE CE2  C Y N 285 
PHE CZ   C Y N 286 
PHE OXT  O N N 287 
PHE H    H N N 288 
PHE H2   H N N 289 
PHE HA   H N N 290 
PHE HB2  H N N 291 
PHE HB3  H N N 292 
PHE HD1  H N N 293 
PHE HD2  H N N 294 
PHE HE1  H N N 295 
PHE HE2  H N N 296 
PHE HZ   H N N 297 
PHE HXT  H N N 298 
PRO N    N N N 299 
PRO CA   C N S 300 
PRO C    C N N 301 
PRO O    O N N 302 
PRO CB   C N N 303 
PRO CG   C N N 304 
PRO CD   C N N 305 
PRO OXT  O N N 306 
PRO H    H N N 307 
PRO HA   H N N 308 
PRO HB2  H N N 309 
PRO HB3  H N N 310 
PRO HG2  H N N 311 
PRO HG3  H N N 312 
PRO HD2  H N N 313 
PRO HD3  H N N 314 
PRO HXT  H N N 315 
SER N    N N N 316 
SER CA   C N S 317 
SER C    C N N 318 
SER O    O N N 319 
SER CB   C N N 320 
SER OG   O N N 321 
SER OXT  O N N 322 
SER H    H N N 323 
SER H2   H N N 324 
SER HA   H N N 325 
SER HB2  H N N 326 
SER HB3  H N N 327 
SER HG   H N N 328 
SER HXT  H N N 329 
THR N    N N N 330 
THR CA   C N S 331 
THR C    C N N 332 
THR O    O N N 333 
THR CB   C N R 334 
THR OG1  O N N 335 
THR CG2  C N N 336 
THR OXT  O N N 337 
THR H    H N N 338 
THR H2   H N N 339 
THR HA   H N N 340 
THR HB   H N N 341 
THR HG1  H N N 342 
THR HG21 H N N 343 
THR HG22 H N N 344 
THR HG23 H N N 345 
THR HXT  H N N 346 
TRP N    N N N 347 
TRP CA   C N S 348 
TRP C    C N N 349 
TRP O    O N N 350 
TRP CB   C N N 351 
TRP CG   C Y N 352 
TRP CD1  C Y N 353 
TRP CD2  C Y N 354 
TRP NE1  N Y N 355 
TRP CE2  C Y N 356 
TRP CE3  C Y N 357 
TRP CZ2  C Y N 358 
TRP CZ3  C Y N 359 
TRP CH2  C Y N 360 
TRP OXT  O N N 361 
TRP H    H N N 362 
TRP H2   H N N 363 
TRP HA   H N N 364 
TRP HB2  H N N 365 
TRP HB3  H N N 366 
TRP HD1  H N N 367 
TRP HE1  H N N 368 
TRP HE3  H N N 369 
TRP HZ2  H N N 370 
TRP HZ3  H N N 371 
TRP HH2  H N N 372 
TRP HXT  H N N 373 
TYR N    N N N 374 
TYR CA   C N S 375 
TYR C    C N N 376 
TYR O    O N N 377 
TYR CB   C N N 378 
TYR CG   C Y N 379 
TYR CD1  C Y N 380 
TYR CD2  C Y N 381 
TYR CE1  C Y N 382 
TYR CE2  C Y N 383 
TYR CZ   C Y N 384 
TYR OH   O N N 385 
TYR OXT  O N N 386 
TYR H    H N N 387 
TYR H2   H N N 388 
TYR HA   H N N 389 
TYR HB2  H N N 390 
TYR HB3  H N N 391 
TYR HD1  H N N 392 
TYR HD2  H N N 393 
TYR HE1  H N N 394 
TYR HE2  H N N 395 
TYR HH   H N N 396 
TYR HXT  H N N 397 
VAL N    N N N 398 
VAL CA   C N S 399 
VAL C    C N N 400 
VAL O    O N N 401 
VAL CB   C N N 402 
VAL CG1  C N N 403 
VAL CG2  C N N 404 
VAL OXT  O N N 405 
VAL H    H N N 406 
VAL H2   H N N 407 
VAL HA   H N N 408 
VAL HB   H N N 409 
VAL HG11 H N N 410 
VAL HG12 H N N 411 
VAL HG13 H N N 412 
VAL HG21 H N N 413 
VAL HG22 H N N 414 
VAL HG23 H N N 415 
VAL HXT  H N N 416 
# 
loop_
_chem_comp_bond.comp_id 
_chem_comp_bond.atom_id_1 
_chem_comp_bond.atom_id_2 
_chem_comp_bond.value_order 
_chem_comp_bond.pdbx_aromatic_flag 
_chem_comp_bond.pdbx_stereo_config 
_chem_comp_bond.pdbx_ordinal 
ALA N   CA   sing N N 1   
ALA N   H    sing N N 2   
ALA N   H2   sing N N 3   
ALA CA  C    sing N N 4   
ALA CA  CB   sing N N 5   
ALA CA  HA   sing N N 6   
ALA C   O    doub N N 7   
ALA C   OXT  sing N N 8   
ALA CB  HB1  sing N N 9   
ALA CB  HB2  sing N N 10  
ALA CB  HB3  sing N N 11  
ALA OXT HXT  sing N N 12  
ARG N   CA   sing N N 13  
ARG N   H    sing N N 14  
ARG N   H2   sing N N 15  
ARG CA  C    sing N N 16  
ARG CA  CB   sing N N 17  
ARG CA  HA   sing N N 18  
ARG C   O    doub N N 19  
ARG C   OXT  sing N N 20  
ARG CB  CG   sing N N 21  
ARG CB  HB2  sing N N 22  
ARG CB  HB3  sing N N 23  
ARG CG  CD   sing N N 24  
ARG CG  HG2  sing N N 25  
ARG CG  HG3  sing N N 26  
ARG CD  NE   sing N N 27  
ARG CD  HD2  sing N N 28  
ARG CD  HD3  sing N N 29  
ARG NE  CZ   sing N N 30  
ARG NE  HE   sing N N 31  
ARG CZ  NH1  sing N N 32  
ARG CZ  NH2  doub N N 33  
ARG NH1 HH11 sing N N 34  
ARG NH1 HH12 sing N N 35  
ARG NH2 HH21 sing N N 36  
ARG NH2 HH22 sing N N 37  
ARG OXT HXT  sing N N 38  
ASN N   CA   sing N N 39  
ASN N   H    sing N N 40  
ASN N   H2   sing N N 41  
ASN CA  C    sing N N 42  
ASN CA  CB   sing N N 43  
ASN CA  HA   sing N N 44  
ASN C   O    doub N N 45  
ASN C   OXT  sing N N 46  
ASN CB  CG   sing N N 47  
ASN CB  HB2  sing N N 48  
ASN CB  HB3  sing N N 49  
ASN CG  OD1  doub N N 50  
ASN CG  ND2  sing N N 51  
ASN ND2 HD21 sing N N 52  
ASN ND2 HD22 sing N N 53  
ASN OXT HXT  sing N N 54  
ASP N   CA   sing N N 55  
ASP N   H    sing N N 56  
ASP N   H2   sing N N 57  
ASP CA  C    sing N N 58  
ASP CA  CB   sing N N 59  
ASP CA  HA   sing N N 60  
ASP C   O    doub N N 61  
ASP C   OXT  sing N N 62  
ASP CB  CG   sing N N 63  
ASP CB  HB2  sing N N 64  
ASP CB  HB3  sing N N 65  
ASP CG  OD1  doub N N 66  
ASP CG  OD2  sing N N 67  
ASP OD2 HD2  sing N N 68  
ASP OXT HXT  sing N N 69  
GLN N   CA   sing N N 70  
GLN N   H    sing N N 71  
GLN N   H2   sing N N 72  
GLN CA  C    sing N N 73  
GLN CA  CB   sing N N 74  
GLN CA  HA   sing N N 75  
GLN C   O    doub N N 76  
GLN C   OXT  sing N N 77  
GLN CB  CG   sing N N 78  
GLN CB  HB2  sing N N 79  
GLN CB  HB3  sing N N 80  
GLN CG  CD   sing N N 81  
GLN CG  HG2  sing N N 82  
GLN CG  HG3  sing N N 83  
GLN CD  OE1  doub N N 84  
GLN CD  NE2  sing N N 85  
GLN NE2 HE21 sing N N 86  
GLN NE2 HE22 sing N N 87  
GLN OXT HXT  sing N N 88  
GLU N   CA   sing N N 89  
GLU N   H    sing N N 90  
GLU N   H2   sing N N 91  
GLU CA  C    sing N N 92  
GLU CA  CB   sing N N 93  
GLU CA  HA   sing N N 94  
GLU C   O    doub N N 95  
GLU C   OXT  sing N N 96  
GLU CB  CG   sing N N 97  
GLU CB  HB2  sing N N 98  
GLU CB  HB3  sing N N 99  
GLU CG  CD   sing N N 100 
GLU CG  HG2  sing N N 101 
GLU CG  HG3  sing N N 102 
GLU CD  OE1  doub N N 103 
GLU CD  OE2  sing N N 104 
GLU OE2 HE2  sing N N 105 
GLU OXT HXT  sing N N 106 
GLY N   CA   sing N N 107 
GLY N   H    sing N N 108 
GLY N   H2   sing N N 109 
GLY CA  C    sing N N 110 
GLY CA  HA2  sing N N 111 
GLY CA  HA3  sing N N 112 
GLY C   O    doub N N 113 
GLY C   OXT  sing N N 114 
GLY OXT HXT  sing N N 115 
GU4 O1  C1   sing N N 116 
GU4 O1  HO1  sing N N 117 
GU4 C1  O5   sing N N 118 
GU4 C1  C2   sing N N 119 
GU4 C1  H1   sing N N 120 
GU4 O5  C5   sing N N 121 
GU4 C5  C6   sing N N 122 
GU4 C5  C4   sing N N 123 
GU4 C5  H5   sing N N 124 
GU4 C6  O6   sing N N 125 
GU4 C6  H61  sing N N 126 
GU4 C6  H62  sing N N 127 
GU4 O6  S6   sing N N 128 
GU4 S6  O22  doub N N 129 
GU4 S6  O23  doub N N 130 
GU4 S6  O21  sing N N 131 
GU4 C4  O4   sing N N 132 
GU4 C4  C3   sing N N 133 
GU4 C4  H4   sing N N 134 
GU4 O4  S4   sing N N 135 
GU4 S4  O25  doub N N 136 
GU4 S4  O26  doub N N 137 
GU4 S4  O24  sing N N 138 
GU4 C3  O3   sing N N 139 
GU4 C3  C2   sing N N 140 
GU4 C3  H3   sing N N 141 
GU4 O3  S3   sing N N 142 
GU4 S3  O28  doub N N 143 
GU4 S3  O29  sing N N 144 
GU4 S3  O27  doub N N 145 
GU4 C2  O2   sing N N 146 
GU4 C2  H2   sing N N 147 
GU4 O2  S2   sing N N 148 
GU4 S2  O11  doub N N 149 
GU4 S2  O12  doub N N 150 
GU4 S2  O10  sing N N 151 
GU4 O21 HO21 sing N N 152 
GU4 O24 HO24 sing N N 153 
GU4 O29 HO29 sing N N 154 
GU4 O10 HO10 sing N N 155 
HIS N   CA   sing N N 156 
HIS N   H    sing N N 157 
HIS N   H2   sing N N 158 
HIS CA  C    sing N N 159 
HIS CA  CB   sing N N 160 
HIS CA  HA   sing N N 161 
HIS C   O    doub N N 162 
HIS C   OXT  sing N N 163 
HIS CB  CG   sing N N 164 
HIS CB  HB2  sing N N 165 
HIS CB  HB3  sing N N 166 
HIS CG  ND1  sing Y N 167 
HIS CG  CD2  doub Y N 168 
HIS ND1 CE1  doub Y N 169 
HIS ND1 HD1  sing N N 170 
HIS CD2 NE2  sing Y N 171 
HIS CD2 HD2  sing N N 172 
HIS CE1 NE2  sing Y N 173 
HIS CE1 HE1  sing N N 174 
HIS NE2 HE2  sing N N 175 
HIS OXT HXT  sing N N 176 
HOH O   H1   sing N N 177 
HOH O   H2   sing N N 178 
ILE N   CA   sing N N 179 
ILE N   H    sing N N 180 
ILE N   H2   sing N N 181 
ILE CA  C    sing N N 182 
ILE CA  CB   sing N N 183 
ILE CA  HA   sing N N 184 
ILE C   O    doub N N 185 
ILE C   OXT  sing N N 186 
ILE CB  CG1  sing N N 187 
ILE CB  CG2  sing N N 188 
ILE CB  HB   sing N N 189 
ILE CG1 CD1  sing N N 190 
ILE CG1 HG12 sing N N 191 
ILE CG1 HG13 sing N N 192 
ILE CG2 HG21 sing N N 193 
ILE CG2 HG22 sing N N 194 
ILE CG2 HG23 sing N N 195 
ILE CD1 HD11 sing N N 196 
ILE CD1 HD12 sing N N 197 
ILE CD1 HD13 sing N N 198 
ILE OXT HXT  sing N N 199 
LEU N   CA   sing N N 200 
LEU N   H    sing N N 201 
LEU N   H2   sing N N 202 
LEU CA  C    sing N N 203 
LEU CA  CB   sing N N 204 
LEU CA  HA   sing N N 205 
LEU C   O    doub N N 206 
LEU C   OXT  sing N N 207 
LEU CB  CG   sing N N 208 
LEU CB  HB2  sing N N 209 
LEU CB  HB3  sing N N 210 
LEU CG  CD1  sing N N 211 
LEU CG  CD2  sing N N 212 
LEU CG  HG   sing N N 213 
LEU CD1 HD11 sing N N 214 
LEU CD1 HD12 sing N N 215 
LEU CD1 HD13 sing N N 216 
LEU CD2 HD21 sing N N 217 
LEU CD2 HD22 sing N N 218 
LEU CD2 HD23 sing N N 219 
LEU OXT HXT  sing N N 220 
LYS N   CA   sing N N 221 
LYS N   H    sing N N 222 
LYS N   H2   sing N N 223 
LYS CA  C    sing N N 224 
LYS CA  CB   sing N N 225 
LYS CA  HA   sing N N 226 
LYS C   O    doub N N 227 
LYS C   OXT  sing N N 228 
LYS CB  CG   sing N N 229 
LYS CB  HB2  sing N N 230 
LYS CB  HB3  sing N N 231 
LYS CG  CD   sing N N 232 
LYS CG  HG2  sing N N 233 
LYS CG  HG3  sing N N 234 
LYS CD  CE   sing N N 235 
LYS CD  HD2  sing N N 236 
LYS CD  HD3  sing N N 237 
LYS CE  NZ   sing N N 238 
LYS CE  HE2  sing N N 239 
LYS CE  HE3  sing N N 240 
LYS NZ  HZ1  sing N N 241 
LYS NZ  HZ2  sing N N 242 
LYS NZ  HZ3  sing N N 243 
LYS OXT HXT  sing N N 244 
MET N   CA   sing N N 245 
MET N   H    sing N N 246 
MET N   H2   sing N N 247 
MET CA  C    sing N N 248 
MET CA  CB   sing N N 249 
MET CA  HA   sing N N 250 
MET C   O    doub N N 251 
MET C   OXT  sing N N 252 
MET CB  CG   sing N N 253 
MET CB  HB2  sing N N 254 
MET CB  HB3  sing N N 255 
MET CG  SD   sing N N 256 
MET CG  HG2  sing N N 257 
MET CG  HG3  sing N N 258 
MET SD  CE   sing N N 259 
MET CE  HE1  sing N N 260 
MET CE  HE2  sing N N 261 
MET CE  HE3  sing N N 262 
MET OXT HXT  sing N N 263 
PHE N   CA   sing N N 264 
PHE N   H    sing N N 265 
PHE N   H2   sing N N 266 
PHE CA  C    sing N N 267 
PHE CA  CB   sing N N 268 
PHE CA  HA   sing N N 269 
PHE C   O    doub N N 270 
PHE C   OXT  sing N N 271 
PHE CB  CG   sing N N 272 
PHE CB  HB2  sing N N 273 
PHE CB  HB3  sing N N 274 
PHE CG  CD1  doub Y N 275 
PHE CG  CD2  sing Y N 276 
PHE CD1 CE1  sing Y N 277 
PHE CD1 HD1  sing N N 278 
PHE CD2 CE2  doub Y N 279 
PHE CD2 HD2  sing N N 280 
PHE CE1 CZ   doub Y N 281 
PHE CE1 HE1  sing N N 282 
PHE CE2 CZ   sing Y N 283 
PHE CE2 HE2  sing N N 284 
PHE CZ  HZ   sing N N 285 
PHE OXT HXT  sing N N 286 
PRO N   CA   sing N N 287 
PRO N   CD   sing N N 288 
PRO N   H    sing N N 289 
PRO CA  C    sing N N 290 
PRO CA  CB   sing N N 291 
PRO CA  HA   sing N N 292 
PRO C   O    doub N N 293 
PRO C   OXT  sing N N 294 
PRO CB  CG   sing N N 295 
PRO CB  HB2  sing N N 296 
PRO CB  HB3  sing N N 297 
PRO CG  CD   sing N N 298 
PRO CG  HG2  sing N N 299 
PRO CG  HG3  sing N N 300 
PRO CD  HD2  sing N N 301 
PRO CD  HD3  sing N N 302 
PRO OXT HXT  sing N N 303 
SER N   CA   sing N N 304 
SER N   H    sing N N 305 
SER N   H2   sing N N 306 
SER CA  C    sing N N 307 
SER CA  CB   sing N N 308 
SER CA  HA   sing N N 309 
SER C   O    doub N N 310 
SER C   OXT  sing N N 311 
SER CB  OG   sing N N 312 
SER CB  HB2  sing N N 313 
SER CB  HB3  sing N N 314 
SER OG  HG   sing N N 315 
SER OXT HXT  sing N N 316 
THR N   CA   sing N N 317 
THR N   H    sing N N 318 
THR N   H2   sing N N 319 
THR CA  C    sing N N 320 
THR CA  CB   sing N N 321 
THR CA  HA   sing N N 322 
THR C   O    doub N N 323 
THR C   OXT  sing N N 324 
THR CB  OG1  sing N N 325 
THR CB  CG2  sing N N 326 
THR CB  HB   sing N N 327 
THR OG1 HG1  sing N N 328 
THR CG2 HG21 sing N N 329 
THR CG2 HG22 sing N N 330 
THR CG2 HG23 sing N N 331 
THR OXT HXT  sing N N 332 
TRP N   CA   sing N N 333 
TRP N   H    sing N N 334 
TRP N   H2   sing N N 335 
TRP CA  C    sing N N 336 
TRP CA  CB   sing N N 337 
TRP CA  HA   sing N N 338 
TRP C   O    doub N N 339 
TRP C   OXT  sing N N 340 
TRP CB  CG   sing N N 341 
TRP CB  HB2  sing N N 342 
TRP CB  HB3  sing N N 343 
TRP CG  CD1  doub Y N 344 
TRP CG  CD2  sing Y N 345 
TRP CD1 NE1  sing Y N 346 
TRP CD1 HD1  sing N N 347 
TRP CD2 CE2  doub Y N 348 
TRP CD2 CE3  sing Y N 349 
TRP NE1 CE2  sing Y N 350 
TRP NE1 HE1  sing N N 351 
TRP CE2 CZ2  sing Y N 352 
TRP CE3 CZ3  doub Y N 353 
TRP CE3 HE3  sing N N 354 
TRP CZ2 CH2  doub Y N 355 
TRP CZ2 HZ2  sing N N 356 
TRP CZ3 CH2  sing Y N 357 
TRP CZ3 HZ3  sing N N 358 
TRP CH2 HH2  sing N N 359 
TRP OXT HXT  sing N N 360 
TYR N   CA   sing N N 361 
TYR N   H    sing N N 362 
TYR N   H2   sing N N 363 
TYR CA  C    sing N N 364 
TYR CA  CB   sing N N 365 
TYR CA  HA   sing N N 366 
TYR C   O    doub N N 367 
TYR C   OXT  sing N N 368 
TYR CB  CG   sing N N 369 
TYR CB  HB2  sing N N 370 
TYR CB  HB3  sing N N 371 
TYR CG  CD1  doub Y N 372 
TYR CG  CD2  sing Y N 373 
TYR CD1 CE1  sing Y N 374 
TYR CD1 HD1  sing N N 375 
TYR CD2 CE2  doub Y N 376 
TYR CD2 HD2  sing N N 377 
TYR CE1 CZ   doub Y N 378 
TYR CE1 HE1  sing N N 379 
TYR CE2 CZ   sing Y N 380 
TYR CE2 HE2  sing N N 381 
TYR CZ  OH   sing N N 382 
TYR OH  HH   sing N N 383 
TYR OXT HXT  sing N N 384 
VAL N   CA   sing N N 385 
VAL N   H    sing N N 386 
VAL N   H2   sing N N 387 
VAL CA  C    sing N N 388 
VAL CA  CB   sing N N 389 
VAL CA  HA   sing N N 390 
VAL C   O    doub N N 391 
VAL C   OXT  sing N N 392 
VAL CB  CG1  sing N N 393 
VAL CB  CG2  sing N N 394 
VAL CB  HB   sing N N 395 
VAL CG1 HG11 sing N N 396 
VAL CG1 HG12 sing N N 397 
VAL CG1 HG13 sing N N 398 
VAL CG2 HG21 sing N N 399 
VAL CG2 HG22 sing N N 400 
VAL CG2 HG23 sing N N 401 
VAL OXT HXT  sing N N 402 
# 
loop_
_pdbx_chem_comp_identifier.comp_id 
_pdbx_chem_comp_identifier.type 
_pdbx_chem_comp_identifier.program 
_pdbx_chem_comp_identifier.program_version 
_pdbx_chem_comp_identifier.identifier 
GU4 'CONDENSED IUPAC CARBOHYDRATE SYMBOL' GMML     1.0 'DGlcp[2S,3S,4S,6S]a'                             
GU4 'COMMON NAME'                         GMML     1.0 2-sulfo-3-sulfo-4-sulfo-6-sulfo-a-D-glucopyranose 
GU4 'IUPAC CARBOHYDRATE SYMBOL'           PDB-CARE 1.0 a-D-Glcp2SO33SO34SO36SO3                          
# 
loop_
_pdbx_entity_nonpoly.entity_id 
_pdbx_entity_nonpoly.name 
_pdbx_entity_nonpoly.comp_id 
2 2,3,4,6-tetra-O-sulfonato-alpha-D-glucopyranose GU4 
3 water                                           HOH 
# 
_pdbx_initial_refinement_model.id               1 
_pdbx_initial_refinement_model.entity_id_list   ? 
_pdbx_initial_refinement_model.type             'experimental model' 
_pdbx_initial_refinement_model.source_name      PDB 
_pdbx_initial_refinement_model.accession_code   3K66 
_pdbx_initial_refinement_model.details          'PDB entry 3K66' 
# 
